data_8CTA
#
_entry.id   8CTA
#
_cell.length_a   181.510
_cell.length_b   116.510
_cell.length_c   112.800
_cell.angle_alpha   90.00
_cell.angle_beta   103.61
_cell.angle_gamma   90.00
#
_symmetry.space_group_name_H-M   'C 1 2 1'
#
loop_
_entity.id
_entity.type
_entity.pdbx_description
1 polymer Integrase
2 polymer Integrase
3 non-polymer '(2S)-tert-butoxy[4-(2,3-dihydropyrano[4,3,2-de]quinolin-7-yl)-2-methylquinolin-3-yl]acetic acid'
4 non-polymer 1,2-ETHANEDIOL
5 water water
#
loop_
_entity_poly.entity_id
_entity_poly.type
_entity_poly.pdbx_seq_one_letter_code
_entity_poly.pdbx_strand_id
1 'polypeptide(L)'
;GHGQVDCSPGIWQLDCTHLEGKVILVAVHVASGYIEAEVIPAETGQETAYFLLKLAGRWPVKTVHTDNGSNFTSTTVKAA
CWWAGIKQEFGIPYNPQSQGVIESMNKELKKIIGQVRDQAEHLKTAVQMAVFIHNKKRKGGIGGYSAGERIVDIIATDIQ
T
;
A,B,E,F,I,J,M,N
2 'polypeptide(L)' GIQNFRVYYRDSRDPVWKGPAKLLWKGEGAVVIQDNSDIKVVPRRKAKIIRDY C,D,G,H,K,L,O,P
#
# COMPACT_ATOMS: atom_id res chain seq x y z
N SER A 8 17.70 -5.21 -19.93
CA SER A 8 18.43 -5.12 -21.19
C SER A 8 18.68 -6.47 -21.85
N PRO A 9 19.11 -7.53 -21.11
CA PRO A 9 19.18 -8.86 -21.74
C PRO A 9 17.75 -9.30 -22.12
N GLY A 10 17.50 -9.49 -23.43
CA GLY A 10 16.17 -9.84 -23.89
C GLY A 10 15.35 -8.69 -24.47
N ILE A 11 15.90 -7.47 -24.45
CA ILE A 11 15.25 -6.35 -25.10
C ILE A 11 15.81 -6.15 -26.51
N TRP A 12 14.92 -6.23 -27.50
CA TRP A 12 15.28 -6.02 -28.89
C TRP A 12 14.43 -4.93 -29.55
N GLN A 13 14.89 -4.45 -30.70
CA GLN A 13 14.18 -3.49 -31.51
C GLN A 13 14.09 -3.99 -32.95
N LEU A 14 12.92 -3.81 -33.57
CA LEU A 14 12.65 -4.28 -34.92
C LEU A 14 12.33 -3.11 -35.84
N ASP A 15 12.93 -3.09 -37.03
CA ASP A 15 12.71 -2.00 -37.99
C ASP A 15 12.72 -2.47 -39.44
N CYS A 16 11.97 -1.78 -40.30
CA CYS A 16 12.04 -1.95 -41.74
C CYS A 16 12.75 -0.77 -42.40
N THR A 17 13.81 -1.06 -43.17
CA THR A 17 14.30 -0.09 -44.14
C THR A 17 13.79 -0.51 -45.52
N HIS A 18 13.53 0.49 -46.36
CA HIS A 18 13.26 0.28 -47.77
C HIS A 18 14.49 0.73 -48.55
N LEU A 19 14.90 -0.10 -49.51
CA LEU A 19 16.07 0.19 -50.33
C LEU A 19 15.95 -0.55 -51.65
N GLU A 20 16.12 0.18 -52.76
CA GLU A 20 16.03 -0.40 -54.09
C GLU A 20 14.71 -1.15 -54.26
N GLY A 21 13.62 -0.52 -53.80
CA GLY A 21 12.31 -1.14 -53.85
C GLY A 21 12.29 -2.54 -53.23
N LYS A 22 13.08 -2.72 -52.16
CA LYS A 22 13.09 -3.96 -51.40
C LYS A 22 12.98 -3.60 -49.92
N VAL A 23 12.61 -4.61 -49.11
CA VAL A 23 12.34 -4.43 -47.70
C VAL A 23 13.36 -5.21 -46.87
N ILE A 24 14.26 -4.46 -46.24
CA ILE A 24 15.22 -5.07 -45.32
C ILE A 24 14.60 -4.94 -43.93
N LEU A 25 14.59 -6.06 -43.20
CA LEU A 25 14.05 -6.14 -41.87
C LEU A 25 15.22 -6.33 -40.90
N VAL A 26 15.30 -5.49 -39.88
CA VAL A 26 16.46 -5.43 -39.01
C VAL A 26 16.08 -5.58 -37.53
N ALA A 27 16.80 -6.46 -36.84
CA ALA A 27 16.68 -6.66 -35.41
C ALA A 27 17.95 -6.19 -34.71
N VAL A 28 17.81 -5.26 -33.76
CA VAL A 28 18.91 -4.82 -32.94
C VAL A 28 18.76 -5.29 -31.49
N HIS A 29 19.76 -6.02 -30.99
CA HIS A 29 19.83 -6.30 -29.57
C HIS A 29 20.36 -5.04 -28.87
N VAL A 30 19.44 -4.31 -28.23
CA VAL A 30 19.69 -2.96 -27.76
C VAL A 30 20.92 -2.83 -26.89
N ALA A 31 21.11 -3.78 -25.96
CA ALA A 31 22.21 -3.75 -25.01
C ALA A 31 23.57 -3.79 -25.69
N SER A 32 23.75 -4.76 -26.61
CA SER A 32 25.04 -5.04 -27.23
C SER A 32 25.30 -4.27 -28.54
N GLY A 33 24.22 -3.84 -29.19
CA GLY A 33 24.29 -3.22 -30.51
C GLY A 33 24.31 -4.22 -31.67
N TYR A 34 24.21 -5.51 -31.35
CA TYR A 34 24.25 -6.58 -32.33
C TYR A 34 23.06 -6.54 -33.30
N ILE A 35 23.31 -6.95 -34.55
CA ILE A 35 22.35 -6.88 -35.64
C ILE A 35 22.07 -8.23 -36.30
N GLU A 36 20.80 -8.46 -36.59
CA GLU A 36 20.37 -9.44 -37.58
C GLU A 36 19.50 -8.74 -38.63
N ALA A 37 19.67 -9.12 -39.89
CA ALA A 37 18.87 -8.50 -40.94
C ALA A 37 18.48 -9.54 -41.98
N GLU A 38 17.33 -9.32 -42.61
CA GLU A 38 16.87 -10.21 -43.66
C GLU A 38 16.15 -9.36 -44.70
N VAL A 39 16.42 -9.64 -45.98
CA VAL A 39 15.72 -8.95 -47.04
C VAL A 39 14.55 -9.84 -47.44
N ILE A 40 13.33 -9.27 -47.38
CA ILE A 40 12.11 -10.03 -47.54
C ILE A 40 11.36 -9.53 -48.78
N PRO A 41 10.50 -10.37 -49.40
CA PRO A 41 9.86 -10.01 -50.66
C PRO A 41 8.74 -8.98 -50.50
N ALA A 42 8.07 -8.99 -49.33
CA ALA A 42 6.98 -8.07 -49.06
C ALA A 42 7.04 -7.59 -47.61
N GLU A 43 6.57 -6.36 -47.37
CA GLU A 43 6.53 -5.80 -46.03
C GLU A 43 5.26 -6.28 -45.30
N THR A 44 5.13 -7.60 -45.14
CA THR A 44 3.91 -8.20 -44.62
C THR A 44 4.14 -8.60 -43.17
N GLY A 45 3.02 -8.84 -42.47
CA GLY A 45 3.03 -9.38 -41.12
C GLY A 45 3.49 -10.85 -41.09
N GLN A 46 3.15 -11.61 -42.13
CA GLN A 46 3.60 -12.99 -42.27
C GLN A 46 5.13 -13.06 -42.22
N GLU A 47 5.76 -12.22 -43.04
CA GLU A 47 7.21 -12.20 -43.19
C GLU A 47 7.89 -11.72 -41.91
N THR A 48 7.37 -10.63 -41.33
CA THR A 48 7.81 -10.12 -40.05
C THR A 48 7.77 -11.20 -38.96
N ALA A 49 6.64 -11.90 -38.87
CA ALA A 49 6.42 -12.95 -37.89
C ALA A 49 7.35 -14.15 -38.07
N TYR A 50 7.53 -14.60 -39.31
CA TYR A 50 8.49 -15.67 -39.60
C TYR A 50 9.91 -15.27 -39.20
N PHE A 51 10.23 -13.99 -39.39
CA PHE A 51 11.51 -13.45 -38.95
C PHE A 51 11.65 -13.60 -37.44
N LEU A 52 10.65 -13.08 -36.72
CA LEU A 52 10.60 -13.11 -35.27
C LEU A 52 10.76 -14.52 -34.69
N LEU A 53 10.13 -15.52 -35.33
CA LEU A 53 10.32 -16.90 -34.92
C LEU A 53 11.78 -17.35 -34.99
N LYS A 54 12.43 -17.04 -36.12
CA LYS A 54 13.83 -17.38 -36.30
C LYS A 54 14.69 -16.72 -35.22
N LEU A 55 14.38 -15.44 -34.95
CA LEU A 55 15.12 -14.67 -33.97
C LEU A 55 15.01 -15.29 -32.59
N ALA A 56 13.77 -15.68 -32.25
CA ALA A 56 13.43 -16.11 -30.91
C ALA A 56 13.97 -17.51 -30.64
N GLY A 57 14.16 -18.30 -31.69
CA GLY A 57 14.67 -19.65 -31.53
C GLY A 57 16.17 -19.65 -31.26
N ARG A 58 16.78 -18.50 -31.51
CA ARG A 58 18.21 -18.31 -31.47
C ARG A 58 18.69 -17.50 -30.25
N TRP A 59 17.86 -16.52 -29.84
CA TRP A 59 18.14 -15.69 -28.66
C TRP A 59 17.03 -15.74 -27.63
N PRO A 60 17.34 -15.65 -26.31
CA PRO A 60 16.30 -15.43 -25.30
C PRO A 60 15.77 -14.01 -25.40
N VAL A 61 14.65 -13.85 -26.12
CA VAL A 61 14.13 -12.53 -26.46
C VAL A 61 12.83 -12.36 -25.66
N LYS A 62 12.85 -11.39 -24.75
CA LYS A 62 11.72 -11.18 -23.86
C LYS A 62 10.77 -10.11 -24.38
N THR A 63 11.35 -9.03 -24.91
CA THR A 63 10.55 -7.88 -25.32
C THR A 63 11.02 -7.31 -26.65
N VAL A 64 10.07 -6.97 -27.52
CA VAL A 64 10.39 -6.39 -28.82
C VAL A 64 9.74 -5.02 -28.98
N HIS A 65 10.57 -4.04 -29.33
CA HIS A 65 10.12 -2.67 -29.57
C HIS A 65 9.91 -2.50 -31.08
N THR A 66 8.73 -1.99 -31.46
CA THR A 66 8.41 -1.73 -32.85
C THR A 66 7.60 -0.46 -32.98
N ASP A 67 7.37 -0.03 -34.24
CA ASP A 67 6.50 1.10 -34.52
C ASP A 67 5.08 0.60 -34.78
N ASN A 68 4.18 1.53 -35.13
CA ASN A 68 2.82 1.21 -35.51
C ASN A 68 2.70 0.63 -36.92
N GLY A 69 3.83 0.14 -37.49
CA GLY A 69 3.81 -0.49 -38.79
C GLY A 69 2.71 -1.54 -38.86
N SER A 70 1.88 -1.48 -39.92
CA SER A 70 0.82 -2.45 -40.12
C SER A 70 1.36 -3.88 -40.08
N ASN A 71 2.60 -4.07 -40.52
CA ASN A 71 3.26 -5.36 -40.46
C ASN A 71 3.56 -5.78 -39.02
N PHE A 72 3.84 -4.81 -38.14
CA PHE A 72 4.18 -5.07 -36.74
C PHE A 72 2.95 -5.17 -35.84
N THR A 73 1.89 -4.43 -36.19
CA THR A 73 0.61 -4.54 -35.51
C THR A 73 -0.21 -5.71 -36.04
N SER A 74 0.35 -6.46 -36.99
CA SER A 74 -0.36 -7.63 -37.59
C SER A 74 -0.47 -8.76 -36.56
N THR A 75 -1.58 -9.50 -36.60
CA THR A 75 -1.80 -10.62 -35.65
C THR A 75 -0.75 -11.71 -35.87
N THR A 76 -0.44 -12.05 -37.12
CA THR A 76 0.64 -13.04 -37.38
C THR A 76 1.80 -12.74 -36.43
N VAL A 77 2.16 -11.46 -36.29
CA VAL A 77 3.25 -11.08 -35.41
C VAL A 77 2.81 -11.31 -33.96
N LYS A 78 1.59 -10.86 -33.63
CA LYS A 78 1.03 -11.06 -32.30
C LYS A 78 1.04 -12.53 -31.89
N ALA A 79 0.57 -13.38 -32.81
CA ALA A 79 0.59 -14.83 -32.65
C ALA A 79 1.99 -15.35 -32.32
N ALA A 80 2.98 -14.94 -33.11
CA ALA A 80 4.36 -15.35 -32.87
C ALA A 80 4.83 -14.97 -31.47
N CYS A 81 4.49 -13.74 -31.06
CA CYS A 81 4.90 -13.21 -29.76
C CYS A 81 4.29 -14.03 -28.62
N TRP A 82 2.98 -14.22 -28.70
CA TRP A 82 2.28 -14.99 -27.68
C TRP A 82 2.79 -16.42 -27.60
N TRP A 83 3.08 -17.01 -28.76
CA TRP A 83 3.56 -18.38 -28.83
C TRP A 83 4.92 -18.52 -28.14
N ALA A 84 5.83 -17.60 -28.48
CA ALA A 84 7.18 -17.63 -27.94
C ALA A 84 6.91 -16.84 -26.66
N GLY A 85 7.92 -16.26 -26.04
CA GLY A 85 7.68 -15.64 -24.75
C GLY A 85 7.35 -14.14 -24.82
N ILE A 86 7.13 -13.52 -26.01
CA ILE A 86 7.61 -12.17 -26.21
C ILE A 86 6.55 -11.10 -25.95
N LYS A 87 6.87 -10.14 -25.07
CA LYS A 87 6.05 -8.96 -24.90
C LYS A 87 6.41 -8.02 -26.05
N GLN A 88 5.39 -7.39 -26.62
CA GLN A 88 5.62 -6.42 -27.69
C GLN A 88 5.29 -5.02 -27.17
N GLU A 89 6.26 -4.11 -27.27
CA GLU A 89 6.08 -2.71 -26.92
C GLU A 89 5.96 -1.88 -28.19
N PHE A 90 5.24 -0.76 -28.09
CA PHE A 90 4.96 0.11 -29.22
C PHE A 90 5.44 1.52 -28.86
N GLY A 91 5.16 1.96 -27.64
CA GLY A 91 5.92 3.03 -27.00
C GLY A 91 7.31 2.55 -26.58
N MET A 105 22.72 2.42 -34.59
CA MET A 105 23.17 1.15 -35.15
C MET A 105 22.35 0.78 -36.38
N ASN A 106 21.15 1.33 -36.49
CA ASN A 106 20.34 1.22 -37.69
C ASN A 106 20.85 2.13 -38.81
N LYS A 107 21.16 3.38 -38.45
CA LYS A 107 21.70 4.34 -39.39
C LYS A 107 23.12 3.95 -39.84
N GLU A 108 23.93 3.44 -38.91
CA GLU A 108 25.25 2.93 -39.24
C GLU A 108 25.14 1.80 -40.26
N LEU A 109 24.15 0.92 -40.09
CA LEU A 109 23.98 -0.21 -40.99
C LEU A 109 23.75 0.29 -42.41
N LYS A 110 22.88 1.30 -42.56
CA LYS A 110 22.61 1.85 -43.87
C LYS A 110 23.92 2.33 -44.51
N LYS A 111 24.69 3.10 -43.74
CA LYS A 111 25.97 3.60 -44.19
C LYS A 111 26.84 2.48 -44.77
N ILE A 112 27.06 1.44 -43.98
CA ILE A 112 27.92 0.33 -44.38
C ILE A 112 27.40 -0.36 -45.64
N ILE A 113 26.07 -0.51 -45.74
CA ILE A 113 25.48 -1.12 -46.92
C ILE A 113 25.89 -0.29 -48.13
N GLY A 114 25.69 1.03 -48.03
CA GLY A 114 26.11 1.94 -49.07
C GLY A 114 27.58 1.76 -49.46
N GLN A 115 28.45 1.65 -48.44
CA GLN A 115 29.86 1.46 -48.67
C GLN A 115 30.17 0.18 -49.45
N VAL A 116 29.56 -0.93 -49.07
CA VAL A 116 29.87 -2.20 -49.70
C VAL A 116 28.99 -2.52 -50.90
N ARG A 117 27.99 -1.69 -51.18
CA ARG A 117 26.92 -2.05 -52.09
C ARG A 117 27.41 -2.58 -53.43
N ASP A 118 28.37 -1.86 -54.02
CA ASP A 118 28.90 -2.19 -55.33
C ASP A 118 29.78 -3.44 -55.35
N GLN A 119 30.18 -3.93 -54.16
CA GLN A 119 31.02 -5.11 -54.09
C GLN A 119 30.26 -6.37 -54.43
N ALA A 120 28.92 -6.32 -54.33
CA ALA A 120 28.09 -7.49 -54.61
C ALA A 120 26.92 -7.14 -55.52
N GLU A 121 26.49 -8.13 -56.29
CA GLU A 121 25.43 -7.99 -57.27
C GLU A 121 24.12 -7.66 -56.56
N HIS A 122 23.68 -8.61 -55.70
CA HIS A 122 22.40 -8.55 -55.02
C HIS A 122 22.50 -7.70 -53.76
N LEU A 123 21.47 -6.88 -53.54
CA LEU A 123 21.35 -6.10 -52.32
C LEU A 123 21.43 -6.97 -51.07
N LYS A 124 20.77 -8.13 -51.08
CA LYS A 124 20.79 -9.03 -49.95
C LYS A 124 22.22 -9.39 -49.57
N THR A 125 23.07 -9.64 -50.55
CA THR A 125 24.46 -10.00 -50.28
C THR A 125 25.19 -8.84 -49.62
N ALA A 126 24.90 -7.62 -50.10
CA ALA A 126 25.48 -6.42 -49.51
C ALA A 126 25.04 -6.22 -48.06
N VAL A 127 23.76 -6.50 -47.81
CA VAL A 127 23.19 -6.35 -46.48
C VAL A 127 23.89 -7.30 -45.49
N GLN A 128 24.03 -8.58 -45.88
CA GLN A 128 24.64 -9.54 -44.98
C GLN A 128 26.12 -9.26 -44.78
N MET A 129 26.79 -8.79 -45.84
CA MET A 129 28.16 -8.32 -45.74
C MET A 129 28.28 -7.23 -44.68
N ALA A 130 27.36 -6.25 -44.77
CA ALA A 130 27.33 -5.11 -43.86
C ALA A 130 27.03 -5.50 -42.40
N VAL A 131 26.10 -6.46 -42.22
CA VAL A 131 25.81 -7.01 -40.91
C VAL A 131 27.07 -7.60 -40.30
N PHE A 132 27.74 -8.47 -41.07
CA PHE A 132 28.99 -9.08 -40.68
C PHE A 132 30.04 -8.04 -40.28
N ILE A 133 30.25 -7.05 -41.15
CA ILE A 133 31.17 -5.97 -40.85
C ILE A 133 30.83 -5.30 -39.51
N HIS A 134 29.53 -5.06 -39.29
CA HIS A 134 29.10 -4.30 -38.13
C HIS A 134 29.30 -5.10 -36.84
N ASN A 135 28.81 -6.33 -36.82
CA ASN A 135 28.93 -7.20 -35.66
C ASN A 135 30.38 -7.51 -35.28
N LYS A 136 31.27 -7.60 -36.27
CA LYS A 136 32.66 -7.98 -36.01
C LYS A 136 33.60 -6.82 -35.68
N LYS A 137 33.17 -5.59 -35.98
CA LYS A 137 33.98 -4.41 -35.76
C LYS A 137 34.17 -4.13 -34.27
N ARG A 138 35.37 -3.64 -33.90
CA ARG A 138 35.70 -3.30 -32.53
C ARG A 138 35.95 -1.81 -32.35
N LYS A 139 36.17 -1.41 -31.09
CA LYS A 139 36.69 -0.08 -30.80
C LYS A 139 38.02 -0.09 -30.03
N GLY A 140 38.72 -1.24 -30.05
CA GLY A 140 40.11 -1.36 -29.62
C GLY A 140 40.54 -0.41 -28.52
N GLY A 144 36.61 -2.54 -25.13
CA GLY A 144 36.74 -2.26 -26.57
C GLY A 144 36.51 -3.49 -27.44
N TYR A 145 35.31 -4.07 -27.30
CA TYR A 145 34.98 -5.36 -27.88
C TYR A 145 33.97 -5.17 -29.01
N SER A 146 33.68 -6.23 -29.76
CA SER A 146 32.71 -6.17 -30.85
C SER A 146 31.29 -6.45 -30.33
N ALA A 147 30.29 -6.09 -31.13
CA ALA A 147 28.90 -6.33 -30.75
C ALA A 147 28.61 -7.82 -30.71
N GLY A 148 29.14 -8.56 -31.69
CA GLY A 148 29.05 -10.00 -31.70
C GLY A 148 29.54 -10.64 -30.40
N GLU A 149 30.59 -10.05 -29.82
CA GLU A 149 31.13 -10.52 -28.56
C GLU A 149 30.28 -10.05 -27.39
N ARG A 150 29.92 -8.76 -27.39
CA ARG A 150 29.12 -8.19 -26.32
C ARG A 150 27.83 -8.98 -26.10
N ILE A 151 27.12 -9.35 -27.16
CA ILE A 151 25.86 -10.05 -26.99
C ILE A 151 26.10 -11.40 -26.32
N VAL A 152 27.00 -12.23 -26.86
CA VAL A 152 27.24 -13.53 -26.25
C VAL A 152 27.65 -13.37 -24.80
N ASP A 153 28.51 -12.39 -24.51
CA ASP A 153 28.90 -12.09 -23.14
C ASP A 153 27.68 -11.82 -22.26
N ILE A 154 26.83 -10.91 -22.71
CA ILE A 154 25.65 -10.51 -21.95
C ILE A 154 24.75 -11.71 -21.67
N ILE A 155 24.35 -12.42 -22.73
CA ILE A 155 23.45 -13.56 -22.62
C ILE A 155 24.06 -14.63 -21.71
N ALA A 156 25.37 -14.84 -21.87
CA ALA A 156 26.09 -15.85 -21.11
C ALA A 156 26.09 -15.53 -19.62
N THR A 157 26.45 -14.29 -19.26
CA THR A 157 26.47 -13.88 -17.87
C THR A 157 25.09 -13.97 -17.27
N ASP A 158 24.04 -13.74 -18.09
CA ASP A 158 22.67 -13.89 -17.62
C ASP A 158 22.32 -15.35 -17.34
N ILE A 159 21.31 -15.93 -18.00
CA ILE A 159 20.78 -17.23 -17.64
C ILE A 159 20.25 -17.22 -16.16
N CYS B 7 36.55 -28.26 -27.34
CA CYS B 7 36.05 -26.87 -27.33
C CYS B 7 35.32 -26.52 -28.63
N SER B 8 36.03 -26.68 -29.77
CA SER B 8 35.49 -26.51 -31.11
C SER B 8 34.49 -25.38 -31.28
N PRO B 9 34.68 -24.19 -30.66
CA PRO B 9 33.68 -23.13 -30.73
C PRO B 9 33.33 -22.65 -32.14
N GLY B 10 34.30 -22.77 -33.07
CA GLY B 10 34.11 -22.31 -34.42
C GLY B 10 33.77 -23.39 -35.45
N ILE B 11 33.57 -24.63 -34.97
CA ILE B 11 33.32 -25.74 -35.86
C ILE B 11 31.81 -25.96 -36.01
N TRP B 12 31.36 -25.89 -37.27
CA TRP B 12 29.97 -26.14 -37.62
C TRP B 12 29.84 -27.23 -38.68
N GLN B 13 28.62 -27.74 -38.82
CA GLN B 13 28.29 -28.73 -39.83
C GLN B 13 27.07 -28.26 -40.60
N LEU B 14 27.11 -28.44 -41.93
CA LEU B 14 26.04 -28.01 -42.81
C LEU B 14 25.43 -29.21 -43.51
N ASP B 15 24.09 -29.26 -43.56
CA ASP B 15 23.38 -30.37 -44.19
C ASP B 15 22.09 -29.93 -44.88
N CYS B 16 21.73 -30.65 -45.94
CA CYS B 16 20.43 -30.51 -46.59
C CYS B 16 19.52 -31.69 -46.28
N THR B 17 18.33 -31.40 -45.73
CA THR B 17 17.27 -32.39 -45.66
C THR B 17 16.24 -32.03 -46.72
N HIS B 18 15.58 -33.06 -47.27
CA HIS B 18 14.42 -32.89 -48.12
C HIS B 18 13.18 -33.28 -47.32
N LEU B 19 12.13 -32.45 -47.42
CA LEU B 19 10.87 -32.71 -46.73
C LEU B 19 9.73 -32.01 -47.46
N GLU B 20 8.67 -32.76 -47.75
CA GLU B 20 7.52 -32.25 -48.50
C GLU B 20 7.98 -31.57 -49.79
N GLY B 21 8.90 -32.24 -50.50
CA GLY B 21 9.45 -31.69 -51.73
C GLY B 21 10.00 -30.28 -51.56
N LYS B 22 10.58 -30.02 -50.39
CA LYS B 22 11.25 -28.75 -50.10
C LYS B 22 12.61 -29.06 -49.50
N VAL B 23 13.49 -28.04 -49.51
CA VAL B 23 14.87 -28.20 -49.08
C VAL B 23 15.11 -27.39 -47.82
N ILE B 24 15.32 -28.10 -46.71
CA ILE B 24 15.68 -27.49 -45.45
C ILE B 24 17.21 -27.55 -45.41
N LEU B 25 17.81 -26.41 -45.07
CA LEU B 25 19.25 -26.29 -44.91
C LEU B 25 19.53 -26.09 -43.43
N VAL B 26 20.41 -26.93 -42.87
CA VAL B 26 20.62 -26.98 -41.44
C VAL B 26 22.09 -26.78 -41.06
N ALA B 27 22.31 -25.90 -40.10
CA ALA B 27 23.62 -25.66 -39.51
C ALA B 27 23.62 -26.14 -38.06
N VAL B 28 24.54 -27.05 -37.74
CA VAL B 28 24.73 -27.49 -36.36
C VAL B 28 26.05 -26.98 -35.80
N HIS B 29 25.99 -26.27 -34.67
CA HIS B 29 27.19 -25.95 -33.92
C HIS B 29 27.59 -27.19 -33.14
N VAL B 30 28.62 -27.89 -33.64
CA VAL B 30 28.94 -29.24 -33.21
C VAL B 30 29.11 -29.37 -31.70
N ALA B 31 29.82 -28.40 -31.09
CA ALA B 31 30.11 -28.49 -29.67
C ALA B 31 28.85 -28.47 -28.80
N SER B 32 27.96 -27.51 -29.07
CA SER B 32 26.78 -27.25 -28.25
C SER B 32 25.52 -28.03 -28.65
N GLY B 33 25.48 -28.47 -29.92
CA GLY B 33 24.29 -29.08 -30.49
C GLY B 33 23.23 -28.10 -31.00
N TYR B 34 23.54 -26.81 -30.94
CA TYR B 34 22.64 -25.76 -31.37
C TYR B 34 22.36 -25.80 -32.88
N ILE B 35 21.15 -25.38 -33.25
CA ILE B 35 20.66 -25.48 -34.63
C ILE B 35 20.20 -24.14 -35.19
N GLU B 36 20.57 -23.91 -36.46
CA GLU B 36 19.91 -22.95 -37.33
C GLU B 36 19.42 -23.67 -38.57
N ALA B 37 18.23 -23.30 -39.05
CA ALA B 37 17.69 -23.94 -40.24
C ALA B 37 16.96 -22.91 -41.07
N GLU B 38 16.97 -23.13 -42.38
CA GLU B 38 16.24 -22.27 -43.29
C GLU B 38 15.67 -23.14 -44.41
N VAL B 39 14.42 -22.86 -44.79
CA VAL B 39 13.83 -23.58 -45.91
C VAL B 39 14.06 -22.73 -47.16
N ILE B 40 14.70 -23.34 -48.18
CA ILE B 40 15.19 -22.61 -49.33
C ILE B 40 14.48 -23.13 -50.59
N PRO B 41 14.36 -22.29 -51.64
CA PRO B 41 13.59 -22.68 -52.82
C PRO B 41 14.29 -23.71 -53.71
N ALA B 42 15.63 -23.65 -53.71
CA ALA B 42 16.44 -24.54 -54.53
C ALA B 42 17.68 -24.97 -53.77
N GLU B 43 18.13 -26.21 -54.03
CA GLU B 43 19.35 -26.74 -53.43
C GLU B 43 20.56 -26.26 -54.22
N THR B 44 20.75 -24.93 -54.28
CA THR B 44 21.77 -24.32 -55.10
C THR B 44 22.93 -23.89 -54.21
N GLY B 45 24.08 -23.64 -54.86
CA GLY B 45 25.25 -23.07 -54.21
C GLY B 45 25.04 -21.61 -53.79
N GLN B 46 24.28 -20.86 -54.61
CA GLN B 46 23.92 -19.49 -54.28
C GLN B 46 23.21 -19.42 -52.94
N GLU B 47 22.20 -20.28 -52.78
CA GLU B 47 21.38 -20.31 -51.58
C GLU B 47 22.17 -20.75 -50.34
N THR B 48 22.94 -21.82 -50.52
CA THR B 48 23.87 -22.31 -49.51
C THR B 48 24.83 -21.22 -49.03
N ALA B 49 25.45 -20.51 -49.98
CA ALA B 49 26.39 -19.46 -49.70
C ALA B 49 25.77 -18.26 -48.98
N TYR B 50 24.59 -17.81 -49.44
CA TYR B 50 23.88 -16.75 -48.76
C TYR B 50 23.53 -17.14 -47.33
N PHE B 51 23.20 -18.43 -47.12
CA PHE B 51 22.98 -18.96 -45.79
C PHE B 51 24.22 -18.77 -44.92
N LEU B 52 25.34 -19.30 -45.44
CA LEU B 52 26.63 -19.24 -44.77
C LEU B 52 27.03 -17.83 -44.36
N LEU B 53 26.77 -16.84 -45.22
CA LEU B 53 27.02 -15.45 -44.87
C LEU B 53 26.23 -14.99 -43.65
N LYS B 54 24.94 -15.33 -43.63
CA LYS B 54 24.10 -14.99 -42.49
C LYS B 54 24.64 -15.63 -41.22
N LEU B 55 25.03 -16.90 -41.34
CA LEU B 55 25.54 -17.65 -40.20
C LEU B 55 26.79 -17.01 -39.64
N ALA B 56 27.67 -16.61 -40.55
CA ALA B 56 29.01 -16.15 -40.22
C ALA B 56 28.96 -14.76 -39.61
N GLY B 57 27.94 -13.99 -39.98
CA GLY B 57 27.83 -12.65 -39.44
C GLY B 57 27.32 -12.62 -38.01
N ARG B 58 26.82 -13.79 -37.59
CA ARG B 58 26.17 -13.98 -36.31
C ARG B 58 27.00 -14.77 -35.31
N TRP B 59 27.78 -15.73 -35.80
CA TRP B 59 28.67 -16.55 -34.99
C TRP B 59 30.12 -16.49 -35.47
N PRO B 60 31.12 -16.62 -34.56
CA PRO B 60 32.51 -16.81 -34.97
C PRO B 60 32.69 -18.21 -35.55
N VAL B 61 32.67 -18.27 -36.90
CA VAL B 61 32.73 -19.52 -37.62
C VAL B 61 34.12 -19.70 -38.21
N LYS B 62 34.87 -20.69 -37.74
CA LYS B 62 36.18 -20.97 -38.29
C LYS B 62 36.13 -22.04 -39.37
N THR B 63 35.33 -23.08 -39.14
CA THR B 63 35.36 -24.26 -40.00
C THR B 63 33.98 -24.80 -40.26
N VAL B 64 33.71 -25.20 -41.51
CA VAL B 64 32.44 -25.78 -41.88
C VAL B 64 32.65 -27.18 -42.47
N HIS B 65 31.95 -28.17 -41.90
CA HIS B 65 31.95 -29.54 -42.38
C HIS B 65 30.76 -29.75 -43.31
N THR B 66 31.01 -30.29 -44.50
CA THR B 66 29.97 -30.54 -45.49
C THR B 66 30.29 -31.83 -46.23
N ASP B 67 29.32 -32.27 -47.05
CA ASP B 67 29.51 -33.42 -47.92
C ASP B 67 29.98 -32.93 -49.29
N ASN B 68 30.14 -33.86 -50.25
CA ASN B 68 30.44 -33.55 -51.63
C ASN B 68 29.25 -33.00 -52.42
N GLY B 69 28.21 -32.54 -51.72
CA GLY B 69 27.07 -31.93 -52.37
C GLY B 69 27.53 -30.88 -53.39
N SER B 70 27.01 -30.96 -54.62
CA SER B 70 27.32 -29.98 -55.64
C SER B 70 27.06 -28.56 -55.16
N ASN B 71 26.07 -28.39 -54.27
CA ASN B 71 25.79 -27.09 -53.68
C ASN B 71 26.88 -26.65 -52.72
N PHE B 72 27.54 -27.61 -52.06
CA PHE B 72 28.59 -27.33 -51.09
C PHE B 72 29.97 -27.19 -51.73
N THR B 73 30.20 -27.93 -52.82
CA THR B 73 31.41 -27.79 -53.61
C THR B 73 31.31 -26.63 -54.60
N SER B 74 30.19 -25.92 -54.60
CA SER B 74 29.98 -24.79 -55.49
C SER B 74 30.96 -23.65 -55.18
N THR B 75 31.27 -22.90 -56.25
CA THR B 75 32.18 -21.78 -56.19
C THR B 75 31.62 -20.59 -55.40
N THR B 76 30.30 -20.41 -55.39
CA THR B 76 29.68 -19.39 -54.55
C THR B 76 29.95 -19.62 -53.07
N VAL B 77 29.87 -20.90 -52.65
CA VAL B 77 30.14 -21.26 -51.26
C VAL B 77 31.61 -21.01 -50.95
N LYS B 78 32.49 -21.45 -51.86
CA LYS B 78 33.92 -21.23 -51.73
C LYS B 78 34.26 -19.75 -51.54
N ALA B 79 33.65 -18.90 -52.39
CA ALA B 79 33.77 -17.46 -52.30
C ALA B 79 33.38 -16.93 -50.91
N ALA B 80 32.21 -17.36 -50.42
CA ALA B 80 31.75 -16.95 -49.10
C ALA B 80 32.77 -17.30 -48.02
N CYS B 81 33.30 -18.53 -48.10
CA CYS B 81 34.23 -19.04 -47.13
C CYS B 81 35.52 -18.23 -47.14
N TRP B 82 36.11 -18.04 -48.32
CA TRP B 82 37.32 -17.25 -48.47
C TRP B 82 37.13 -15.83 -47.96
N TRP B 83 35.97 -15.23 -48.25
CA TRP B 83 35.70 -13.88 -47.85
C TRP B 83 35.66 -13.75 -46.33
N ALA B 84 34.91 -14.65 -45.70
CA ALA B 84 34.71 -14.62 -44.26
C ALA B 84 35.81 -15.33 -43.46
N GLY B 85 36.76 -15.96 -44.16
CA GLY B 85 37.83 -16.69 -43.49
C GLY B 85 37.43 -18.00 -42.82
N ILE B 86 36.46 -18.68 -43.42
CA ILE B 86 36.05 -20.02 -43.03
C ILE B 86 36.80 -21.09 -43.82
N LYS B 87 37.42 -22.03 -43.11
CA LYS B 87 37.96 -23.23 -43.73
C LYS B 87 36.80 -24.19 -43.97
N GLN B 88 36.78 -24.83 -45.13
CA GLN B 88 35.77 -25.82 -45.44
C GLN B 88 36.40 -27.21 -45.44
N GLU B 89 35.86 -28.12 -44.63
CA GLU B 89 36.27 -29.51 -44.60
C GLU B 89 35.24 -30.37 -45.33
N PHE B 90 35.70 -31.47 -45.93
CA PHE B 90 34.86 -32.33 -46.74
C PHE B 90 34.97 -33.75 -46.21
N ILE B 102 28.60 -35.91 -34.75
CA ILE B 102 27.60 -36.89 -35.18
C ILE B 102 26.27 -36.19 -35.50
N GLU B 103 25.48 -36.82 -36.39
CA GLU B 103 24.30 -36.22 -37.01
C GLU B 103 23.00 -36.67 -36.34
N SER B 104 23.02 -36.70 -35.01
CA SER B 104 21.83 -36.92 -34.20
C SER B 104 20.99 -35.65 -34.01
N MET B 105 21.62 -34.47 -34.04
CA MET B 105 20.89 -33.21 -33.91
C MET B 105 20.06 -32.92 -35.15
N ASN B 106 20.50 -33.45 -36.29
CA ASN B 106 19.77 -33.36 -37.53
C ASN B 106 18.56 -34.30 -37.55
N LYS B 107 18.77 -35.55 -37.12
CA LYS B 107 17.69 -36.53 -37.06
C LYS B 107 16.65 -36.16 -35.99
N GLU B 108 17.12 -35.65 -34.84
CA GLU B 108 16.22 -35.14 -33.82
C GLU B 108 15.34 -34.03 -34.38
N LEU B 109 15.93 -33.13 -35.16
CA LEU B 109 15.19 -32.00 -35.72
C LEU B 109 14.04 -32.52 -36.58
N LYS B 110 14.31 -33.52 -37.43
CA LYS B 110 13.27 -34.11 -38.26
C LYS B 110 12.12 -34.60 -37.38
N LYS B 111 12.46 -35.36 -36.33
CA LYS B 111 11.47 -35.87 -35.39
C LYS B 111 10.55 -34.76 -34.89
N ILE B 112 11.15 -33.69 -34.35
CA ILE B 112 10.38 -32.59 -33.77
C ILE B 112 9.49 -31.94 -34.82
N ILE B 113 9.99 -31.79 -36.05
CA ILE B 113 9.21 -31.20 -37.12
C ILE B 113 7.96 -32.06 -37.30
N GLY B 114 8.15 -33.37 -37.41
CA GLY B 114 7.04 -34.30 -37.49
C GLY B 114 6.01 -34.10 -36.36
N GLN B 115 6.53 -33.98 -35.13
CA GLN B 115 5.68 -33.77 -33.97
C GLN B 115 4.83 -32.50 -34.08
N VAL B 116 5.46 -31.39 -34.46
CA VAL B 116 4.76 -30.11 -34.48
C VAL B 116 4.09 -29.80 -35.81
N ARG B 117 4.29 -30.66 -36.82
CA ARG B 117 3.99 -30.30 -38.20
C ARG B 117 2.56 -29.77 -38.36
N ASP B 118 1.60 -30.48 -37.77
CA ASP B 118 0.19 -30.14 -37.89
C ASP B 118 -0.22 -28.88 -37.14
N GLN B 119 0.66 -28.38 -36.25
CA GLN B 119 0.36 -27.20 -35.47
C GLN B 119 0.41 -25.94 -36.33
N ALA B 120 1.11 -26.01 -37.48
CA ALA B 120 1.25 -24.87 -38.36
C ALA B 120 0.95 -25.24 -39.80
N GLU B 121 0.49 -24.25 -40.55
CA GLU B 121 0.10 -24.41 -41.93
C GLU B 121 1.31 -24.75 -42.79
N HIS B 122 2.27 -23.81 -42.81
CA HIS B 122 3.44 -23.85 -43.64
C HIS B 122 4.54 -24.67 -42.98
N LEU B 123 5.22 -25.50 -43.78
CA LEU B 123 6.36 -26.28 -43.33
C LEU B 123 7.43 -25.39 -42.69
N LYS B 124 7.70 -24.23 -43.31
CA LYS B 124 8.71 -23.33 -42.78
C LYS B 124 8.41 -22.96 -41.32
N THR B 125 7.12 -22.71 -41.01
CA THR B 125 6.73 -22.33 -39.67
C THR B 125 6.99 -23.49 -38.70
N ALA B 126 6.70 -24.70 -39.17
CA ALA B 126 6.95 -25.90 -38.38
C ALA B 126 8.45 -26.11 -38.11
N VAL B 127 9.26 -25.83 -39.13
CA VAL B 127 10.70 -25.97 -39.02
C VAL B 127 11.25 -25.03 -37.96
N GLN B 128 10.84 -23.75 -38.02
CA GLN B 128 11.37 -22.77 -37.07
C GLN B 128 10.86 -23.04 -35.66
N MET B 129 9.60 -23.51 -35.56
CA MET B 129 9.05 -23.95 -34.29
C MET B 129 9.91 -25.05 -33.69
N ALA B 130 10.25 -26.04 -34.52
CA ALA B 130 11.06 -27.18 -34.11
C ALA B 130 12.48 -26.80 -33.70
N VAL B 131 13.08 -25.87 -34.44
CA VAL B 131 14.39 -25.32 -34.09
C VAL B 131 14.32 -24.72 -32.69
N PHE B 132 13.35 -23.83 -32.48
CA PHE B 132 13.10 -23.20 -31.20
C PHE B 132 12.93 -24.23 -30.07
N ILE B 133 12.06 -25.20 -30.29
CA ILE B 133 11.88 -26.28 -29.33
C ILE B 133 13.20 -26.97 -29.00
N HIS B 134 14.02 -27.22 -30.02
CA HIS B 134 15.23 -28.00 -29.86
C HIS B 134 16.27 -27.22 -29.06
N ASN B 135 16.53 -25.96 -29.49
CA ASN B 135 17.50 -25.11 -28.84
C ASN B 135 17.15 -24.81 -27.38
N LYS B 136 15.84 -24.69 -27.06
CA LYS B 136 15.41 -24.29 -25.73
C LYS B 136 15.23 -25.45 -24.73
N LYS B 137 15.16 -26.68 -25.24
CA LYS B 137 14.91 -27.84 -24.41
C LYS B 137 16.07 -28.12 -23.45
N ARG B 138 15.76 -28.56 -22.22
CA ARG B 138 16.76 -28.74 -21.17
C ARG B 138 16.96 -30.20 -20.75
N TYR B 145 22.42 -26.16 -19.55
CA TYR B 145 21.34 -27.11 -19.79
C TYR B 145 20.91 -27.21 -21.26
N SER B 146 20.42 -26.14 -21.87
CA SER B 146 19.91 -26.19 -23.24
C SER B 146 21.04 -25.91 -24.23
N ALA B 147 20.82 -26.26 -25.51
CA ALA B 147 21.80 -26.01 -26.54
C ALA B 147 21.97 -24.51 -26.77
N GLY B 148 20.85 -23.78 -26.76
CA GLY B 148 20.87 -22.34 -26.85
C GLY B 148 21.77 -21.71 -25.80
N GLU B 149 21.78 -22.29 -24.59
CA GLU B 149 22.63 -21.82 -23.51
C GLU B 149 24.07 -22.27 -23.72
N ARG B 150 24.25 -23.56 -24.03
CA ARG B 150 25.58 -24.12 -24.24
C ARG B 150 26.38 -23.32 -25.25
N ILE B 151 25.78 -22.96 -26.39
CA ILE B 151 26.53 -22.26 -27.42
C ILE B 151 27.01 -20.91 -26.87
N VAL B 152 26.10 -20.08 -26.34
CA VAL B 152 26.50 -18.78 -25.85
C VAL B 152 27.59 -18.93 -24.78
N ASP B 153 27.42 -19.92 -23.90
CA ASP B 153 28.43 -20.21 -22.89
C ASP B 153 29.79 -20.49 -23.51
N ILE B 154 29.82 -21.41 -24.48
CA ILE B 154 31.05 -21.81 -25.14
C ILE B 154 31.74 -20.61 -25.80
N ILE B 155 31.00 -19.91 -26.67
CA ILE B 155 31.56 -18.77 -27.39
C ILE B 155 32.05 -17.70 -26.42
N ALA B 156 31.27 -17.49 -25.35
CA ALA B 156 31.58 -16.48 -24.35
C ALA B 156 32.89 -16.81 -23.62
N THR B 157 33.01 -18.05 -23.13
CA THR B 157 34.21 -18.48 -22.43
C THR B 157 35.42 -18.38 -23.35
N ASP B 158 35.22 -18.62 -24.65
CA ASP B 158 36.31 -18.50 -25.60
C ASP B 158 36.74 -17.05 -25.81
N ILE B 159 35.80 -16.08 -25.80
CA ILE B 159 36.20 -14.69 -25.90
C ILE B 159 36.86 -14.27 -24.58
N GLN B 160 36.24 -14.60 -23.45
CA GLN B 160 36.64 -14.13 -22.11
C GLN B 160 37.88 -14.77 -21.49
N THR B 161 38.32 -15.89 -22.07
CA THR B 161 39.56 -16.55 -21.65
C THR B 161 40.35 -17.00 -22.92
N GLN C 3 -1.12 -26.88 -20.99
CA GLN C 3 -1.61 -26.64 -22.35
C GLN C 3 -2.52 -25.40 -22.40
N ASN C 4 -1.92 -24.23 -22.67
CA ASN C 4 -2.65 -22.98 -22.84
C ASN C 4 -2.89 -22.66 -24.31
N PHE C 5 -4.16 -22.67 -24.72
CA PHE C 5 -4.53 -22.53 -26.13
C PHE C 5 -5.08 -21.14 -26.45
N ARG C 6 -4.63 -20.61 -27.60
CA ARG C 6 -5.02 -19.30 -28.10
C ARG C 6 -5.65 -19.41 -29.49
N VAL C 7 -6.90 -18.94 -29.60
CA VAL C 7 -7.61 -18.93 -30.87
C VAL C 7 -7.51 -17.56 -31.50
N TYR C 8 -7.24 -17.57 -32.81
CA TYR C 8 -7.26 -16.37 -33.63
C TYR C 8 -8.40 -16.66 -34.60
N TYR C 9 -9.32 -15.71 -34.75
CA TYR C 9 -10.67 -15.99 -35.23
C TYR C 9 -11.18 -15.10 -36.36
N ARG C 10 -12.36 -15.49 -36.90
CA ARG C 10 -13.13 -14.67 -37.81
C ARG C 10 -14.59 -14.53 -37.30
N VAL C 16 -8.29 -8.93 -41.02
CA VAL C 16 -9.22 -10.03 -41.27
C VAL C 16 -9.07 -11.20 -40.29
N TRP C 17 -8.06 -11.16 -39.41
CA TRP C 17 -7.98 -12.09 -38.29
C TRP C 17 -8.06 -11.31 -36.99
N LYS C 18 -8.58 -11.97 -35.95
CA LYS C 18 -8.65 -11.40 -34.61
C LYS C 18 -8.06 -12.39 -33.61
N GLY C 19 -7.40 -11.87 -32.56
CA GLY C 19 -6.97 -12.69 -31.44
C GLY C 19 -5.97 -11.92 -30.58
N PRO C 20 -5.34 -12.56 -29.56
CA PRO C 20 -5.73 -13.90 -29.10
C PRO C 20 -7.00 -13.90 -28.26
N ALA C 21 -7.82 -14.94 -28.41
CA ALA C 21 -9.00 -15.11 -27.57
C ALA C 21 -8.91 -16.43 -26.81
N LYS C 22 -9.52 -16.47 -25.61
CA LYS C 22 -9.34 -17.58 -24.69
C LYS C 22 -10.30 -18.72 -24.97
N LEU C 23 -9.73 -19.93 -25.12
CA LEU C 23 -10.46 -21.16 -25.41
C LEU C 23 -11.39 -21.53 -24.25
N LEU C 24 -12.63 -21.89 -24.60
CA LEU C 24 -13.66 -22.29 -23.64
C LEU C 24 -14.03 -23.72 -24.00
N TRP C 25 -14.66 -23.89 -25.17
CA TRP C 25 -15.10 -25.17 -25.67
C TRP C 25 -14.93 -25.20 -27.19
N LYS C 26 -14.40 -26.33 -27.70
CA LYS C 26 -14.28 -26.56 -29.13
C LYS C 26 -15.19 -27.75 -29.48
N GLY C 27 -16.04 -27.57 -30.49
CA GLY C 27 -17.02 -28.57 -30.88
C GLY C 27 -17.06 -28.84 -32.37
N GLU C 28 -17.64 -29.99 -32.73
CA GLU C 28 -17.73 -30.50 -34.10
C GLU C 28 -17.42 -29.45 -35.17
N GLY C 29 -18.25 -28.41 -35.26
CA GLY C 29 -18.15 -27.43 -36.34
C GLY C 29 -17.96 -25.98 -35.90
N ALA C 30 -17.65 -25.76 -34.62
CA ALA C 30 -17.43 -24.42 -34.08
C ALA C 30 -16.80 -24.40 -32.70
N VAL C 31 -16.23 -23.25 -32.33
CA VAL C 31 -15.52 -23.08 -31.08
C VAL C 31 -16.06 -21.83 -30.39
N VAL C 32 -16.36 -21.96 -29.09
CA VAL C 32 -16.92 -20.89 -28.30
C VAL C 32 -15.75 -20.27 -27.55
N ILE C 33 -15.66 -18.94 -27.58
CA ILE C 33 -14.49 -18.22 -27.13
C ILE C 33 -14.79 -16.80 -26.66
N GLN C 34 -13.81 -16.21 -25.95
CA GLN C 34 -13.96 -14.86 -25.45
C GLN C 34 -12.62 -14.28 -25.00
N ASP C 35 -12.49 -12.95 -25.16
CA ASP C 35 -11.37 -12.21 -24.63
C ASP C 35 -11.88 -11.10 -23.69
N ASN C 36 -12.32 -9.96 -24.26
CA ASN C 36 -12.66 -8.78 -23.50
C ASN C 36 -13.83 -9.02 -22.53
N SER C 37 -14.95 -9.52 -23.07
CA SER C 37 -16.13 -9.89 -22.31
C SER C 37 -17.10 -10.61 -23.24
N ASP C 38 -17.29 -9.99 -24.42
CA ASP C 38 -17.91 -10.61 -25.58
C ASP C 38 -17.53 -12.07 -25.79
N ILE C 39 -18.40 -12.98 -25.33
CA ILE C 39 -18.35 -14.39 -25.70
C ILE C 39 -18.98 -14.54 -27.09
N LYS C 40 -18.37 -15.36 -27.94
CA LYS C 40 -18.94 -15.65 -29.25
C LYS C 40 -18.55 -17.05 -29.71
N VAL C 41 -19.26 -17.52 -30.74
CA VAL C 41 -18.99 -18.81 -31.37
C VAL C 41 -18.67 -18.56 -32.85
N VAL C 42 -17.56 -19.15 -33.31
CA VAL C 42 -17.16 -19.06 -34.70
C VAL C 42 -17.08 -20.47 -35.26
N PRO C 43 -17.37 -20.69 -36.57
CA PRO C 43 -17.12 -22.00 -37.19
C PRO C 43 -15.65 -22.43 -37.08
N ARG C 44 -15.43 -23.75 -36.96
CA ARG C 44 -14.16 -24.30 -36.51
C ARG C 44 -12.96 -23.88 -37.36
N ARG C 45 -13.10 -23.97 -38.69
CA ARG C 45 -11.94 -23.90 -39.57
C ARG C 45 -11.37 -22.50 -39.72
N LYS C 46 -12.13 -21.44 -39.47
CA LYS C 46 -11.39 -20.15 -39.56
C LYS C 46 -11.38 -19.50 -38.18
N ALA C 47 -10.68 -20.15 -37.26
CA ALA C 47 -10.51 -19.64 -35.88
C ALA C 47 -9.35 -20.47 -35.33
N LYS C 48 -8.23 -20.49 -36.04
CA LYS C 48 -7.11 -21.39 -35.68
C LYS C 48 -6.78 -21.38 -34.18
N ILE C 49 -6.38 -22.53 -33.66
CA ILE C 49 -6.03 -22.67 -32.27
C ILE C 49 -4.55 -23.03 -32.27
N ILE C 50 -3.71 -22.15 -31.70
CA ILE C 50 -2.32 -22.48 -31.49
C ILE C 50 -2.01 -22.31 -30.00
N ARG C 51 -1.31 -23.32 -29.46
CA ARG C 51 -1.03 -23.39 -28.03
C ARG C 51 0.07 -22.39 -27.70
N ASP C 52 0.79 -22.63 -26.59
CA ASP C 52 2.03 -21.93 -26.29
C ASP C 52 3.12 -22.99 -26.15
N TYR C 53 4.33 -22.52 -25.82
CA TYR C 53 5.51 -23.36 -25.73
C TYR C 53 5.69 -23.91 -24.28
N ASN D 4 43.92 -11.12 -50.84
CA ASN D 4 43.43 -9.75 -50.80
C ASN D 4 42.27 -9.59 -51.78
N PHE D 5 42.52 -9.50 -53.11
CA PHE D 5 41.47 -9.63 -54.10
C PHE D 5 41.45 -11.02 -54.71
N ARG D 6 40.26 -11.63 -54.76
CA ARG D 6 40.09 -12.96 -55.31
C ARG D 6 39.20 -12.88 -56.54
N VAL D 7 39.64 -13.52 -57.62
CA VAL D 7 38.91 -13.50 -58.88
C VAL D 7 38.33 -14.89 -59.16
N TYR D 8 37.01 -14.91 -59.42
CA TYR D 8 36.31 -16.11 -59.84
C TYR D 8 35.86 -15.78 -61.26
N TYR D 9 36.06 -16.74 -62.16
CA TYR D 9 35.97 -16.46 -63.57
C TYR D 9 35.38 -17.63 -64.35
N ARG D 10 34.83 -17.32 -65.54
CA ARG D 10 34.40 -18.35 -66.46
C ARG D 10 35.23 -18.28 -67.75
N ASP D 11 35.89 -19.41 -68.04
CA ASP D 11 36.99 -19.51 -68.96
C ASP D 11 36.55 -20.48 -70.05
N SER D 12 35.28 -20.33 -70.45
CA SER D 12 34.64 -21.10 -71.49
C SER D 12 33.22 -20.53 -71.62
N ARG D 13 32.26 -21.34 -72.09
CA ARG D 13 30.88 -20.88 -72.13
C ARG D 13 30.50 -20.67 -70.67
N ASP D 14 30.58 -21.75 -69.88
CA ASP D 14 30.19 -21.76 -68.48
C ASP D 14 29.97 -23.16 -67.93
N PRO D 15 30.98 -24.06 -67.90
CA PRO D 15 30.88 -25.26 -67.06
C PRO D 15 30.55 -24.84 -65.62
N VAL D 16 31.25 -23.84 -65.07
CA VAL D 16 31.33 -23.63 -63.63
C VAL D 16 32.29 -22.46 -63.42
N TRP D 17 31.98 -21.53 -62.48
CA TRP D 17 32.95 -20.55 -62.04
C TRP D 17 34.21 -21.24 -61.50
N LYS D 18 35.37 -20.69 -61.85
CA LYS D 18 36.65 -21.29 -61.49
C LYS D 18 37.22 -20.54 -60.30
N GLY D 19 37.97 -21.32 -59.49
CA GLY D 19 38.15 -21.11 -58.06
C GLY D 19 38.81 -19.76 -57.84
N PRO D 20 39.37 -19.48 -56.65
CA PRO D 20 40.01 -18.17 -56.43
C PRO D 20 41.32 -18.08 -57.19
N ALA D 21 41.45 -16.99 -57.98
CA ALA D 21 42.64 -16.70 -58.76
C ALA D 21 43.12 -15.30 -58.40
N LYS D 22 44.44 -15.09 -58.49
CA LYS D 22 45.03 -13.81 -58.11
C LYS D 22 44.84 -12.77 -59.21
N LEU D 23 44.47 -11.55 -58.81
CA LEU D 23 44.33 -10.45 -59.75
C LEU D 23 45.71 -9.83 -60.02
N LEU D 24 46.10 -9.85 -61.30
CA LEU D 24 47.33 -9.23 -61.75
C LEU D 24 47.05 -7.83 -62.30
N TRP D 25 46.07 -7.75 -63.21
CA TRP D 25 45.66 -6.47 -63.77
C TRP D 25 44.22 -6.51 -64.27
N LYS D 26 43.51 -5.41 -64.00
CA LYS D 26 42.11 -5.26 -64.36
C LYS D 26 42.04 -4.06 -65.29
N GLY D 27 41.52 -4.30 -66.49
CA GLY D 27 41.33 -3.26 -67.48
C GLY D 27 39.90 -3.31 -68.03
N GLU D 28 39.52 -2.18 -68.66
CA GLU D 28 38.17 -1.96 -69.14
C GLU D 28 37.43 -3.21 -69.59
N GLY D 29 38.02 -3.98 -70.51
CA GLY D 29 37.34 -5.09 -71.13
C GLY D 29 37.89 -6.47 -70.76
N ALA D 30 38.90 -6.50 -69.89
CA ALA D 30 39.54 -7.75 -69.54
C ALA D 30 40.25 -7.74 -68.19
N VAL D 31 40.50 -8.93 -67.65
CA VAL D 31 41.26 -9.06 -66.43
C VAL D 31 42.31 -10.16 -66.65
N VAL D 32 43.52 -9.87 -66.17
CA VAL D 32 44.61 -10.82 -66.23
C VAL D 32 44.78 -11.33 -64.81
N ILE D 33 44.70 -12.67 -64.69
CA ILE D 33 44.66 -13.33 -63.40
C ILE D 33 45.67 -14.47 -63.42
N GLN D 34 46.09 -14.91 -62.23
CA GLN D 34 46.97 -16.04 -62.12
C GLN D 34 46.26 -17.10 -61.29
N ASP D 35 46.00 -18.24 -61.92
CA ASP D 35 45.42 -19.40 -61.25
C ASP D 35 46.50 -20.47 -61.12
N ASN D 36 46.88 -20.79 -59.87
CA ASN D 36 48.13 -21.47 -59.57
C ASN D 36 49.21 -20.83 -60.45
N SER D 37 49.89 -21.63 -61.29
CA SER D 37 51.03 -21.17 -62.05
C SER D 37 50.67 -20.46 -63.37
N ASP D 38 49.36 -20.38 -63.67
CA ASP D 38 48.90 -20.12 -65.02
C ASP D 38 48.32 -18.73 -65.15
N ILE D 39 48.98 -17.86 -65.93
CA ILE D 39 48.42 -16.57 -66.26
C ILE D 39 47.29 -16.81 -67.27
N LYS D 40 46.18 -16.10 -67.08
CA LYS D 40 44.99 -16.25 -67.89
C LYS D 40 44.32 -14.89 -68.07
N VAL D 41 43.57 -14.78 -69.17
CA VAL D 41 42.94 -13.53 -69.55
C VAL D 41 41.48 -13.82 -69.84
N VAL D 42 40.60 -13.14 -69.10
CA VAL D 42 39.18 -13.33 -69.30
C VAL D 42 38.56 -11.95 -69.44
N PRO D 43 37.41 -11.82 -70.12
CA PRO D 43 36.73 -10.54 -70.21
C PRO D 43 36.33 -10.11 -68.81
N ARG D 44 36.25 -8.79 -68.59
CA ARG D 44 35.82 -8.23 -67.32
C ARG D 44 34.45 -8.81 -66.96
N ARG D 45 33.57 -8.92 -67.96
CA ARG D 45 32.22 -9.42 -67.76
C ARG D 45 32.14 -10.92 -67.43
N LYS D 46 33.23 -11.65 -67.55
CA LYS D 46 33.26 -13.04 -67.11
C LYS D 46 34.05 -13.19 -65.80
N ALA D 47 34.17 -12.09 -65.05
CA ALA D 47 35.01 -12.09 -63.87
C ALA D 47 34.32 -11.43 -62.69
N LYS D 48 34.26 -12.19 -61.58
CA LYS D 48 33.75 -11.76 -60.30
C LYS D 48 34.98 -11.49 -59.44
N ILE D 49 35.14 -10.24 -59.00
CA ILE D 49 36.30 -9.85 -58.20
C ILE D 49 35.85 -9.43 -56.80
N ILE D 50 36.22 -10.21 -55.79
CA ILE D 50 35.75 -9.99 -54.45
C ILE D 50 36.94 -9.70 -53.55
N ARG D 51 36.85 -8.62 -52.76
CA ARG D 51 37.89 -8.32 -51.78
C ARG D 51 37.60 -9.06 -50.49
N ASP D 52 38.62 -9.71 -49.92
CA ASP D 52 38.49 -10.38 -48.63
C ASP D 52 38.06 -9.43 -47.53
N TYR D 53 37.43 -9.97 -46.48
CA TYR D 53 37.01 -9.14 -45.35
C TYR D 53 38.28 -8.56 -44.67
N SER E 8 13.67 -12.87 33.23
CA SER E 8 14.48 -12.57 32.08
C SER E 8 14.74 -13.75 31.16
N PRO E 9 15.14 -14.95 31.66
CA PRO E 9 15.57 -16.05 30.79
C PRO E 9 14.54 -16.50 29.76
N GLY E 10 13.26 -16.36 30.09
CA GLY E 10 12.19 -16.82 29.22
C GLY E 10 11.50 -15.72 28.42
N ILE E 11 12.02 -14.49 28.49
CA ILE E 11 11.41 -13.37 27.80
C ILE E 11 12.06 -13.16 26.44
N TRP E 12 11.22 -13.22 25.40
CA TRP E 12 11.64 -12.98 24.04
C TRP E 12 10.81 -11.88 23.38
N GLN E 13 11.32 -11.38 22.26
CA GLN E 13 10.64 -10.37 21.45
C GLN E 13 10.62 -10.83 20.00
N LEU E 14 9.47 -10.62 19.35
CA LEU E 14 9.23 -11.06 17.98
C LEU E 14 8.97 -9.86 17.09
N ASP E 15 9.61 -9.82 15.92
CA ASP E 15 9.46 -8.70 14.99
C ASP E 15 9.49 -9.15 13.53
N CYS E 16 8.78 -8.42 12.67
CA CYS E 16 8.87 -8.53 11.23
C CYS E 16 9.65 -7.38 10.62
N THR E 17 10.68 -7.70 9.84
CA THR E 17 11.27 -6.74 8.91
C THR E 17 10.75 -7.08 7.52
N HIS E 18 10.57 -6.05 6.69
CA HIS E 18 10.38 -6.24 5.26
C HIS E 18 11.67 -5.80 4.56
N LEU E 19 12.12 -6.63 3.61
CA LEU E 19 13.33 -6.35 2.87
C LEU E 19 13.27 -7.06 1.51
N GLU E 20 13.54 -6.30 0.44
CA GLU E 20 13.48 -6.84 -0.91
C GLU E 20 12.14 -7.53 -1.15
N GLY E 21 11.04 -6.90 -0.72
CA GLY E 21 9.72 -7.48 -0.85
C GLY E 21 9.63 -8.90 -0.28
N LYS E 22 10.36 -9.13 0.80
CA LYS E 22 10.30 -10.39 1.53
C LYS E 22 10.15 -10.07 3.01
N VAL E 23 9.73 -11.09 3.77
CA VAL E 23 9.41 -10.95 5.18
C VAL E 23 10.41 -11.74 6.02
N ILE E 24 11.27 -11.01 6.73
CA ILE E 24 12.17 -11.61 7.70
C ILE E 24 11.45 -11.56 9.04
N LEU E 25 11.44 -12.69 9.73
CA LEU E 25 10.84 -12.81 11.04
C LEU E 25 11.97 -13.03 12.04
N VAL E 26 12.02 -12.21 13.09
CA VAL E 26 13.15 -12.18 14.00
C VAL E 26 12.72 -12.36 15.45
N ALA E 27 13.43 -13.24 16.15
CA ALA E 27 13.26 -13.47 17.58
C ALA E 27 14.51 -13.02 18.31
N VAL E 28 14.35 -12.11 19.27
CA VAL E 28 15.43 -11.71 20.16
C VAL E 28 15.21 -12.22 21.58
N HIS E 29 16.19 -12.95 22.11
CA HIS E 29 16.21 -13.27 23.53
C HIS E 29 16.70 -12.03 24.27
N VAL E 30 15.77 -11.30 24.89
CA VAL E 30 15.99 -9.96 25.39
C VAL E 30 17.21 -9.86 26.31
N ALA E 31 17.35 -10.82 27.22
CA ALA E 31 18.42 -10.81 28.20
C ALA E 31 19.82 -10.83 27.57
N SER E 32 20.03 -11.78 26.66
CA SER E 32 21.32 -12.04 26.05
C SER E 32 21.61 -11.25 24.78
N GLY E 33 20.56 -10.81 24.09
CA GLY E 33 20.66 -10.20 22.77
C GLY E 33 20.74 -11.18 21.61
N TYR E 34 20.62 -12.48 21.90
CA TYR E 34 20.71 -13.52 20.90
C TYR E 34 19.55 -13.47 19.90
N ILE E 35 19.85 -13.85 18.65
CA ILE E 35 18.92 -13.76 17.53
C ILE E 35 18.66 -15.09 16.84
N GLU E 36 17.39 -15.32 16.51
CA GLU E 36 16.97 -16.27 15.48
C GLU E 36 16.15 -15.54 14.43
N ALA E 37 16.34 -15.91 13.16
CA ALA E 37 15.61 -15.25 12.10
C ALA E 37 15.25 -16.26 11.02
N GLU E 38 14.13 -16.01 10.35
CA GLU E 38 13.69 -16.85 9.26
C GLU E 38 13.05 -15.98 8.20
N VAL E 39 13.35 -16.26 6.92
CA VAL E 39 12.71 -15.54 5.85
C VAL E 39 11.51 -16.39 5.41
N ILE E 40 10.32 -15.79 5.43
CA ILE E 40 9.07 -16.50 5.23
C ILE E 40 8.36 -15.95 4.00
N PRO E 41 7.51 -16.76 3.32
CA PRO E 41 6.91 -16.34 2.05
C PRO E 41 5.82 -15.30 2.21
N ALA E 42 5.12 -15.33 3.35
CA ALA E 42 4.02 -14.42 3.62
C ALA E 42 4.04 -14.01 5.10
N GLU E 43 3.59 -12.77 5.36
CA GLU E 43 3.48 -12.25 6.72
C GLU E 43 2.18 -12.74 7.34
N THR E 44 2.07 -14.06 7.51
CA THR E 44 0.81 -14.68 7.93
C THR E 44 0.97 -15.10 9.38
N GLY E 45 -0.18 -15.33 10.04
CA GLY E 45 -0.22 -15.89 11.37
C GLY E 45 0.22 -17.36 11.41
N GLN E 46 -0.09 -18.11 10.35
CA GLN E 46 0.34 -19.50 10.20
C GLN E 46 1.86 -19.60 10.28
N GLU E 47 2.52 -18.74 9.49
CA GLU E 47 3.98 -18.73 9.40
C GLU E 47 4.63 -18.30 10.71
N THR E 48 4.09 -17.22 11.29
CA THR E 48 4.51 -16.73 12.59
C THR E 48 4.41 -17.82 13.67
N ALA E 49 3.27 -18.51 13.70
CA ALA E 49 3.02 -19.57 14.67
C ALA E 49 3.95 -20.77 14.51
N TYR E 50 4.15 -21.22 13.26
CA TYR E 50 5.10 -22.28 12.98
C TYR E 50 6.51 -21.91 13.43
N PHE E 51 6.87 -20.62 13.26
CA PHE E 51 8.14 -20.12 13.76
C PHE E 51 8.23 -20.30 15.28
N LEU E 52 7.22 -19.77 15.97
CA LEU E 52 7.13 -19.82 17.41
C LEU E 52 7.24 -21.23 17.99
N LEU E 53 6.62 -22.20 17.32
CA LEU E 53 6.77 -23.60 17.71
C LEU E 53 8.22 -24.07 17.68
N LYS E 54 8.91 -23.76 16.58
CA LYS E 54 10.30 -24.13 16.44
C LYS E 54 11.13 -23.48 17.56
N LEU E 55 10.85 -22.21 17.84
CA LEU E 55 11.57 -21.48 18.85
C LEU E 55 11.40 -22.12 20.22
N ALA E 56 10.15 -22.49 20.52
CA ALA E 56 9.76 -22.94 21.84
C ALA E 56 10.26 -24.34 22.11
N GLY E 57 10.47 -25.12 21.05
CA GLY E 57 10.97 -26.48 21.19
C GLY E 57 12.46 -26.52 21.52
N ARG E 58 13.09 -25.37 21.31
CA ARG E 58 14.53 -25.21 21.39
C ARG E 58 14.97 -24.42 22.63
N TRP E 59 14.16 -23.44 23.05
CA TRP E 59 14.42 -22.63 24.22
C TRP E 59 13.26 -22.67 25.23
N PRO E 60 13.54 -22.55 26.56
CA PRO E 60 12.48 -22.32 27.54
C PRO E 60 11.92 -20.92 27.40
N VAL E 61 10.78 -20.84 26.70
CA VAL E 61 10.15 -19.57 26.37
C VAL E 61 8.93 -19.38 27.24
N LYS E 62 8.96 -18.38 28.12
CA LYS E 62 7.81 -18.11 28.98
C LYS E 62 6.91 -17.04 28.38
N THR E 63 7.53 -15.98 27.84
CA THR E 63 6.78 -14.81 27.42
C THR E 63 7.29 -14.26 26.10
N VAL E 64 6.36 -13.86 25.23
CA VAL E 64 6.71 -13.29 23.95
C VAL E 64 6.10 -11.90 23.80
N HIS E 65 6.96 -10.91 23.51
CA HIS E 65 6.55 -9.54 23.26
C HIS E 65 6.40 -9.32 21.77
N THR E 66 5.25 -8.75 21.37
CA THR E 66 4.96 -8.50 19.96
C THR E 66 4.19 -7.19 19.83
N ASP E 67 4.01 -6.74 18.59
CA ASP E 67 3.16 -5.60 18.30
C ASP E 67 1.74 -6.08 17.99
N ASN E 68 0.85 -5.12 17.65
CA ASN E 68 -0.49 -5.43 17.17
C ASN E 68 -0.57 -5.96 15.76
N GLY E 69 0.56 -6.45 15.23
CA GLY E 69 0.59 -7.05 13.91
C GLY E 69 -0.53 -8.09 13.77
N SER E 70 -1.31 -7.97 12.70
CA SER E 70 -2.38 -8.93 12.43
C SER E 70 -1.87 -10.37 12.46
N ASN E 71 -0.60 -10.56 12.05
CA ASN E 71 0.02 -11.87 12.11
C ASN E 71 0.27 -12.33 13.55
N PHE E 72 0.53 -11.38 14.46
CA PHE E 72 0.81 -11.68 15.86
C PHE E 72 -0.45 -11.79 16.71
N THR E 73 -1.49 -11.03 16.35
CA THR E 73 -2.79 -11.14 16.98
C THR E 73 -3.62 -12.28 16.37
N SER E 74 -3.05 -13.00 15.40
CA SER E 74 -3.75 -14.11 14.76
C SER E 74 -4.01 -15.25 15.74
N THR E 75 -5.11 -15.98 15.46
CA THR E 75 -5.53 -17.11 16.25
C THR E 75 -4.56 -18.30 16.19
N THR E 76 -3.88 -18.48 15.04
CA THR E 76 -2.88 -19.53 14.94
C THR E 76 -1.73 -19.31 15.92
N VAL E 77 -1.31 -18.05 16.07
CA VAL E 77 -0.24 -17.70 17.01
C VAL E 77 -0.72 -17.94 18.43
N LYS E 78 -1.96 -17.47 18.73
CA LYS E 78 -2.57 -17.69 20.04
C LYS E 78 -2.59 -19.16 20.41
N ALA E 79 -3.03 -20.01 19.46
CA ALA E 79 -3.02 -21.46 19.60
C ALA E 79 -1.65 -22.01 19.97
N ALA E 80 -0.63 -21.59 19.22
CA ALA E 80 0.74 -22.02 19.48
C ALA E 80 1.17 -21.67 20.92
N CYS E 81 0.84 -20.45 21.34
CA CYS E 81 1.22 -19.94 22.64
C CYS E 81 0.54 -20.75 23.75
N TRP E 82 -0.78 -20.93 23.64
CA TRP E 82 -1.53 -21.71 24.61
C TRP E 82 -1.02 -23.15 24.69
N TRP E 83 -0.69 -23.73 23.54
CA TRP E 83 -0.21 -25.10 23.49
C TRP E 83 1.13 -25.26 24.22
N ALA E 84 2.06 -24.34 23.91
CA ALA E 84 3.40 -24.39 24.47
C ALA E 84 3.53 -23.68 25.82
N GLY E 85 2.44 -23.07 26.30
CA GLY E 85 2.46 -22.39 27.59
C GLY E 85 3.22 -21.07 27.63
N ILE E 86 3.22 -20.36 26.50
CA ILE E 86 3.77 -19.03 26.38
C ILE E 86 2.72 -17.96 26.63
N LYS E 87 3.02 -17.03 27.54
CA LYS E 87 2.22 -15.83 27.69
C LYS E 87 2.65 -14.87 26.58
N GLN E 88 1.67 -14.21 25.96
CA GLN E 88 1.94 -13.25 24.92
C GLN E 88 1.59 -11.85 25.44
N GLU E 89 2.58 -10.95 25.41
CA GLU E 89 2.38 -9.56 25.79
C GLU E 89 2.34 -8.69 24.54
N PHE E 90 1.61 -7.57 24.64
CA PHE E 90 1.40 -6.67 23.51
C PHE E 90 1.80 -5.27 23.90
N ILE E 102 15.65 -1.67 22.95
CA ILE E 102 15.22 -3.08 22.96
C ILE E 102 15.35 -3.74 21.58
N GLU E 103 14.86 -3.04 20.55
CA GLU E 103 15.05 -3.41 19.15
C GLU E 103 16.22 -2.67 18.50
N SER E 104 17.32 -2.48 19.26
CA SER E 104 18.63 -2.17 18.70
C SER E 104 19.35 -3.39 18.12
N MET E 105 19.04 -4.59 18.66
CA MET E 105 19.52 -5.85 18.10
C MET E 105 18.84 -6.12 16.76
N ASN E 106 17.62 -5.59 16.58
CA ASN E 106 16.92 -5.70 15.32
C ASN E 106 17.49 -4.76 14.26
N LYS E 107 17.76 -3.50 14.66
CA LYS E 107 18.34 -2.53 13.74
C LYS E 107 19.78 -2.90 13.38
N GLU E 108 20.55 -3.41 14.36
CA GLU E 108 21.89 -3.91 14.08
C GLU E 108 21.84 -5.03 13.05
N LEU E 109 20.87 -5.93 13.17
CA LEU E 109 20.74 -7.04 12.25
C LEU E 109 20.58 -6.53 10.83
N LYS E 110 19.71 -5.53 10.64
CA LYS E 110 19.51 -4.95 9.31
C LYS E 110 20.83 -4.45 8.75
N LYS E 111 21.57 -3.70 9.58
CA LYS E 111 22.88 -3.19 9.18
C LYS E 111 23.77 -4.30 8.64
N ILE E 112 23.95 -5.36 9.43
CA ILE E 112 24.84 -6.46 9.05
C ILE E 112 24.37 -7.13 7.76
N ILE E 113 23.05 -7.28 7.59
CA ILE E 113 22.51 -7.89 6.38
C ILE E 113 22.98 -7.03 5.21
N GLY E 114 22.78 -5.72 5.31
CA GLY E 114 23.26 -4.79 4.30
C GLY E 114 24.74 -4.98 3.98
N GLN E 115 25.56 -5.10 5.02
CA GLN E 115 26.98 -5.31 4.87
C GLN E 115 27.31 -6.56 4.08
N VAL E 116 26.68 -7.69 4.44
CA VAL E 116 27.02 -8.95 3.81
C VAL E 116 26.19 -9.26 2.57
N ARG E 117 25.21 -8.41 2.26
CA ARG E 117 24.18 -8.76 1.29
C ARG E 117 24.75 -9.25 -0.03
N ASP E 118 25.73 -8.53 -0.56
CA ASP E 118 26.33 -8.83 -1.85
C ASP E 118 27.20 -10.09 -1.84
N GLN E 119 27.53 -10.61 -0.67
CA GLN E 119 28.36 -11.80 -0.57
C GLN E 119 27.59 -13.05 -0.98
N ALA E 120 26.25 -12.98 -0.94
CA ALA E 120 25.42 -14.14 -1.24
C ALA E 120 24.30 -13.77 -2.20
N GLU E 121 23.89 -14.78 -2.98
CA GLU E 121 22.85 -14.63 -3.98
C GLU E 121 21.52 -14.29 -3.32
N HIS E 122 21.05 -15.23 -2.48
CA HIS E 122 19.73 -15.16 -1.86
C HIS E 122 19.78 -14.34 -0.59
N LEU E 123 18.75 -13.51 -0.41
CA LEU E 123 18.59 -12.74 0.82
C LEU E 123 18.59 -13.64 2.06
N LYS E 124 17.91 -14.78 1.99
CA LYS E 124 17.90 -15.79 3.03
C LYS E 124 19.31 -16.09 3.56
N THR E 125 20.21 -16.33 2.60
CA THR E 125 21.58 -16.71 2.92
C THR E 125 22.27 -15.55 3.63
N ALA E 126 22.01 -14.32 3.15
CA ALA E 126 22.58 -13.14 3.78
C ALA E 126 22.06 -12.95 5.20
N VAL E 127 20.78 -13.23 5.42
CA VAL E 127 20.16 -13.09 6.73
C VAL E 127 20.81 -14.06 7.71
N GLN E 128 20.97 -15.33 7.32
CA GLN E 128 21.53 -16.32 8.23
C GLN E 128 23.01 -16.05 8.48
N MET E 129 23.72 -15.57 7.45
CA MET E 129 25.10 -15.10 7.61
C MET E 129 25.16 -14.02 8.69
N ALA E 130 24.26 -13.04 8.58
CA ALA E 130 24.20 -11.91 9.49
C ALA E 130 23.83 -12.32 10.93
N VAL E 131 22.90 -13.27 11.06
CA VAL E 131 22.55 -13.85 12.36
C VAL E 131 23.79 -14.43 13.02
N PHE E 132 24.49 -15.30 12.27
CA PHE E 132 25.72 -15.92 12.71
C PHE E 132 26.74 -14.86 13.15
N ILE E 133 27.00 -13.88 12.29
CA ILE E 133 27.91 -12.80 12.64
C ILE E 133 27.50 -12.12 13.96
N HIS E 134 26.21 -11.89 14.13
CA HIS E 134 25.72 -11.11 15.25
C HIS E 134 25.86 -11.90 16.55
N ASN E 135 25.37 -13.14 16.56
CA ASN E 135 25.49 -14.03 17.71
C ASN E 135 26.99 -14.01 17.58
N LYS E 136 27.78 -15.02 17.94
CA LYS E 136 29.23 -15.05 17.68
C LYS E 136 30.13 -13.81 17.91
N LYS E 137 29.70 -12.56 17.60
CA LYS E 137 30.56 -11.40 17.82
C LYS E 137 30.77 -11.11 19.30
N ARG E 138 31.98 -10.67 19.69
CA ARG E 138 32.34 -10.43 21.08
C ARG E 138 32.53 -8.97 21.47
N LYS E 139 33.53 -8.33 20.86
CA LYS E 139 33.89 -6.96 21.21
C LYS E 139 34.20 -6.75 22.69
N GLY E 140 35.43 -6.35 22.99
CA GLY E 140 35.80 -5.90 24.33
C GLY E 140 36.55 -6.95 25.13
N GLY E 141 37.45 -6.49 25.99
CA GLY E 141 38.49 -7.34 26.55
C GLY E 141 38.05 -8.20 27.74
N ILE E 142 37.11 -7.67 28.54
CA ILE E 142 36.94 -8.08 29.94
C ILE E 142 35.68 -8.91 30.18
N GLY E 143 34.52 -8.26 30.08
CA GLY E 143 33.24 -8.98 30.09
C GLY E 143 32.96 -9.51 28.70
N GLY E 144 32.86 -8.58 27.74
CA GLY E 144 32.90 -8.87 26.32
C GLY E 144 32.79 -10.35 25.96
N TYR E 145 31.64 -10.93 26.28
CA TYR E 145 31.27 -12.24 25.73
C TYR E 145 30.24 -12.06 24.61
N SER E 146 30.01 -13.12 23.84
CA SER E 146 29.07 -13.07 22.72
C SER E 146 27.66 -13.38 23.19
N ALA E 147 26.67 -13.02 22.37
CA ALA E 147 25.28 -13.28 22.69
C ALA E 147 25.01 -14.78 22.70
N GLY E 148 25.58 -15.49 21.73
CA GLY E 148 25.50 -16.94 21.70
C GLY E 148 25.94 -17.58 23.01
N GLU E 149 26.98 -17.00 23.63
CA GLU E 149 27.47 -17.48 24.90
C GLU E 149 26.57 -17.03 26.05
N ARG E 150 26.21 -15.74 26.05
CA ARG E 150 25.36 -15.19 27.10
C ARG E 150 24.07 -16.00 27.27
N ILE E 151 23.40 -16.35 26.17
CA ILE E 151 22.13 -17.04 26.26
C ILE E 151 22.36 -18.40 26.94
N VAL E 152 23.28 -19.22 26.43
CA VAL E 152 23.50 -20.52 27.02
C VAL E 152 23.85 -20.39 28.49
N ASP E 153 24.69 -19.41 28.82
CA ASP E 153 25.04 -19.15 30.21
C ASP E 153 23.78 -18.89 31.05
N ILE E 154 22.95 -17.96 30.59
CA ILE E 154 21.75 -17.57 31.31
C ILE E 154 20.84 -18.77 31.54
N ILE E 155 20.47 -19.44 30.45
CA ILE E 155 19.55 -20.58 30.50
C ILE E 155 20.11 -21.67 31.41
N ALA E 156 21.43 -21.90 31.29
CA ALA E 156 22.10 -22.94 32.05
C ALA E 156 22.05 -22.66 33.54
N THR E 157 22.41 -21.43 33.94
CA THR E 157 22.40 -21.06 35.35
C THR E 157 20.98 -21.14 35.90
N ASP E 158 19.98 -20.86 35.05
CA ASP E 158 18.60 -20.94 35.48
C ASP E 158 18.14 -22.39 35.66
N ILE E 159 17.37 -22.65 36.71
CA ILE E 159 16.57 -23.87 36.80
C ILE E 159 17.51 -25.09 36.95
N SER F 8 33.16 -33.15 22.11
CA SER F 8 31.75 -33.57 22.26
C SER F 8 30.76 -32.43 22.06
N PRO F 9 30.94 -31.25 22.69
CA PRO F 9 29.96 -30.17 22.62
C PRO F 9 29.66 -29.68 21.19
N GLY F 10 30.64 -29.81 20.30
CA GLY F 10 30.51 -29.32 18.93
C GLY F 10 30.22 -30.39 17.89
N ILE F 11 29.98 -31.63 18.34
CA ILE F 11 29.73 -32.73 17.42
C ILE F 11 28.24 -32.93 17.21
N TRP F 12 27.82 -32.84 15.95
CA TRP F 12 26.45 -33.06 15.55
C TRP F 12 26.34 -34.13 14.48
N GLN F 13 25.11 -34.63 14.29
CA GLN F 13 24.80 -35.59 13.25
C GLN F 13 23.61 -35.07 12.44
N LEU F 14 23.69 -35.24 11.12
CA LEU F 14 22.66 -34.79 10.20
C LEU F 14 22.05 -35.98 9.47
N ASP F 15 20.72 -36.00 9.38
CA ASP F 15 20.02 -37.09 8.71
C ASP F 15 18.76 -36.64 7.98
N CYS F 16 18.43 -37.35 6.90
CA CYS F 16 17.16 -37.19 6.20
C CYS F 16 16.22 -38.36 6.47
N THR F 17 15.02 -38.07 6.97
CA THR F 17 13.94 -39.05 6.95
C THR F 17 12.98 -38.65 5.84
N HIS F 18 12.34 -39.65 5.23
CA HIS F 18 11.21 -39.45 4.35
C HIS F 18 9.94 -39.86 5.10
N LEU F 19 8.91 -39.02 4.98
CA LEU F 19 7.63 -39.28 5.62
C LEU F 19 6.53 -38.56 4.86
N GLU F 20 5.47 -39.31 4.51
CA GLU F 20 4.36 -38.77 3.74
C GLU F 20 4.87 -38.07 2.48
N GLY F 21 5.82 -38.71 1.79
CA GLY F 21 6.42 -38.13 0.60
C GLY F 21 6.95 -36.71 0.82
N LYS F 22 7.48 -36.48 2.03
CA LYS F 22 8.14 -35.24 2.37
C LYS F 22 9.49 -35.56 3.01
N VAL F 23 10.36 -34.55 3.05
CA VAL F 23 11.73 -34.73 3.53
C VAL F 23 11.93 -33.95 4.83
N ILE F 24 12.08 -34.71 5.92
CA ILE F 24 12.42 -34.12 7.21
C ILE F 24 13.93 -34.20 7.31
N LEU F 25 14.54 -33.07 7.69
CA LEU F 25 15.97 -32.97 7.90
C LEU F 25 16.18 -32.80 9.40
N VAL F 26 17.04 -33.65 9.98
CA VAL F 26 17.20 -33.71 11.43
C VAL F 26 18.66 -33.54 11.84
N ALA F 27 18.88 -32.67 12.83
CA ALA F 27 20.17 -32.46 13.46
C ALA F 27 20.12 -32.95 14.91
N VAL F 28 21.01 -33.87 15.25
CA VAL F 28 21.16 -34.34 16.63
C VAL F 28 22.47 -33.84 17.25
N HIS F 29 22.38 -33.14 18.37
CA HIS F 29 23.56 -32.86 19.16
C HIS F 29 23.91 -34.12 19.95
N VAL F 30 24.93 -34.82 19.48
CA VAL F 30 25.23 -36.18 19.90
C VAL F 30 25.35 -36.34 21.42
N ALA F 31 26.03 -35.39 22.07
CA ALA F 31 26.29 -35.50 23.50
C ALA F 31 25.01 -35.44 24.33
N SER F 32 24.14 -34.46 24.03
CA SER F 32 22.93 -34.19 24.81
C SER F 32 21.68 -34.94 24.36
N GLY F 33 21.67 -35.37 23.08
CA GLY F 33 20.50 -35.97 22.47
C GLY F 33 19.48 -34.97 21.92
N TYR F 34 19.81 -33.68 22.00
CA TYR F 34 18.93 -32.61 21.55
C TYR F 34 18.71 -32.64 20.04
N ILE F 35 17.50 -32.20 19.62
CA ILE F 35 17.07 -32.27 18.24
C ILE F 35 16.64 -30.92 17.67
N GLU F 36 17.07 -30.68 16.42
CA GLU F 36 16.43 -29.70 15.54
C GLU F 36 15.98 -30.39 14.27
N ALA F 37 14.80 -30.02 13.76
CA ALA F 37 14.29 -30.65 12.56
C ALA F 37 13.59 -29.60 11.70
N GLU F 38 13.64 -29.82 10.39
CA GLU F 38 12.96 -28.94 9.46
C GLU F 38 12.41 -29.79 8.32
N VAL F 39 11.18 -29.49 7.89
CA VAL F 39 10.62 -30.17 6.74
C VAL F 39 10.90 -29.30 5.52
N ILE F 40 11.58 -29.90 4.53
CA ILE F 40 12.11 -29.16 3.39
C ILE F 40 11.45 -29.64 2.11
N PRO F 41 11.37 -28.78 1.07
CA PRO F 41 10.60 -29.09 -0.14
C PRO F 41 11.31 -30.09 -1.05
N ALA F 42 12.66 -30.08 -1.02
CA ALA F 42 13.46 -30.99 -1.80
C ALA F 42 14.66 -31.46 -1.00
N GLU F 43 15.10 -32.70 -1.23
CA GLU F 43 16.30 -33.25 -0.61
C GLU F 43 17.54 -32.77 -1.36
N THR F 44 17.75 -31.44 -1.38
CA THR F 44 18.80 -30.85 -2.18
C THR F 44 19.96 -30.46 -1.25
N GLY F 45 21.12 -30.21 -1.86
CA GLY F 45 22.28 -29.66 -1.17
C GLY F 45 22.08 -28.21 -0.74
N GLN F 46 21.34 -27.44 -1.56
CA GLN F 46 21.00 -26.06 -1.22
C GLN F 46 20.25 -26.00 0.11
N GLU F 47 19.23 -26.85 0.22
CA GLU F 47 18.37 -26.89 1.39
C GLU F 47 19.12 -27.36 2.63
N THR F 48 19.89 -28.44 2.46
CA THR F 48 20.77 -28.95 3.49
C THR F 48 21.73 -27.89 4.01
N ALA F 49 22.39 -27.18 3.10
CA ALA F 49 23.35 -26.13 3.43
C ALA F 49 22.71 -24.95 4.16
N TYR F 50 21.55 -24.49 3.67
CA TYR F 50 20.82 -23.42 4.35
C TYR F 50 20.42 -23.85 5.76
N PHE F 51 20.08 -25.13 5.93
CA PHE F 51 19.81 -25.67 7.25
C PHE F 51 21.03 -25.53 8.16
N LEU F 52 22.16 -26.05 7.66
CA LEU F 52 23.42 -26.01 8.38
C LEU F 52 23.83 -24.61 8.83
N LEU F 53 23.60 -23.61 7.98
CA LEU F 53 23.85 -22.23 8.35
C LEU F 53 23.02 -21.78 9.56
N LYS F 54 21.73 -22.11 9.53
CA LYS F 54 20.85 -21.78 10.63
C LYS F 54 21.35 -22.44 11.93
N LEU F 55 21.74 -23.71 11.81
CA LEU F 55 22.20 -24.48 12.94
C LEU F 55 23.45 -23.85 13.55
N ALA F 56 24.36 -23.45 12.67
CA ALA F 56 25.70 -23.01 13.06
C ALA F 56 25.64 -21.61 13.67
N GLY F 57 24.63 -20.84 13.29
CA GLY F 57 24.50 -19.49 13.82
C GLY F 57 23.95 -19.49 15.23
N ARG F 58 23.44 -20.65 15.63
CA ARG F 58 22.73 -20.85 16.89
C ARG F 58 23.55 -21.65 17.92
N TRP F 59 24.34 -22.62 17.43
CA TRP F 59 25.20 -23.45 18.26
C TRP F 59 26.65 -23.41 17.82
N PRO F 60 27.63 -23.54 18.75
CA PRO F 60 29.03 -23.77 18.37
C PRO F 60 29.20 -25.18 17.80
N VAL F 61 29.22 -25.23 16.46
CA VAL F 61 29.29 -26.49 15.74
C VAL F 61 30.69 -26.67 15.18
N LYS F 62 31.41 -27.68 15.67
CA LYS F 62 32.73 -27.97 15.15
C LYS F 62 32.70 -29.02 14.04
N THR F 63 31.89 -30.07 14.24
CA THR F 63 31.94 -31.22 13.37
C THR F 63 30.54 -31.74 13.06
N VAL F 64 30.31 -32.12 11.79
CA VAL F 64 29.03 -32.67 11.37
C VAL F 64 29.26 -34.06 10.76
N HIS F 65 28.54 -35.05 11.30
CA HIS F 65 28.52 -36.41 10.78
C HIS F 65 27.34 -36.58 9.82
N THR F 66 27.63 -37.11 8.62
CA THR F 66 26.62 -37.32 7.60
C THR F 66 26.92 -38.60 6.84
N ASP F 67 25.97 -39.01 5.99
CA ASP F 67 26.19 -40.15 5.11
C ASP F 67 26.71 -39.66 3.76
N ASN F 68 26.90 -40.57 2.79
CA ASN F 68 27.29 -40.17 1.44
C ASN F 68 26.12 -39.66 0.60
N GLY F 69 25.06 -39.21 1.26
CA GLY F 69 23.93 -38.58 0.59
C GLY F 69 24.43 -37.51 -0.39
N SER F 70 23.95 -37.58 -1.64
CA SER F 70 24.29 -36.58 -2.64
C SER F 70 24.04 -35.16 -2.15
N ASN F 71 23.02 -35.00 -1.30
CA ASN F 71 22.74 -33.70 -0.68
C ASN F 71 23.81 -33.28 0.31
N PHE F 72 24.44 -34.26 0.98
CA PHE F 72 25.47 -34.00 1.98
C PHE F 72 26.86 -33.87 1.38
N THR F 73 27.11 -34.60 0.29
CA THR F 73 28.35 -34.46 -0.46
C THR F 73 28.30 -33.29 -1.44
N SER F 74 27.18 -32.56 -1.47
CA SER F 74 27.03 -31.42 -2.35
C SER F 74 28.00 -30.29 -2.00
N THR F 75 28.37 -29.52 -3.04
CA THR F 75 29.29 -28.41 -2.91
C THR F 75 28.72 -27.24 -2.12
N THR F 76 27.40 -27.04 -2.16
CA THR F 76 26.77 -26.03 -1.33
C THR F 76 26.98 -26.29 0.16
N VAL F 77 26.88 -27.57 0.55
CA VAL F 77 27.08 -27.97 1.94
C VAL F 77 28.55 -27.73 2.30
N LYS F 78 29.45 -28.17 1.41
CA LYS F 78 30.88 -27.97 1.60
C LYS F 78 31.23 -26.50 1.83
N ALA F 79 30.67 -25.64 0.98
CA ALA F 79 30.81 -24.20 1.10
C ALA F 79 30.37 -23.68 2.48
N ALA F 80 29.18 -24.10 2.93
CA ALA F 80 28.69 -23.71 4.24
C ALA F 80 29.67 -24.09 5.35
N CYS F 81 30.18 -25.33 5.25
CA CYS F 81 31.09 -25.87 6.25
C CYS F 81 32.39 -25.08 6.30
N TRP F 82 33.01 -24.87 5.14
CA TRP F 82 34.24 -24.10 5.05
C TRP F 82 34.05 -22.68 5.57
N TRP F 83 32.91 -22.08 5.26
CA TRP F 83 32.64 -20.72 5.68
C TRP F 83 32.55 -20.61 7.19
N ALA F 84 31.78 -21.52 7.78
CA ALA F 84 31.52 -21.50 9.21
C ALA F 84 32.57 -22.26 10.02
N GLY F 85 33.54 -22.89 9.35
CA GLY F 85 34.58 -23.62 10.05
C GLY F 85 34.14 -24.95 10.69
N ILE F 86 33.18 -25.61 10.05
CA ILE F 86 32.75 -26.94 10.41
C ILE F 86 33.51 -28.01 9.63
N LYS F 87 34.09 -28.98 10.34
CA LYS F 87 34.65 -30.17 9.71
C LYS F 87 33.48 -31.11 9.43
N GLN F 88 33.48 -31.72 8.25
CA GLN F 88 32.46 -32.68 7.89
C GLN F 88 33.07 -34.08 7.87
N GLU F 89 32.51 -35.00 8.65
CA GLU F 89 32.91 -36.39 8.66
C GLU F 89 31.88 -37.22 7.90
N PHE F 90 32.34 -38.32 7.30
CA PHE F 90 31.50 -39.16 6.46
C PHE F 90 31.59 -40.59 6.97
N ILE F 102 23.98 -41.67 17.81
CA ILE F 102 23.37 -42.85 17.22
C ILE F 102 21.96 -42.51 16.74
N GLU F 103 21.36 -43.42 15.95
CA GLU F 103 20.03 -43.24 15.36
C GLU F 103 18.89 -43.80 16.21
N SER F 104 19.05 -43.82 17.55
CA SER F 104 17.92 -43.93 18.46
C SER F 104 17.19 -42.61 18.69
N MET F 105 17.89 -41.46 18.59
CA MET F 105 17.22 -40.16 18.73
C MET F 105 16.38 -39.86 17.49
N ASN F 106 16.82 -40.42 16.36
CA ASN F 106 16.10 -40.32 15.10
C ASN F 106 14.87 -41.23 15.08
N LYS F 107 15.05 -42.48 15.54
CA LYS F 107 13.95 -43.42 15.59
C LYS F 107 12.90 -43.01 16.64
N GLU F 108 13.34 -42.49 17.78
CA GLU F 108 12.43 -41.96 18.79
C GLU F 108 11.59 -40.83 18.18
N LEU F 109 12.24 -39.96 17.39
CA LEU F 109 11.53 -38.84 16.80
C LEU F 109 10.39 -39.33 15.93
N LYS F 110 10.66 -40.34 15.10
CA LYS F 110 9.63 -40.90 14.24
C LYS F 110 8.45 -41.37 15.08
N LYS F 111 8.75 -42.13 16.14
CA LYS F 111 7.72 -42.62 17.06
C LYS F 111 6.80 -41.48 17.53
N ILE F 112 7.40 -40.43 18.08
CA ILE F 112 6.63 -39.32 18.63
C ILE F 112 5.78 -38.64 17.56
N ILE F 113 6.35 -38.50 16.35
CA ILE F 113 5.60 -37.89 15.25
C ILE F 113 4.34 -38.73 15.03
N GLY F 114 4.52 -40.05 14.92
CA GLY F 114 3.40 -40.96 14.78
C GLY F 114 2.33 -40.75 15.86
N GLN F 115 2.79 -40.64 17.11
CA GLN F 115 1.91 -40.43 18.24
C GLN F 115 1.08 -39.15 18.10
N VAL F 116 1.73 -38.04 17.75
CA VAL F 116 1.05 -36.76 17.72
C VAL F 116 0.43 -36.44 16.35
N ARG F 117 0.68 -37.27 15.35
CA ARG F 117 0.45 -36.90 13.97
C ARG F 117 -0.96 -36.37 13.73
N ASP F 118 -1.96 -37.07 14.26
CA ASP F 118 -3.36 -36.71 14.05
C ASP F 118 -3.79 -35.45 14.79
N GLN F 119 -2.97 -34.96 15.72
CA GLN F 119 -3.30 -33.78 16.48
C GLN F 119 -3.19 -32.52 15.64
N ALA F 120 -2.44 -32.59 14.54
CA ALA F 120 -2.24 -31.45 13.66
C ALA F 120 -2.48 -31.82 12.21
N GLU F 121 -2.91 -30.82 11.44
CA GLU F 121 -3.21 -30.98 10.02
C GLU F 121 -1.93 -31.31 9.25
N HIS F 122 -0.98 -30.37 9.29
CA HIS F 122 0.25 -30.42 8.52
C HIS F 122 1.30 -31.26 9.25
N LEU F 123 2.00 -32.08 8.47
CA LEU F 123 3.12 -32.87 8.97
C LEU F 123 4.17 -32.00 9.66
N LYS F 124 4.48 -30.84 9.06
CA LYS F 124 5.45 -29.93 9.65
C LYS F 124 5.09 -29.59 11.10
N THR F 125 3.80 -29.32 11.35
CA THR F 125 3.35 -28.96 12.67
C THR F 125 3.56 -30.13 13.63
N ALA F 126 3.27 -31.35 13.15
CA ALA F 126 3.48 -32.54 13.95
C ALA F 126 4.96 -32.77 14.28
N VAL F 127 5.82 -32.49 13.30
CA VAL F 127 7.25 -32.65 13.47
C VAL F 127 7.76 -31.71 14.57
N GLN F 128 7.36 -30.43 14.50
CA GLN F 128 7.84 -29.47 15.49
C GLN F 128 7.27 -29.74 16.87
N MET F 129 6.01 -30.22 16.91
CA MET F 129 5.41 -30.67 18.16
C MET F 129 6.26 -31.78 18.77
N ALA F 130 6.63 -32.77 17.94
CA ALA F 130 7.42 -33.91 18.36
C ALA F 130 8.83 -33.55 18.83
N VAL F 131 9.46 -32.60 18.12
CA VAL F 131 10.75 -32.06 18.53
C VAL F 131 10.65 -31.48 19.94
N PHE F 132 9.66 -30.59 20.13
CA PHE F 132 9.37 -29.98 21.42
C PHE F 132 9.17 -31.03 22.52
N ILE F 133 8.29 -31.99 22.26
CA ILE F 133 8.08 -33.09 23.18
C ILE F 133 9.39 -33.79 23.56
N HIS F 134 10.24 -34.03 22.55
CA HIS F 134 11.45 -34.81 22.75
C HIS F 134 12.46 -34.04 23.61
N ASN F 135 12.73 -32.79 23.20
CA ASN F 135 13.70 -31.96 23.89
C ASN F 135 13.29 -31.67 25.35
N LYS F 136 11.98 -31.55 25.61
CA LYS F 136 11.52 -31.16 26.93
C LYS F 136 11.28 -32.31 27.91
N LYS F 137 11.23 -33.54 27.39
CA LYS F 137 10.97 -34.72 28.21
C LYS F 137 12.15 -35.01 29.15
N ARG F 138 11.86 -35.47 30.38
CA ARG F 138 12.88 -35.69 31.40
C ARG F 138 13.05 -37.16 31.80
N LYS F 139 11.99 -37.76 32.35
CA LYS F 139 12.07 -38.98 33.15
C LYS F 139 11.52 -38.62 34.59
N TYR F 145 18.01 -32.88 33.23
CA TYR F 145 17.72 -34.28 32.83
C TYR F 145 17.02 -34.27 31.47
N SER F 146 16.60 -33.10 30.99
CA SER F 146 16.02 -32.99 29.63
C SER F 146 17.16 -32.84 28.63
N ALA F 147 16.90 -33.13 27.34
CA ALA F 147 17.93 -32.88 26.35
C ALA F 147 18.12 -31.38 26.14
N GLY F 148 17.01 -30.65 26.11
CA GLY F 148 17.06 -29.20 26.05
C GLY F 148 17.94 -28.58 27.13
N GLU F 149 17.90 -29.18 28.32
CA GLU F 149 18.70 -28.72 29.44
C GLU F 149 20.15 -29.20 29.30
N ARG F 150 20.32 -30.49 28.98
CA ARG F 150 21.64 -31.07 28.83
C ARG F 150 22.51 -30.27 27.85
N ILE F 151 21.95 -29.89 26.69
CA ILE F 151 22.75 -29.20 25.70
C ILE F 151 23.23 -27.86 26.28
N VAL F 152 22.31 -27.03 26.78
CA VAL F 152 22.72 -25.73 27.29
C VAL F 152 23.77 -25.90 28.38
N ASP F 153 23.55 -26.88 29.27
CA ASP F 153 24.52 -27.18 30.30
C ASP F 153 25.91 -27.47 29.72
N ILE F 154 25.95 -28.39 28.78
CA ILE F 154 27.20 -28.82 28.15
C ILE F 154 27.92 -27.63 27.52
N ILE F 155 27.22 -26.93 26.61
CA ILE F 155 27.82 -25.81 25.89
C ILE F 155 28.29 -24.73 26.87
N ALA F 156 27.48 -24.49 27.91
CA ALA F 156 27.79 -23.47 28.89
C ALA F 156 29.06 -23.80 29.66
N THR F 157 29.16 -25.03 30.18
CA THR F 157 30.33 -25.46 30.93
C THR F 157 31.57 -25.39 30.05
N ASP F 158 31.40 -25.65 28.75
CA ASP F 158 32.52 -25.58 27.82
C ASP F 158 32.97 -24.15 27.58
N ILE F 159 32.06 -23.17 27.54
CA ILE F 159 32.46 -21.79 27.40
C ILE F 159 33.10 -21.33 28.70
N GLN F 160 32.46 -21.62 29.84
CA GLN F 160 32.85 -21.11 31.17
C GLN F 160 34.10 -21.74 31.80
N THR F 161 34.52 -22.91 31.30
CA THR F 161 35.75 -23.55 31.71
C THR F 161 36.53 -24.06 30.50
N GLN G 3 -5.86 -33.00 31.68
CA GLN G 3 -5.71 -32.75 30.24
C GLN G 3 -6.65 -31.62 29.79
N ASN G 4 -6.05 -30.50 29.35
CA ASN G 4 -6.76 -29.28 29.03
C ASN G 4 -6.97 -29.06 27.52
N PHE G 5 -8.23 -29.10 27.08
CA PHE G 5 -8.58 -29.02 25.66
C PHE G 5 -9.08 -27.62 25.31
N ARG G 6 -8.53 -27.07 24.22
CA ARG G 6 -8.91 -25.75 23.74
C ARG G 6 -9.56 -25.88 22.38
N VAL G 7 -10.69 -25.18 22.21
CA VAL G 7 -11.44 -25.24 20.96
C VAL G 7 -11.36 -23.92 20.22
N TYR G 8 -10.98 -24.00 18.95
CA TYR G 8 -10.92 -22.87 18.03
C TYR G 8 -11.98 -23.20 17.00
N TYR G 9 -12.81 -22.22 16.66
CA TYR G 9 -14.03 -22.49 15.92
C TYR G 9 -14.35 -21.36 14.94
N ARG G 10 -15.13 -21.69 13.89
CA ARG G 10 -15.62 -20.68 12.99
C ARG G 10 -17.14 -20.73 12.90
N ASP G 11 -17.73 -19.53 12.97
CA ASP G 11 -19.12 -19.24 12.65
C ASP G 11 -19.38 -18.74 11.23
N SER G 12 -19.45 -19.68 10.27
CA SER G 12 -19.55 -19.35 8.86
C SER G 12 -18.38 -18.43 8.45
N PRO G 15 -14.66 -15.69 7.41
CA PRO G 15 -14.20 -15.17 8.70
C PRO G 15 -12.88 -15.77 9.17
N VAL G 16 -12.57 -15.55 10.46
CA VAL G 16 -11.36 -15.98 11.13
C VAL G 16 -11.73 -16.87 12.33
N TRP G 17 -10.83 -17.79 12.62
CA TRP G 17 -10.98 -18.71 13.74
C TRP G 17 -11.05 -17.91 15.04
N LYS G 18 -11.95 -18.34 15.93
CA LYS G 18 -12.18 -17.66 17.19
C LYS G 18 -11.45 -18.38 18.30
N GLY G 19 -11.01 -17.56 19.28
CA GLY G 19 -9.85 -17.82 20.11
C GLY G 19 -10.09 -19.07 20.93
N PRO G 20 -9.34 -19.33 22.02
CA PRO G 20 -9.56 -20.57 22.77
C PRO G 20 -10.86 -20.51 23.56
N ALA G 21 -11.69 -21.56 23.37
CA ALA G 21 -12.95 -21.72 24.07
C ALA G 21 -12.96 -23.09 24.76
N LYS G 22 -13.72 -23.17 25.87
CA LYS G 22 -13.75 -24.37 26.67
C LYS G 22 -14.66 -25.43 26.06
N LEU G 23 -14.20 -26.68 26.04
CA LEU G 23 -14.99 -27.78 25.55
C LEU G 23 -15.89 -28.26 26.68
N LEU G 24 -17.22 -28.20 26.43
CA LEU G 24 -18.22 -28.69 27.35
C LEU G 24 -18.65 -30.11 26.97
N TRP G 25 -18.98 -30.30 25.69
CA TRP G 25 -19.41 -31.58 25.19
C TRP G 25 -19.11 -31.74 23.71
N LYS G 26 -18.65 -32.94 23.35
CA LYS G 26 -18.28 -33.27 21.98
C LYS G 26 -19.17 -34.44 21.58
N GLY G 27 -19.92 -34.24 20.50
CA GLY G 27 -20.77 -35.27 19.95
C GLY G 27 -20.57 -35.42 18.46
N GLU G 28 -21.01 -36.58 17.93
CA GLU G 28 -20.81 -36.98 16.55
C GLU G 28 -20.64 -35.83 15.54
N GLY G 29 -21.64 -34.94 15.47
CA GLY G 29 -21.67 -33.92 14.44
C GLY G 29 -21.54 -32.50 14.96
N ALA G 30 -21.26 -32.34 16.25
CA ALA G 30 -21.26 -31.03 16.88
C ALA G 30 -20.46 -30.97 18.18
N VAL G 31 -20.09 -29.75 18.56
CA VAL G 31 -19.39 -29.54 19.80
C VAL G 31 -20.01 -28.34 20.50
N VAL G 32 -20.19 -28.48 21.82
CA VAL G 32 -20.74 -27.42 22.65
C VAL G 32 -19.58 -26.88 23.46
N ILE G 33 -19.36 -25.58 23.32
CA ILE G 33 -18.20 -24.90 23.84
C ILE G 33 -18.64 -23.66 24.60
N GLN G 34 -17.78 -23.17 25.50
CA GLN G 34 -18.06 -21.96 26.22
C GLN G 34 -16.94 -20.97 25.93
N ASP G 35 -17.32 -19.87 25.28
CA ASP G 35 -16.39 -18.76 25.05
C ASP G 35 -16.81 -17.59 25.92
N ASN G 36 -15.98 -17.22 26.90
CA ASN G 36 -16.26 -16.08 27.78
C ASN G 36 -17.72 -15.98 28.24
N SER G 37 -18.26 -17.07 28.79
CA SER G 37 -19.57 -17.10 29.41
C SER G 37 -20.73 -17.28 28.43
N ASP G 38 -20.39 -17.42 27.15
CA ASP G 38 -21.37 -17.74 26.11
C ASP G 38 -21.25 -19.20 25.68
N ILE G 39 -22.29 -19.99 25.97
CA ILE G 39 -22.37 -21.36 25.48
C ILE G 39 -22.71 -21.25 24.00
N LYS G 40 -22.05 -22.07 23.16
CA LYS G 40 -22.20 -22.04 21.72
C LYS G 40 -22.09 -23.45 21.17
N VAL G 41 -22.73 -23.68 20.02
CA VAL G 41 -22.78 -25.00 19.42
C VAL G 41 -22.38 -24.88 17.97
N VAL G 42 -21.31 -25.59 17.60
CA VAL G 42 -20.81 -25.51 16.24
C VAL G 42 -20.66 -26.94 15.75
N PRO G 43 -20.71 -27.16 14.41
CA PRO G 43 -20.47 -28.49 13.87
C PRO G 43 -19.04 -28.91 14.22
N ARG G 44 -18.83 -30.23 14.36
CA ARG G 44 -17.51 -30.79 14.60
C ARG G 44 -16.54 -30.30 13.52
N ARG G 45 -17.01 -30.26 12.27
CA ARG G 45 -16.18 -29.86 11.15
C ARG G 45 -15.80 -28.38 11.14
N LYS G 46 -16.42 -27.56 11.98
CA LYS G 46 -16.02 -26.17 12.11
C LYS G 46 -15.25 -25.93 13.41
N ALA G 47 -14.68 -27.00 13.96
CA ALA G 47 -14.04 -26.93 15.27
C ALA G 47 -12.69 -27.65 15.26
N LYS G 48 -11.68 -26.90 15.70
CA LYS G 48 -10.30 -27.36 15.88
C LYS G 48 -10.14 -27.56 17.38
N ILE G 49 -9.89 -28.80 17.81
CA ILE G 49 -9.78 -29.11 19.22
C ILE G 49 -8.36 -29.58 19.55
N ILE G 50 -7.61 -28.76 20.28
CA ILE G 50 -6.21 -29.03 20.50
C ILE G 50 -5.95 -29.20 21.99
N ARG G 51 -5.28 -30.29 22.37
CA ARG G 51 -4.93 -30.51 23.76
C ARG G 51 -3.61 -29.82 24.10
N ASP G 52 -3.58 -29.12 25.22
CA ASP G 52 -2.36 -28.49 25.70
C ASP G 52 -1.22 -29.49 25.90
N TYR G 53 0.01 -28.97 25.88
CA TYR G 53 1.18 -29.79 26.11
C TYR G 53 1.14 -30.41 27.50
N ASN H 4 40.47 -14.69 3.87
CA ASN H 4 40.57 -15.98 3.18
C ASN H 4 39.38 -16.24 2.24
N PHE H 5 39.68 -16.23 0.93
CA PHE H 5 38.67 -16.37 -0.11
C PHE H 5 38.68 -17.79 -0.68
N ARG H 6 37.48 -18.38 -0.78
CA ARG H 6 37.32 -19.70 -1.39
C ARG H 6 36.51 -19.56 -2.67
N VAL H 7 37.01 -20.18 -3.73
CA VAL H 7 36.37 -20.12 -5.04
C VAL H 7 35.78 -21.49 -5.39
N TYR H 8 34.49 -21.48 -5.74
CA TYR H 8 33.79 -22.64 -6.24
C TYR H 8 33.46 -22.26 -7.67
N TYR H 9 33.68 -23.20 -8.59
CA TYR H 9 33.66 -22.87 -10.01
C TYR H 9 33.07 -24.01 -10.84
N ARG H 10 32.56 -23.67 -12.03
CA ARG H 10 32.22 -24.69 -13.01
C ARG H 10 33.05 -24.48 -14.26
N ASP H 11 33.83 -25.52 -14.60
CA ASP H 11 34.50 -25.60 -15.89
C ASP H 11 33.84 -26.72 -16.69
N SER H 12 34.15 -26.73 -17.99
CA SER H 12 33.61 -27.69 -18.93
C SER H 12 32.09 -27.56 -18.93
N ARG H 13 31.42 -28.62 -19.39
CA ARG H 13 29.97 -28.70 -19.39
C ARG H 13 29.39 -29.15 -18.06
N ASP H 14 30.24 -29.70 -17.17
CA ASP H 14 29.79 -30.37 -15.96
C ASP H 14 29.05 -29.42 -15.02
N PRO H 15 27.76 -29.69 -14.67
CA PRO H 15 26.99 -28.76 -13.84
C PRO H 15 27.26 -28.77 -12.33
N VAL H 16 28.25 -29.58 -11.88
CA VAL H 16 28.59 -29.65 -10.47
C VAL H 16 29.80 -28.80 -10.05
N TRP H 17 29.55 -27.93 -9.07
CA TRP H 17 30.53 -26.94 -8.64
C TRP H 17 31.75 -27.69 -8.10
N LYS H 18 32.92 -27.15 -8.42
CA LYS H 18 34.17 -27.78 -8.02
C LYS H 18 34.71 -27.07 -6.79
N GLY H 19 35.39 -27.88 -5.96
CA GLY H 19 35.48 -27.73 -4.51
C GLY H 19 36.13 -26.39 -4.20
N PRO H 20 36.62 -26.15 -2.97
CA PRO H 20 37.26 -24.87 -2.67
C PRO H 20 38.62 -24.79 -3.37
N ALA H 21 38.80 -23.68 -4.11
CA ALA H 21 40.05 -23.37 -4.79
C ALA H 21 40.52 -21.99 -4.34
N LYS H 22 41.84 -21.79 -4.36
CA LYS H 22 42.43 -20.56 -3.88
C LYS H 22 42.32 -19.45 -4.93
N LEU H 23 41.94 -18.25 -4.49
CA LEU H 23 41.86 -17.11 -5.38
C LEU H 23 43.23 -16.50 -5.53
N LEU H 24 43.72 -16.46 -6.79
CA LEU H 24 45.00 -15.84 -7.11
C LEU H 24 44.76 -14.41 -7.62
N TRP H 25 43.85 -14.28 -8.59
CA TRP H 25 43.48 -12.97 -9.11
C TRP H 25 42.07 -12.97 -9.71
N LYS H 26 41.35 -11.87 -9.44
CA LYS H 26 39.99 -11.69 -9.90
C LYS H 26 40.00 -10.45 -10.77
N GLY H 27 39.58 -10.62 -12.03
CA GLY H 27 39.45 -9.53 -12.98
C GLY H 27 38.07 -9.52 -13.63
N GLU H 28 37.62 -8.32 -14.01
CA GLU H 28 36.39 -8.14 -14.74
C GLU H 28 36.61 -9.14 -15.87
N GLY H 29 35.81 -10.21 -15.85
CA GLY H 29 35.74 -11.14 -16.97
C GLY H 29 36.18 -12.56 -16.62
N ALA H 30 37.15 -12.66 -15.70
CA ALA H 30 37.75 -13.94 -15.37
C ALA H 30 38.41 -13.96 -14.00
N VAL H 31 38.61 -15.17 -13.49
CA VAL H 31 39.27 -15.37 -12.22
C VAL H 31 40.31 -16.47 -12.40
N VAL H 32 41.50 -16.22 -11.81
CA VAL H 32 42.58 -17.18 -11.85
C VAL H 32 42.66 -17.76 -10.44
N ILE H 33 42.55 -19.10 -10.40
CA ILE H 33 42.39 -19.83 -9.16
C ILE H 33 43.39 -20.98 -9.16
N GLN H 34 43.71 -21.49 -7.97
CA GLN H 34 44.56 -22.64 -7.85
C GLN H 34 43.79 -23.72 -7.12
N ASP H 35 43.54 -24.82 -7.82
CA ASP H 35 42.90 -26.00 -7.24
C ASP H 35 43.95 -27.09 -7.12
N ASN H 36 44.26 -27.49 -5.87
CA ASN H 36 45.47 -28.22 -5.56
C ASN H 36 46.62 -27.61 -6.38
N SER H 37 47.27 -28.42 -7.21
CA SER H 37 48.48 -28.02 -7.92
C SER H 37 48.21 -27.24 -9.22
N ASP H 38 46.92 -27.05 -9.55
CA ASP H 38 46.53 -26.66 -10.90
C ASP H 38 46.05 -25.22 -10.92
N ILE H 39 46.80 -24.33 -11.58
CA ILE H 39 46.31 -22.99 -11.88
C ILE H 39 45.27 -23.15 -12.98
N LYS H 40 44.14 -22.42 -12.85
CA LYS H 40 43.02 -22.52 -13.76
C LYS H 40 42.41 -21.14 -13.92
N VAL H 41 41.74 -20.96 -15.07
CA VAL H 41 41.13 -19.70 -15.41
C VAL H 41 39.67 -19.99 -15.80
N VAL H 42 38.76 -19.35 -15.08
CA VAL H 42 37.35 -19.50 -15.37
C VAL H 42 36.75 -18.11 -15.50
N PRO H 43 35.63 -17.96 -16.24
CA PRO H 43 34.97 -16.66 -16.31
C PRO H 43 34.48 -16.29 -14.92
N ARG H 44 34.42 -14.97 -14.66
CA ARG H 44 33.88 -14.46 -13.41
C ARG H 44 32.49 -15.04 -13.16
N ARG H 45 31.69 -15.09 -14.23
CA ARG H 45 30.32 -15.56 -14.16
C ARG H 45 30.16 -17.05 -13.85
N LYS H 46 31.26 -17.82 -13.94
CA LYS H 46 31.20 -19.22 -13.56
C LYS H 46 31.90 -19.47 -12.22
N ALA H 47 32.02 -18.39 -11.42
CA ALA H 47 32.80 -18.47 -10.19
C ALA H 47 32.04 -17.84 -9.03
N LYS H 48 31.92 -18.65 -7.96
CA LYS H 48 31.33 -18.26 -6.70
C LYS H 48 32.50 -18.03 -5.77
N ILE H 49 32.66 -16.79 -5.29
CA ILE H 49 33.77 -16.42 -4.43
C ILE H 49 33.23 -16.03 -3.06
N ILE H 50 33.55 -16.86 -2.06
CA ILE H 50 32.99 -16.68 -0.72
C ILE H 50 34.13 -16.40 0.22
N ARG H 51 34.02 -15.31 1.00
CA ARG H 51 35.02 -15.03 2.02
C ARG H 51 34.64 -15.77 3.30
N ASP H 52 35.63 -16.43 3.92
CA ASP H 52 35.39 -17.16 5.16
C ASP H 52 34.93 -16.22 6.26
N TYR H 53 34.28 -16.76 7.29
CA TYR H 53 33.82 -15.94 8.41
C TYR H 53 35.08 -15.38 9.15
N SER I 8 -15.37 32.21 6.70
CA SER I 8 -14.55 32.52 5.54
C SER I 8 -14.35 31.35 4.57
N PRO I 9 -13.99 30.14 5.05
CA PRO I 9 -13.66 29.03 4.15
C PRO I 9 -14.77 28.64 3.17
N GLY I 10 -16.02 28.86 3.59
CA GLY I 10 -17.16 28.46 2.77
C GLY I 10 -17.83 29.60 2.01
N ILE I 11 -17.23 30.80 2.05
CA ILE I 11 -17.82 31.96 1.39
C ILE I 11 -17.24 32.13 -0.01
N TRP I 12 -18.13 32.12 -1.00
CA TRP I 12 -17.78 32.33 -2.39
C TRP I 12 -18.59 33.48 -2.99
N GLN I 13 -18.12 33.93 -4.17
CA GLN I 13 -18.84 34.91 -4.96
C GLN I 13 -18.99 34.41 -6.39
N LEU I 14 -20.17 34.65 -6.98
CA LEU I 14 -20.48 34.24 -8.33
C LEU I 14 -20.75 35.45 -9.22
N ASP I 15 -20.13 35.46 -10.40
CA ASP I 15 -20.34 36.54 -11.36
C ASP I 15 -20.37 36.06 -12.81
N CYS I 16 -21.11 36.80 -13.65
CA CYS I 16 -21.06 36.64 -15.09
C CYS I 16 -20.29 37.77 -15.75
N THR I 17 -19.25 37.44 -16.53
CA THR I 17 -18.64 38.39 -17.44
C THR I 17 -19.11 38.03 -18.85
N HIS I 18 -19.22 39.07 -19.70
CA HIS I 18 -19.45 38.89 -21.11
C HIS I 18 -18.16 39.18 -21.86
N LEU I 19 -17.83 38.31 -22.83
CA LEU I 19 -16.64 38.48 -23.64
C LEU I 19 -16.82 37.78 -24.97
N GLU I 20 -16.56 38.50 -26.08
CA GLU I 20 -16.72 37.96 -27.42
C GLU I 20 -18.11 37.36 -27.60
N GLY I 21 -19.13 38.08 -27.12
CA GLY I 21 -20.50 37.61 -27.19
C GLY I 21 -20.68 36.21 -26.59
N LYS I 22 -19.92 35.94 -25.53
CA LYS I 22 -20.03 34.71 -24.77
C LYS I 22 -20.11 35.05 -23.29
N VAL I 23 -20.58 34.08 -22.50
CA VAL I 23 -20.83 34.26 -21.09
C VAL I 23 -19.86 33.40 -20.29
N ILE I 24 -18.91 34.06 -19.61
CA ILE I 24 -18.01 33.40 -18.69
C ILE I 24 -18.66 33.53 -17.32
N LEU I 25 -18.72 32.39 -16.61
CA LEU I 25 -19.28 32.33 -15.28
C LEU I 25 -18.12 32.05 -14.32
N VAL I 26 -17.98 32.89 -13.30
CA VAL I 26 -16.80 32.89 -12.45
C VAL I 26 -17.16 32.77 -10.97
N ALA I 27 -16.47 31.84 -10.30
CA ALA I 27 -16.58 31.63 -8.87
C ALA I 27 -15.27 32.01 -8.21
N VAL I 28 -15.33 32.95 -7.25
CA VAL I 28 -14.17 33.31 -6.46
C VAL I 28 -14.31 32.85 -5.02
N HIS I 29 -13.33 32.05 -4.54
CA HIS I 29 -13.25 31.75 -3.13
C HIS I 29 -12.63 32.95 -2.43
N VAL I 30 -13.48 33.73 -1.77
CA VAL I 30 -13.14 35.06 -1.29
C VAL I 30 -11.86 35.10 -0.45
N ALA I 31 -11.73 34.13 0.46
CA ALA I 31 -10.60 34.08 1.38
C ALA I 31 -9.26 33.94 0.68
N SER I 32 -9.16 32.98 -0.26
CA SER I 32 -7.90 32.62 -0.91
C SER I 32 -7.63 33.36 -2.21
N GLY I 33 -8.69 33.88 -2.84
CA GLY I 33 -8.61 34.49 -4.17
C GLY I 33 -8.66 33.49 -5.33
N TYR I 34 -8.85 32.21 -5.01
CA TYR I 34 -8.90 31.15 -6.01
C TYR I 34 -10.11 31.28 -6.93
N ILE I 35 -9.91 30.84 -8.20
CA ILE I 35 -10.90 31.00 -9.25
C ILE I 35 -11.30 29.67 -9.90
N GLU I 36 -12.61 29.54 -10.12
CA GLU I 36 -13.14 28.60 -11.10
C GLU I 36 -13.97 29.37 -12.13
N ALA I 37 -13.84 28.99 -13.40
CA ALA I 37 -14.58 29.67 -14.44
C ALA I 37 -15.03 28.67 -15.48
N GLU I 38 -16.18 28.96 -16.09
CA GLU I 38 -16.69 28.12 -17.15
C GLU I 38 -17.37 29.02 -18.17
N VAL I 39 -17.17 28.73 -19.45
CA VAL I 39 -17.84 29.46 -20.51
C VAL I 39 -19.09 28.68 -20.86
N ILE I 40 -20.25 29.37 -20.79
CA ILE I 40 -21.55 28.72 -20.92
C ILE I 40 -22.26 29.30 -22.14
N PRO I 41 -23.21 28.53 -22.74
CA PRO I 41 -23.86 28.96 -23.97
C PRO I 41 -24.88 30.07 -23.76
N ALA I 42 -25.53 30.08 -22.58
CA ALA I 42 -26.56 31.05 -22.27
C ALA I 42 -26.45 31.49 -20.82
N GLU I 43 -26.79 32.76 -20.55
CA GLU I 43 -26.83 33.29 -19.20
C GLU I 43 -28.13 32.90 -18.51
N THR I 44 -28.36 31.58 -18.36
CA THR I 44 -29.60 31.04 -17.85
C THR I 44 -29.39 30.61 -16.40
N GLY I 45 -30.51 30.42 -15.70
CA GLY I 45 -30.52 29.85 -14.36
C GLY I 45 -30.14 28.38 -14.34
N GLN I 46 -30.53 27.64 -15.39
CA GLN I 46 -30.17 26.24 -15.55
C GLN I 46 -28.65 26.08 -15.54
N GLU I 47 -27.98 26.90 -16.35
CA GLU I 47 -26.53 26.84 -16.51
C GLU I 47 -25.82 27.25 -15.23
N THR I 48 -26.27 28.36 -14.64
CA THR I 48 -25.77 28.82 -13.35
C THR I 48 -25.87 27.75 -12.27
N ALA I 49 -27.04 27.11 -12.17
CA ALA I 49 -27.29 26.07 -11.20
C ALA I 49 -26.43 24.82 -11.40
N TYR I 50 -26.31 24.36 -12.66
CA TYR I 50 -25.44 23.24 -12.96
C TYR I 50 -23.99 23.56 -12.60
N PHE I 51 -23.58 24.82 -12.79
CA PHE I 51 -22.27 25.26 -12.36
C PHE I 51 -22.10 25.08 -10.85
N LEU I 52 -23.05 25.66 -10.12
CA LEU I 52 -23.07 25.61 -8.67
C LEU I 52 -22.99 24.19 -8.11
N LEU I 53 -23.69 23.24 -8.74
CA LEU I 53 -23.58 21.84 -8.36
C LEU I 53 -22.16 21.29 -8.46
N LYS I 54 -21.52 21.57 -9.60
CA LYS I 54 -20.14 21.14 -9.80
C LYS I 54 -19.23 21.73 -8.72
N LEU I 55 -19.43 23.02 -8.45
CA LEU I 55 -18.61 23.73 -7.48
C LEU I 55 -18.75 23.10 -6.11
N ALA I 56 -20.00 22.81 -5.75
CA ALA I 56 -20.36 22.40 -4.40
C ALA I 56 -19.93 20.97 -4.14
N GLY I 57 -19.84 20.16 -5.20
CA GLY I 57 -19.27 18.83 -5.05
C GLY I 57 -17.95 19.23 -4.44
N ARG I 58 -16.88 19.09 -5.21
CA ARG I 58 -15.61 19.79 -5.03
C ARG I 58 -15.18 20.64 -3.83
N TRP I 59 -15.95 21.65 -3.41
CA TRP I 59 -15.59 22.45 -2.23
C TRP I 59 -16.70 22.49 -1.18
N PRO I 60 -16.35 22.59 0.12
CA PRO I 60 -17.33 22.94 1.15
C PRO I 60 -17.80 24.39 0.99
N VAL I 61 -18.96 24.54 0.33
CA VAL I 61 -19.52 25.85 0.01
C VAL I 61 -20.69 26.11 0.95
N LYS I 62 -20.54 27.10 1.82
CA LYS I 62 -21.60 27.41 2.77
C LYS I 62 -22.46 28.56 2.26
N THR I 63 -21.83 29.58 1.68
CA THR I 63 -22.52 30.79 1.29
C THR I 63 -22.07 31.30 -0.07
N VAL I 64 -23.04 31.74 -0.89
CA VAL I 64 -22.73 32.29 -2.20
C VAL I 64 -23.28 33.71 -2.29
N HIS I 65 -22.39 34.65 -2.67
CA HIS I 65 -22.79 36.01 -2.96
C HIS I 65 -23.06 36.18 -4.45
N THR I 66 -24.22 36.77 -4.79
CA THR I 66 -24.59 37.02 -6.17
C THR I 66 -25.36 38.34 -6.23
N ASP I 67 -25.68 38.80 -7.44
CA ASP I 67 -26.50 39.97 -7.63
C ASP I 67 -27.96 39.55 -7.83
N ASN I 68 -28.85 40.51 -8.09
CA ASN I 68 -30.23 40.24 -8.47
C ASN I 68 -30.40 39.72 -9.90
N GLY I 69 -29.33 39.21 -10.50
CA GLY I 69 -29.38 38.65 -11.84
C GLY I 69 -30.53 37.66 -11.93
N SER I 70 -31.37 37.78 -12.96
CA SER I 70 -32.46 36.85 -13.18
C SER I 70 -31.97 35.41 -13.20
N ASN I 71 -30.73 35.19 -13.67
CA ASN I 71 -30.13 33.87 -13.65
C ASN I 71 -29.82 33.41 -12.22
N PHE I 72 -29.51 34.34 -11.33
CA PHE I 72 -29.16 34.03 -9.94
C PHE I 72 -30.36 33.95 -9.02
N THR I 73 -31.40 34.74 -9.33
CA THR I 73 -32.68 34.65 -8.63
C THR I 73 -33.57 33.55 -9.19
N SER I 74 -33.06 32.82 -10.20
CA SER I 74 -33.82 31.74 -10.80
C SER I 74 -34.08 30.61 -9.80
N THR I 75 -35.19 29.91 -10.03
CA THR I 75 -35.61 28.82 -9.17
C THR I 75 -34.70 27.60 -9.26
N THR I 76 -34.09 27.37 -10.44
CA THR I 76 -33.13 26.30 -10.57
C THR I 76 -31.92 26.49 -9.65
N VAL I 77 -31.45 27.75 -9.55
CA VAL I 77 -30.32 28.08 -8.70
C VAL I 77 -30.72 27.87 -7.24
N LYS I 78 -31.92 28.39 -6.87
CA LYS I 78 -32.44 28.22 -5.53
C LYS I 78 -32.50 26.76 -5.12
N ALA I 79 -33.04 25.92 -6.02
CA ALA I 79 -33.06 24.47 -5.85
C ALA I 79 -31.70 23.89 -5.55
N ALA I 80 -30.71 24.24 -6.38
CA ALA I 80 -29.34 23.77 -6.20
C ALA I 80 -28.81 24.11 -4.81
N CYS I 81 -29.06 25.36 -4.40
CA CYS I 81 -28.56 25.86 -3.12
C CYS I 81 -29.20 25.10 -1.97
N TRP I 82 -30.53 24.99 -1.98
CA TRP I 82 -31.23 24.26 -0.93
C TRP I 82 -30.79 22.80 -0.85
N TRP I 83 -30.57 22.20 -2.01
CA TRP I 83 -30.17 20.81 -2.06
C TRP I 83 -28.80 20.59 -1.42
N ALA I 84 -27.85 21.44 -1.83
CA ALA I 84 -26.47 21.33 -1.36
C ALA I 84 -26.22 22.03 -0.04
N GLY I 85 -27.22 22.73 0.49
CA GLY I 85 -27.07 23.43 1.75
C GLY I 85 -26.23 24.70 1.71
N ILE I 86 -26.31 25.40 0.58
CA ILE I 86 -25.72 26.71 0.42
C ILE I 86 -26.73 27.82 0.73
N LYS I 87 -26.36 28.74 1.61
CA LYS I 87 -27.12 29.96 1.80
C LYS I 87 -26.72 30.91 0.68
N GLN I 88 -27.70 31.60 0.11
CA GLN I 88 -27.45 32.53 -0.97
C GLN I 88 -27.73 33.93 -0.45
N GLU I 89 -26.71 34.80 -0.56
CA GLU I 89 -26.83 36.20 -0.18
C GLU I 89 -26.92 37.04 -1.44
N PHE I 90 -27.63 38.18 -1.35
CA PHE I 90 -27.97 38.97 -2.52
C PHE I 90 -27.44 40.40 -2.58
N GLY I 91 -26.22 40.50 -3.10
CA GLY I 91 -25.43 41.71 -3.05
C GLY I 91 -24.22 41.42 -2.19
N ILE I 92 -23.51 42.50 -1.84
CA ILE I 92 -22.10 42.44 -1.51
C ILE I 92 -21.81 42.06 -0.05
N PRO I 93 -20.71 41.30 0.23
CA PRO I 93 -20.31 40.98 1.61
C PRO I 93 -19.99 42.20 2.48
N PRO I 96 -17.28 44.09 3.35
CA PRO I 96 -16.69 45.40 3.00
C PRO I 96 -15.22 45.32 2.59
N GLN I 97 -14.41 44.73 3.48
CA GLN I 97 -13.02 44.40 3.17
C GLN I 97 -12.92 43.27 2.13
N SER I 98 -13.88 42.33 2.18
CA SER I 98 -13.98 41.20 1.27
C SER I 98 -14.44 41.56 -0.14
N GLN I 99 -15.38 42.51 -0.23
CA GLN I 99 -15.84 43.04 -1.50
C GLN I 99 -14.72 43.61 -2.37
N GLY I 100 -13.69 44.20 -1.74
CA GLY I 100 -12.47 44.62 -2.44
C GLY I 100 -11.69 43.50 -3.13
N VAL I 101 -11.75 42.28 -2.56
CA VAL I 101 -11.09 41.11 -3.11
C VAL I 101 -11.86 40.57 -4.31
N ILE I 102 -13.17 40.33 -4.12
CA ILE I 102 -14.10 39.94 -5.17
C ILE I 102 -13.93 40.78 -6.44
N GLU I 103 -13.87 42.11 -6.27
CA GLU I 103 -13.79 43.05 -7.38
C GLU I 103 -12.54 42.86 -8.24
N SER I 104 -11.41 42.63 -7.57
CA SER I 104 -10.10 42.65 -8.21
C SER I 104 -9.70 41.31 -8.81
N MET I 105 -10.19 40.19 -8.24
CA MET I 105 -9.88 38.87 -8.78
C MET I 105 -10.61 38.63 -10.09
N ASN I 106 -11.75 39.31 -10.26
CA ASN I 106 -12.50 39.28 -11.50
C ASN I 106 -11.83 40.10 -12.61
N LYS I 107 -11.38 41.32 -12.24
CA LYS I 107 -10.70 42.19 -13.17
C LYS I 107 -9.33 41.64 -13.55
N GLU I 108 -8.61 41.06 -12.60
CA GLU I 108 -7.34 40.39 -12.88
C GLU I 108 -7.54 39.28 -13.91
N LEU I 109 -8.63 38.51 -13.74
CA LEU I 109 -8.89 37.39 -14.64
C LEU I 109 -9.01 37.91 -16.07
N LYS I 110 -9.78 39.00 -16.25
CA LYS I 110 -9.98 39.58 -17.56
C LYS I 110 -8.63 39.94 -18.16
N LYS I 111 -7.78 40.63 -17.39
CA LYS I 111 -6.45 41.00 -17.82
C LYS I 111 -5.70 39.82 -18.40
N ILE I 112 -5.60 38.73 -17.62
CA ILE I 112 -4.83 37.57 -18.03
C ILE I 112 -5.42 36.96 -19.29
N ILE I 113 -6.75 36.91 -19.41
CA ILE I 113 -7.40 36.37 -20.59
C ILE I 113 -6.91 37.18 -21.79
N GLY I 114 -6.97 38.51 -21.68
CA GLY I 114 -6.47 39.38 -22.72
C GLY I 114 -5.03 39.07 -23.11
N GLN I 115 -4.17 38.88 -22.09
CA GLN I 115 -2.78 38.54 -22.31
C GLN I 115 -2.61 37.25 -23.11
N VAL I 116 -3.32 36.19 -22.74
CA VAL I 116 -3.12 34.91 -23.37
C VAL I 116 -4.03 34.67 -24.57
N ARG I 117 -4.96 35.60 -24.85
CA ARG I 117 -6.07 35.32 -25.74
C ARG I 117 -5.61 34.76 -27.09
N ASP I 118 -4.61 35.41 -27.69
CA ASP I 118 -4.11 35.03 -29.00
C ASP I 118 -3.34 33.71 -29.02
N GLN I 119 -2.98 33.18 -27.86
CA GLN I 119 -2.23 31.94 -27.78
C GLN I 119 -3.10 30.74 -28.12
N ALA I 120 -4.43 30.91 -28.02
CA ALA I 120 -5.36 29.82 -28.27
C ALA I 120 -6.49 30.27 -29.19
N GLU I 121 -7.02 29.29 -29.93
CA GLU I 121 -8.07 29.53 -30.90
C GLU I 121 -9.35 29.97 -30.19
N HIS I 122 -9.85 29.06 -29.34
CA HIS I 122 -11.12 29.18 -28.65
C HIS I 122 -10.95 30.00 -27.39
N LEU I 123 -11.92 30.90 -27.15
CA LEU I 123 -11.98 31.68 -25.93
C LEU I 123 -11.95 30.81 -24.69
N LYS I 124 -12.70 29.70 -24.71
CA LYS I 124 -12.73 28.80 -23.55
C LYS I 124 -11.32 28.34 -23.18
N THR I 125 -10.49 28.02 -24.17
CA THR I 125 -9.14 27.57 -23.91
C THR I 125 -8.33 28.69 -23.25
N ALA I 126 -8.52 29.91 -23.74
CA ALA I 126 -7.86 31.07 -23.16
C ALA I 126 -8.29 31.31 -21.71
N VAL I 127 -9.59 31.12 -21.43
CA VAL I 127 -10.13 31.32 -20.11
C VAL I 127 -9.50 30.32 -19.14
N GLN I 128 -9.45 29.03 -19.52
CA GLN I 128 -8.91 28.03 -18.63
C GLN I 128 -7.41 28.18 -18.44
N MET I 129 -6.72 28.62 -19.50
CA MET I 129 -5.31 28.98 -19.42
C MET I 129 -5.11 30.06 -18.37
N ALA I 130 -5.94 31.10 -18.45
CA ALA I 130 -5.87 32.24 -17.55
C ALA I 130 -6.19 31.88 -16.09
N VAL I 131 -7.20 31.01 -15.90
CA VAL I 131 -7.52 30.48 -14.58
C VAL I 131 -6.29 29.80 -13.99
N PHE I 132 -5.71 28.86 -14.75
CA PHE I 132 -4.50 28.16 -14.37
C PHE I 132 -3.37 29.13 -14.00
N ILE I 133 -3.10 30.10 -14.87
CA ILE I 133 -2.09 31.09 -14.59
C ILE I 133 -2.36 31.80 -13.27
N HIS I 134 -3.62 32.14 -13.02
CA HIS I 134 -3.98 32.95 -11.87
C HIS I 134 -3.82 32.14 -10.58
N ASN I 135 -4.40 30.94 -10.55
CA ASN I 135 -4.34 30.07 -9.38
C ASN I 135 -2.91 29.65 -9.05
N LYS I 136 -2.03 29.48 -10.05
CA LYS I 136 -0.68 28.99 -9.80
C LYS I 136 0.36 30.08 -9.49
N LYS I 137 0.01 31.34 -9.77
CA LYS I 137 0.95 32.45 -9.62
C LYS I 137 1.31 32.71 -8.16
N ARG I 138 2.57 33.07 -7.91
CA ARG I 138 3.10 33.42 -6.60
C ARG I 138 3.62 34.83 -6.64
N GLY I 144 4.12 34.46 0.55
CA GLY I 144 4.09 34.57 -0.90
C GLY I 144 3.75 33.26 -1.59
N TYR I 145 2.56 32.73 -1.28
CA TYR I 145 2.07 31.48 -1.83
C TYR I 145 0.98 31.75 -2.87
N SER I 146 0.58 30.70 -3.61
CA SER I 146 -0.40 30.85 -4.67
C SER I 146 -1.81 30.69 -4.15
N ALA I 147 -2.82 31.12 -4.93
CA ALA I 147 -4.20 31.00 -4.53
C ALA I 147 -4.61 29.53 -4.47
N GLY I 148 -4.15 28.76 -5.44
CA GLY I 148 -4.36 27.32 -5.44
C GLY I 148 -3.90 26.65 -4.16
N GLU I 149 -2.79 27.16 -3.61
CA GLU I 149 -2.27 26.65 -2.35
C GLU I 149 -3.05 27.20 -1.17
N ARG I 150 -3.31 28.51 -1.17
CA ARG I 150 -4.05 29.16 -0.10
C ARG I 150 -5.39 28.46 0.15
N ILE I 151 -6.15 28.16 -0.89
CA ILE I 151 -7.45 27.56 -0.69
C ILE I 151 -7.31 26.20 -0.02
N VAL I 152 -6.49 25.30 -0.56
CA VAL I 152 -6.35 23.98 0.04
C VAL I 152 -5.89 24.11 1.48
N ASP I 153 -4.96 25.02 1.75
CA ASP I 153 -4.52 25.29 3.10
C ASP I 153 -5.69 25.66 4.02
N ILE I 154 -6.48 26.65 3.58
CA ILE I 154 -7.59 27.14 4.34
C ILE I 154 -8.59 26.02 4.66
N ILE I 155 -9.07 25.36 3.60
CA ILE I 155 -10.06 24.29 3.73
C ILE I 155 -9.52 23.18 4.63
N ALA I 156 -8.24 22.86 4.46
CA ALA I 156 -7.60 21.78 5.21
C ALA I 156 -7.55 22.10 6.68
N THR I 157 -7.09 23.31 7.04
CA THR I 157 -7.01 23.72 8.43
C THR I 157 -8.41 23.75 9.05
N ASP I 158 -9.42 24.10 8.25
CA ASP I 158 -10.80 24.04 8.70
C ASP I 158 -11.18 22.57 8.58
N ILE I 159 -11.99 22.05 9.50
CA ILE I 159 -12.43 20.66 9.41
C ILE I 159 -12.95 20.03 10.73
N SER J 8 2.47 10.75 -5.17
CA SER J 8 1.06 10.42 -4.90
C SER J 8 0.11 11.62 -5.04
N PRO J 9 0.41 12.79 -4.41
CA PRO J 9 -0.52 13.92 -4.45
C PRO J 9 -0.86 14.43 -5.84
N GLY J 10 0.05 14.23 -6.80
CA GLY J 10 -0.13 14.72 -8.16
C GLY J 10 -0.57 13.66 -9.17
N ILE J 11 -0.84 12.43 -8.69
CA ILE J 11 -1.21 11.34 -9.56
C ILE J 11 -2.72 11.24 -9.67
N TRP J 12 -3.20 11.33 -10.91
CA TRP J 12 -4.61 11.18 -11.22
C TRP J 12 -4.84 10.10 -12.26
N GLN J 13 -6.10 9.67 -12.36
CA GLN J 13 -6.54 8.72 -13.36
C GLN J 13 -7.75 9.28 -14.12
N LEU J 14 -7.76 9.08 -15.43
CA LEU J 14 -8.78 9.60 -16.31
C LEU J 14 -9.51 8.44 -17.00
N ASP J 15 -10.85 8.52 -17.00
CA ASP J 15 -11.67 7.48 -17.61
C ASP J 15 -12.90 8.01 -18.31
N CYS J 16 -13.33 7.32 -19.37
CA CYS J 16 -14.59 7.57 -20.03
C CYS J 16 -15.60 6.47 -19.72
N THR J 17 -16.77 6.86 -19.19
CA THR J 17 -17.90 5.96 -19.16
C THR J 17 -18.86 6.41 -20.27
N HIS J 18 -19.54 5.42 -20.85
CA HIS J 18 -20.68 5.68 -21.72
C HIS J 18 -21.95 5.33 -20.96
N LEU J 19 -22.93 6.23 -21.01
CA LEU J 19 -24.17 6.05 -20.27
C LEU J 19 -25.28 6.85 -20.95
N GLU J 20 -26.39 6.18 -21.23
CA GLU J 20 -27.51 6.78 -21.94
C GLU J 20 -27.05 7.46 -23.22
N GLY J 21 -26.20 6.78 -23.98
CA GLY J 21 -25.64 7.34 -25.21
C GLY J 21 -25.02 8.72 -25.00
N LYS J 22 -24.38 8.89 -23.84
CA LYS J 22 -23.63 10.09 -23.52
C LYS J 22 -22.27 9.66 -22.97
N VAL J 23 -21.33 10.61 -22.97
CA VAL J 23 -19.96 10.36 -22.56
C VAL J 23 -19.66 11.14 -21.28
N ILE J 24 -19.51 10.39 -20.17
CA ILE J 24 -19.09 10.97 -18.91
C ILE J 24 -17.58 10.79 -18.88
N LEU J 25 -16.89 11.88 -18.52
CA LEU J 25 -15.45 11.89 -18.37
C LEU J 25 -15.15 12.06 -16.88
N VAL J 26 -14.33 11.17 -16.32
CA VAL J 26 -14.11 11.12 -14.89
C VAL J 26 -12.62 11.19 -14.53
N ALA J 27 -12.31 12.04 -13.56
CA ALA J 27 -10.97 12.17 -13.01
C ALA J 27 -10.98 11.72 -11.56
N VAL J 28 -10.13 10.73 -11.22
CA VAL J 28 -9.94 10.29 -9.85
C VAL J 28 -8.57 10.69 -9.32
N HIS J 29 -8.55 11.42 -8.20
CA HIS J 29 -7.30 11.64 -7.48
C HIS J 29 -6.98 10.38 -6.70
N VAL J 30 -6.02 9.60 -7.21
CA VAL J 30 -5.77 8.24 -6.77
C VAL J 30 -5.60 8.10 -5.26
N ALA J 31 -4.83 9.03 -4.66
CA ALA J 31 -4.51 8.93 -3.25
C ALA J 31 -5.75 9.05 -2.36
N SER J 32 -6.58 10.07 -2.63
CA SER J 32 -7.73 10.42 -1.81
C SER J 32 -9.04 9.74 -2.19
N GLY J 33 -9.15 9.29 -3.45
CA GLY J 33 -10.38 8.77 -4.01
C GLY J 33 -11.36 9.84 -4.52
N TYR J 34 -10.95 11.11 -4.47
CA TYR J 34 -11.79 12.22 -4.89
C TYR J 34 -12.11 12.19 -6.38
N ILE J 35 -13.31 12.68 -6.73
CA ILE J 35 -13.83 12.63 -8.09
C ILE J 35 -14.19 14.00 -8.67
N GLU J 36 -13.83 14.19 -9.94
CA GLU J 36 -14.45 15.19 -10.80
C GLU J 36 -15.00 14.51 -12.03
N ALA J 37 -16.18 14.96 -12.49
CA ALA J 37 -16.78 14.35 -13.66
C ALA J 37 -17.47 15.42 -14.49
N GLU J 38 -17.48 15.21 -15.82
CA GLU J 38 -18.14 16.14 -16.71
C GLU J 38 -18.76 15.31 -17.83
N VAL J 39 -19.99 15.68 -18.22
CA VAL J 39 -20.65 15.02 -19.33
C VAL J 39 -20.37 15.86 -20.57
N ILE J 40 -19.79 15.21 -21.59
CA ILE J 40 -19.27 15.90 -22.77
C ILE J 40 -20.05 15.43 -24.00
N PRO J 41 -20.13 16.27 -25.07
CA PRO J 41 -20.94 15.92 -26.24
C PRO J 41 -20.31 14.84 -27.11
N ALA J 42 -18.97 14.78 -27.14
CA ALA J 42 -18.26 13.84 -27.96
C ALA J 42 -17.04 13.27 -27.24
N GLU J 43 -16.70 12.01 -27.54
CA GLU J 43 -15.51 11.38 -26.96
C GLU J 43 -14.27 11.78 -27.75
N THR J 44 -13.98 13.09 -27.81
CA THR J 44 -12.93 13.62 -28.65
C THR J 44 -11.72 13.96 -27.78
N GLY J 45 -10.56 14.13 -28.46
CA GLY J 45 -9.35 14.61 -27.83
C GLY J 45 -9.44 16.07 -27.41
N GLN J 46 -10.17 16.89 -28.21
CA GLN J 46 -10.42 18.28 -27.89
C GLN J 46 -11.10 18.40 -26.52
N GLU J 47 -12.17 17.63 -26.35
CA GLU J 47 -12.98 17.65 -25.14
C GLU J 47 -12.20 17.15 -23.92
N THR J 48 -11.49 16.02 -24.11
CA THR J 48 -10.61 15.46 -23.10
C THR J 48 -9.56 16.48 -22.64
N ALA J 49 -8.90 17.14 -23.60
CA ALA J 49 -7.88 18.14 -23.33
C ALA J 49 -8.42 19.36 -22.59
N TYR J 50 -9.57 19.88 -23.03
CA TYR J 50 -10.21 21.00 -22.34
C TYR J 50 -10.55 20.61 -20.89
N PHE J 51 -10.95 19.36 -20.69
CA PHE J 51 -11.20 18.85 -19.34
C PHE J 51 -9.92 18.94 -18.51
N LEU J 52 -8.86 18.34 -19.05
CA LEU J 52 -7.56 18.31 -18.39
C LEU J 52 -7.04 19.69 -18.00
N LEU J 53 -7.24 20.68 -18.86
CA LEU J 53 -6.90 22.06 -18.52
C LEU J 53 -7.62 22.56 -17.27
N LYS J 54 -8.94 22.33 -17.22
CA LYS J 54 -9.73 22.73 -16.07
C LYS J 54 -9.21 22.04 -14.81
N LEU J 55 -8.92 20.75 -14.93
CA LEU J 55 -8.45 19.96 -13.81
C LEU J 55 -7.13 20.51 -13.27
N ALA J 56 -6.24 20.84 -14.20
CA ALA J 56 -4.87 21.19 -13.88
C ALA J 56 -4.79 22.59 -13.29
N GLY J 57 -5.76 23.43 -13.64
CA GLY J 57 -5.77 24.79 -13.12
C GLY J 57 -6.25 24.86 -11.68
N ARG J 58 -6.84 23.74 -11.25
CA ARG J 58 -7.49 23.61 -9.96
C ARG J 58 -6.69 22.77 -8.97
N TRP J 59 -5.99 21.73 -9.47
CA TRP J 59 -5.14 20.87 -8.66
C TRP J 59 -3.71 20.80 -9.15
N PRO J 60 -2.71 20.62 -8.26
CA PRO J 60 -1.34 20.31 -8.70
C PRO J 60 -1.28 18.89 -9.26
N VAL J 61 -1.35 18.80 -10.59
CA VAL J 61 -1.39 17.55 -11.32
C VAL J 61 -0.02 17.29 -11.94
N LYS J 62 0.67 16.25 -11.49
CA LYS J 62 1.94 15.88 -12.07
C LYS J 62 1.80 14.82 -13.15
N THR J 63 0.95 13.82 -12.88
CA THR J 63 0.88 12.64 -13.72
C THR J 63 -0.55 12.19 -13.95
N VAL J 64 -0.86 11.82 -15.20
CA VAL J 64 -2.18 11.34 -15.53
C VAL J 64 -2.10 9.93 -16.12
N HIS J 65 -2.85 9.00 -15.52
CA HIS J 65 -2.99 7.64 -16.01
C HIS J 65 -4.22 7.53 -16.89
N THR J 66 -4.04 6.98 -18.10
CA THR J 66 -5.13 6.81 -19.04
C THR J 66 -4.95 5.50 -19.79
N ASP J 67 -5.94 5.14 -20.60
CA ASP J 67 -5.84 3.99 -21.48
C ASP J 67 -5.34 4.45 -22.86
N ASN J 68 -5.22 3.51 -23.81
CA ASN J 68 -4.88 3.84 -25.18
C ASN J 68 -6.04 4.43 -25.99
N GLY J 69 -7.04 4.97 -25.29
CA GLY J 69 -8.15 5.66 -25.93
C GLY J 69 -7.62 6.67 -26.95
N SER J 70 -8.15 6.61 -28.17
CA SER J 70 -7.77 7.57 -29.20
C SER J 70 -7.92 9.01 -28.73
N ASN J 71 -8.91 9.25 -27.86
CA ASN J 71 -9.09 10.57 -27.28
C ASN J 71 -7.96 10.94 -26.31
N PHE J 72 -7.37 9.93 -25.64
CA PHE J 72 -6.30 10.16 -24.68
C PHE J 72 -4.92 10.18 -25.32
N THR J 73 -4.75 9.42 -26.41
CA THR J 73 -3.53 9.47 -27.20
C THR J 73 -3.53 10.62 -28.21
N SER J 74 -4.62 11.41 -28.21
CA SER J 74 -4.74 12.54 -29.12
C SER J 74 -3.69 13.61 -28.84
N THR J 75 -3.32 14.33 -29.91
CA THR J 75 -2.32 15.38 -29.84
C THR J 75 -2.81 16.60 -29.06
N THR J 76 -4.11 16.89 -29.06
CA THR J 76 -4.63 17.96 -28.23
C THR J 76 -4.39 17.72 -26.75
N VAL J 77 -4.56 16.45 -26.32
CA VAL J 77 -4.33 16.07 -24.93
C VAL J 77 -2.83 16.21 -24.62
N LYS J 78 -2.00 15.69 -25.53
CA LYS J 78 -0.55 15.80 -25.39
C LYS J 78 -0.10 17.24 -25.23
N ALA J 79 -0.64 18.13 -26.07
CA ALA J 79 -0.41 19.57 -25.99
C ALA J 79 -0.73 20.13 -24.62
N ALA J 80 -1.93 19.79 -24.11
CA ALA J 80 -2.33 20.25 -22.78
C ALA J 80 -1.32 19.81 -21.72
N CYS J 81 -0.89 18.55 -21.80
CA CYS J 81 0.03 17.96 -20.85
C CYS J 81 1.37 18.67 -20.88
N TRP J 82 1.95 18.81 -22.08
CA TRP J 82 3.23 19.50 -22.24
C TRP J 82 3.16 20.93 -21.74
N TRP J 83 2.04 21.61 -22.00
CA TRP J 83 1.89 22.99 -21.59
C TRP J 83 1.87 23.11 -20.07
N ALA J 84 1.07 22.26 -19.43
CA ALA J 84 0.90 22.30 -17.99
C ALA J 84 1.96 21.49 -17.22
N GLY J 85 2.84 20.80 -17.94
CA GLY J 85 3.88 19.99 -17.30
C GLY J 85 3.39 18.72 -16.63
N ILE J 86 2.34 18.11 -17.21
CA ILE J 86 1.86 16.81 -16.81
C ILE J 86 2.52 15.68 -17.61
N LYS J 87 3.07 14.70 -16.90
CA LYS J 87 3.51 13.47 -17.52
C LYS J 87 2.27 12.60 -17.72
N GLN J 88 2.20 11.94 -18.86
CA GLN J 88 1.09 11.04 -19.15
C GLN J 88 1.58 9.59 -19.15
N GLU J 89 0.98 8.74 -18.32
CA GLU J 89 1.27 7.32 -18.30
C GLU J 89 0.15 6.55 -18.99
N PHE J 90 0.49 5.41 -19.60
CA PHE J 90 -0.45 4.65 -20.41
C PHE J 90 -0.59 3.21 -19.90
N GLY J 91 -1.74 2.60 -20.23
CA GLY J 91 -1.92 1.17 -20.06
C GLY J 91 -2.26 0.76 -18.64
N MET J 105 -9.95 2.21 -8.57
CA MET J 105 -10.32 1.14 -9.44
C MET J 105 -11.86 1.03 -9.60
N ASN J 106 -12.60 2.03 -9.07
CA ASN J 106 -13.85 2.44 -9.70
C ASN J 106 -15.15 1.66 -9.47
N LYS J 107 -16.03 1.54 -10.47
CA LYS J 107 -17.47 1.40 -10.27
C LYS J 107 -18.15 2.35 -9.28
N GLU J 108 -17.31 2.88 -8.38
CA GLU J 108 -17.66 3.64 -7.19
C GLU J 108 -18.88 4.54 -7.37
N LEU J 109 -18.94 5.16 -8.57
CA LEU J 109 -19.67 6.34 -8.98
C LEU J 109 -20.84 5.95 -9.87
N LYS J 110 -20.63 4.95 -10.74
CA LYS J 110 -21.72 4.37 -11.54
C LYS J 110 -22.88 3.98 -10.63
N LYS J 111 -22.58 3.24 -9.56
CA LYS J 111 -23.61 2.80 -8.62
C LYS J 111 -24.46 3.98 -8.15
N ILE J 112 -23.80 5.02 -7.63
CA ILE J 112 -24.48 6.18 -7.08
C ILE J 112 -25.33 6.87 -8.13
N ILE J 113 -24.82 6.97 -9.36
CA ILE J 113 -25.56 7.61 -10.44
C ILE J 113 -26.86 6.84 -10.61
N GLY J 114 -26.76 5.50 -10.71
CA GLY J 114 -27.92 4.65 -10.78
C GLY J 114 -28.93 4.92 -9.66
N GLN J 115 -28.42 5.02 -8.43
CA GLN J 115 -29.25 5.30 -7.26
C GLN J 115 -30.02 6.60 -7.39
N VAL J 116 -29.32 7.69 -7.77
CA VAL J 116 -29.96 8.99 -7.80
C VAL J 116 -30.62 9.33 -9.14
N ARG J 117 -30.46 8.46 -10.14
CA ARG J 117 -30.74 8.84 -11.51
C ARG J 117 -32.14 9.44 -11.69
N ASP J 118 -33.14 8.77 -11.10
CA ASP J 118 -34.53 9.18 -11.25
C ASP J 118 -34.88 10.46 -10.49
N GLN J 119 -34.00 10.91 -9.60
CA GLN J 119 -34.27 12.11 -8.82
C GLN J 119 -34.15 13.37 -9.67
N ALA J 120 -33.42 13.27 -10.81
CA ALA J 120 -33.18 14.41 -11.67
C ALA J 120 -33.48 14.07 -13.12
N GLU J 121 -33.87 15.10 -13.86
CA GLU J 121 -34.28 14.95 -15.25
C GLU J 121 -33.10 14.53 -16.11
N HIS J 122 -32.09 15.42 -16.13
CA HIS J 122 -30.91 15.29 -16.97
C HIS J 122 -29.87 14.43 -16.29
N LEU J 123 -29.23 13.56 -17.10
CA LEU J 123 -28.13 12.73 -16.64
C LEU J 123 -27.03 13.56 -16.00
N LYS J 124 -26.70 14.69 -16.62
CA LYS J 124 -25.74 15.67 -16.12
C LYS J 124 -25.94 15.94 -14.63
N THR J 125 -27.20 16.26 -14.31
CA THR J 125 -27.57 16.65 -12.96
C THR J 125 -27.36 15.48 -12.01
N ALA J 126 -27.72 14.28 -12.47
CA ALA J 126 -27.55 13.08 -11.68
C ALA J 126 -26.07 12.79 -11.43
N VAL J 127 -25.23 13.02 -12.44
CA VAL J 127 -23.80 12.78 -12.33
C VAL J 127 -23.20 13.70 -11.26
N GLN J 128 -23.54 14.99 -11.32
CA GLN J 128 -22.95 15.94 -10.37
C GLN J 128 -23.48 15.69 -8.96
N MET J 129 -24.76 15.30 -8.85
CA MET J 129 -25.33 14.88 -7.58
C MET J 129 -24.52 13.72 -6.98
N ALA J 130 -24.23 12.73 -7.82
CA ALA J 130 -23.49 11.54 -7.43
C ALA J 130 -22.05 11.85 -7.03
N VAL J 131 -21.40 12.75 -7.77
CA VAL J 131 -20.06 13.22 -7.44
C VAL J 131 -20.07 13.83 -6.03
N PHE J 132 -21.00 14.77 -5.82
CA PHE J 132 -21.19 15.40 -4.52
C PHE J 132 -21.39 14.38 -3.41
N ILE J 133 -22.33 13.45 -3.61
CA ILE J 133 -22.54 12.39 -2.65
C ILE J 133 -21.26 11.63 -2.33
N HIS J 134 -20.48 11.33 -3.37
CA HIS J 134 -19.30 10.49 -3.23
C HIS J 134 -18.20 11.22 -2.46
N ASN J 135 -17.89 12.44 -2.89
CA ASN J 135 -16.85 13.24 -2.25
C ASN J 135 -17.16 13.57 -0.78
N LYS J 136 -18.45 13.75 -0.45
CA LYS J 136 -18.84 14.16 0.90
C LYS J 136 -19.05 13.00 1.90
N LYS J 137 -19.19 11.78 1.38
CA LYS J 137 -19.46 10.61 2.20
C LYS J 137 -18.26 10.26 3.06
N ARG J 138 -18.51 9.76 4.29
CA ARG J 138 -17.48 9.41 5.25
C ARG J 138 -17.37 7.93 5.54
N TYR J 145 -11.80 11.75 6.94
CA TYR J 145 -12.96 10.90 6.70
C TYR J 145 -13.43 10.88 5.24
N SER J 146 -13.85 12.03 4.67
CA SER J 146 -14.39 12.01 3.32
C SER J 146 -13.28 12.20 2.28
N ALA J 147 -13.55 11.86 1.01
CA ALA J 147 -12.57 12.02 -0.04
C ALA J 147 -12.28 13.50 -0.28
N GLY J 148 -13.34 14.31 -0.27
CA GLY J 148 -13.21 15.75 -0.37
C GLY J 148 -12.24 16.33 0.67
N GLU J 149 -12.25 15.74 1.86
CA GLU J 149 -11.37 16.16 2.94
C GLU J 149 -9.97 15.59 2.73
N ARG J 150 -9.90 14.29 2.42
CA ARG J 150 -8.62 13.63 2.20
C ARG J 150 -7.77 14.37 1.17
N ILE J 151 -8.35 14.77 0.05
CA ILE J 151 -7.57 15.41 -1.00
C ILE J 151 -6.96 16.71 -0.47
N VAL J 152 -7.80 17.60 0.08
CA VAL J 152 -7.28 18.88 0.56
C VAL J 152 -6.19 18.64 1.59
N ASP J 153 -6.43 17.67 2.50
CA ASP J 153 -5.44 17.31 3.49
C ASP J 153 -4.11 16.92 2.84
N ILE J 154 -4.17 15.99 1.89
CA ILE J 154 -2.99 15.49 1.22
C ILE J 154 -2.21 16.61 0.54
N ILE J 155 -2.89 17.36 -0.34
CA ILE J 155 -2.26 18.45 -1.08
C ILE J 155 -1.65 19.47 -0.12
N ALA J 156 -2.40 19.76 0.95
CA ALA J 156 -1.98 20.76 1.93
C ALA J 156 -0.71 20.33 2.66
N THR J 157 -0.68 19.09 3.16
CA THR J 157 0.47 18.57 3.87
C THR J 157 1.68 18.53 2.94
N ASP J 158 1.44 18.30 1.64
CA ASP J 158 2.53 18.29 0.69
C ASP J 158 3.11 19.69 0.45
N ILE J 159 2.26 20.73 0.44
CA ILE J 159 2.80 22.07 0.33
C ILE J 159 3.51 22.45 1.63
N GLN J 160 2.85 22.21 2.78
CA GLN J 160 3.30 22.66 4.11
C GLN J 160 4.50 21.93 4.72
N THR J 161 4.81 20.74 4.19
CA THR J 161 5.98 19.98 4.62
C THR J 161 6.70 19.37 3.38
N GLN K 3 -36.03 12.58 5.74
CA GLN K 3 -35.98 12.79 4.28
C GLN K 3 -36.96 13.89 3.88
N ASN K 4 -36.38 15.02 3.42
CA ASN K 4 -37.12 16.25 3.13
C ASN K 4 -37.36 16.45 1.63
N PHE K 5 -38.64 16.43 1.24
CA PHE K 5 -39.03 16.55 -0.17
C PHE K 5 -39.56 17.95 -0.44
N ARG K 6 -39.01 18.63 -1.45
CA ARG K 6 -39.29 20.04 -1.70
C ARG K 6 -39.91 20.18 -3.09
N VAL K 7 -41.03 20.92 -3.15
CA VAL K 7 -41.88 20.91 -4.33
C VAL K 7 -41.88 22.29 -4.97
N TYR K 8 -41.58 22.32 -6.27
CA TYR K 8 -41.78 23.49 -7.11
C TYR K 8 -42.89 23.15 -8.08
N TYR K 9 -43.81 24.10 -8.30
CA TYR K 9 -45.02 23.80 -9.04
C TYR K 9 -45.46 24.96 -9.91
N PRO K 15 -46.28 30.04 -15.65
CA PRO K 15 -45.01 30.10 -16.41
C PRO K 15 -43.75 30.50 -15.63
N VAL K 16 -43.89 30.86 -14.35
CA VAL K 16 -42.79 30.94 -13.39
C VAL K 16 -43.00 29.92 -12.29
N TRP K 17 -41.99 29.06 -12.00
CA TRP K 17 -42.14 28.06 -10.95
C TRP K 17 -42.44 28.73 -9.62
N LYS K 18 -43.35 28.11 -8.84
CA LYS K 18 -43.74 28.62 -7.54
C LYS K 18 -43.15 27.72 -6.48
N GLY K 19 -43.30 28.13 -5.22
CA GLY K 19 -42.79 27.36 -4.10
C GLY K 19 -41.55 28.07 -3.57
N PRO K 20 -40.61 27.43 -2.85
CA PRO K 20 -40.64 26.01 -2.49
C PRO K 20 -41.77 25.67 -1.52
N ALA K 21 -42.36 24.48 -1.70
CA ALA K 21 -43.46 24.01 -0.88
C ALA K 21 -43.16 22.65 -0.26
N LYS K 22 -43.70 22.39 0.92
CA LYS K 22 -43.50 21.12 1.61
C LYS K 22 -44.37 20.02 1.01
N LEU K 23 -43.78 18.83 0.83
CA LEU K 23 -44.55 17.70 0.33
C LEU K 23 -45.28 17.02 1.50
N LEU K 24 -46.62 16.98 1.40
CA LEU K 24 -47.45 16.30 2.37
C LEU K 24 -47.80 14.90 1.89
N TRP K 25 -48.28 14.79 0.65
CA TRP K 25 -48.68 13.52 0.08
C TRP K 25 -48.53 13.53 -1.44
N LYS K 26 -48.05 12.39 -1.96
CA LYS K 26 -47.82 12.22 -3.37
C LYS K 26 -48.66 11.01 -3.78
N GLY K 27 -49.54 11.23 -4.76
CA GLY K 27 -50.37 10.18 -5.31
C GLY K 27 -50.29 10.19 -6.84
N GLU K 28 -50.61 9.05 -7.45
CA GLU K 28 -50.50 8.82 -8.88
C GLU K 28 -50.55 10.07 -9.77
N GLY K 29 -51.65 10.83 -9.67
CA GLY K 29 -51.90 11.94 -10.57
C GLY K 29 -51.89 13.31 -9.91
N ALA K 30 -51.55 13.36 -8.61
CA ALA K 30 -51.58 14.62 -7.88
C ALA K 30 -50.68 14.63 -6.65
N VAL K 31 -50.34 15.84 -6.19
CA VAL K 31 -49.48 16.00 -5.03
C VAL K 31 -50.09 17.09 -4.16
N VAL K 32 -50.10 16.82 -2.85
CA VAL K 32 -50.63 17.73 -1.87
C VAL K 32 -49.43 18.32 -1.14
N ILE K 33 -49.36 19.65 -1.16
CA ILE K 33 -48.19 20.39 -0.73
C ILE K 33 -48.65 21.50 0.21
N GLN K 34 -47.73 21.99 1.04
CA GLN K 34 -48.02 23.09 1.93
C GLN K 34 -47.05 24.23 1.63
N ASP K 35 -47.61 25.35 1.17
CA ASP K 35 -46.83 26.56 0.98
C ASP K 35 -47.27 27.58 2.02
N ASN K 36 -46.35 27.95 2.93
CA ASN K 36 -46.63 28.97 3.95
C ASN K 36 -47.99 28.82 4.63
N SER K 37 -48.28 27.60 5.10
CA SER K 37 -49.46 27.30 5.90
C SER K 37 -50.73 27.04 5.08
N ASP K 38 -50.60 27.14 3.74
CA ASP K 38 -51.70 26.86 2.83
C ASP K 38 -51.51 25.51 2.15
N ILE K 39 -52.39 24.56 2.46
CA ILE K 39 -52.39 23.26 1.80
C ILE K 39 -52.98 23.47 0.41
N LYS K 40 -52.36 22.83 -0.59
CA LYS K 40 -52.72 22.99 -1.99
C LYS K 40 -52.51 21.67 -2.74
N VAL K 41 -53.21 21.51 -3.86
CA VAL K 41 -53.18 20.26 -4.61
C VAL K 41 -52.91 20.59 -6.07
N VAL K 42 -51.85 20.00 -6.62
CA VAL K 42 -51.52 20.20 -8.02
C VAL K 42 -51.34 18.83 -8.65
N PRO K 43 -51.50 18.71 -9.99
CA PRO K 43 -51.20 17.46 -10.66
C PRO K 43 -49.73 17.12 -10.49
N ARG K 44 -49.41 15.82 -10.44
CA ARG K 44 -48.03 15.38 -10.32
C ARG K 44 -47.22 15.95 -11.47
N ARG K 45 -47.82 15.96 -12.66
CA ARG K 45 -47.16 16.46 -13.87
C ARG K 45 -46.87 17.95 -13.87
N LYS K 46 -47.46 18.71 -12.93
CA LYS K 46 -47.14 20.13 -12.81
C LYS K 46 -46.24 20.39 -11.61
N ALA K 47 -45.55 19.35 -11.15
CA ALA K 47 -44.77 19.43 -9.93
C ALA K 47 -43.37 18.83 -10.14
N LYS K 48 -42.36 19.63 -9.76
CA LYS K 48 -40.98 19.24 -9.65
C LYS K 48 -40.73 18.93 -8.17
N ILE K 49 -40.36 17.68 -7.89
CA ILE K 49 -40.19 17.21 -6.53
C ILE K 49 -38.74 16.80 -6.34
N ILE K 50 -38.02 17.52 -5.49
CA ILE K 50 -36.60 17.31 -5.31
C ILE K 50 -36.36 16.87 -3.87
N ARG K 51 -35.67 15.74 -3.70
CA ARG K 51 -35.35 15.24 -2.37
C ARG K 51 -34.03 15.84 -1.91
N ASP K 52 -33.99 16.31 -0.67
CA ASP K 52 -32.75 16.77 -0.07
C ASP K 52 -31.64 15.74 -0.09
N TYR K 53 -30.41 16.25 0.03
CA TYR K 53 -29.22 15.42 0.14
C TYR K 53 -29.31 14.52 1.37
N GLN L 3 9.89 31.46 -23.76
CA GLN L 3 10.69 30.33 -23.23
C GLN L 3 10.68 29.15 -24.21
N ASN L 4 9.96 28.07 -23.89
CA ASN L 4 10.01 26.83 -24.64
C ASN L 4 8.80 26.61 -25.56
N PHE L 5 9.05 26.62 -26.88
CA PHE L 5 7.98 26.54 -27.86
C PHE L 5 7.89 25.14 -28.46
N ARG L 6 6.65 24.62 -28.51
CA ARG L 6 6.39 23.32 -29.10
C ARG L 6 5.54 23.52 -30.36
N VAL L 7 5.94 22.84 -31.44
CA VAL L 7 5.21 22.92 -32.69
C VAL L 7 4.50 21.60 -32.97
N TYR L 8 3.19 21.71 -33.23
CA TYR L 8 2.34 20.60 -33.65
C TYR L 8 1.95 20.95 -35.07
N TYR L 9 2.06 19.98 -35.97
CA TYR L 9 1.99 20.25 -37.39
C TYR L 9 1.27 19.15 -38.14
N ARG L 10 0.75 19.52 -39.32
CA ARG L 10 0.27 18.53 -40.28
C ARG L 10 1.11 18.64 -41.54
N ASP L 11 1.80 17.54 -41.89
CA ASP L 11 2.51 17.44 -43.16
C ASP L 11 1.77 16.42 -44.02
N SER L 12 2.08 16.42 -45.31
CA SER L 12 1.45 15.53 -46.27
C SER L 12 -0.05 15.83 -46.27
N ARG L 13 -0.85 14.87 -46.74
CA ARG L 13 -2.29 14.96 -46.70
C ARG L 13 -2.90 14.53 -45.36
N ASP L 14 -2.11 13.90 -44.49
CA ASP L 14 -2.55 13.36 -43.23
C ASP L 14 -3.20 14.39 -42.29
N PRO L 15 -4.49 14.24 -41.91
CA PRO L 15 -5.15 15.27 -41.10
C PRO L 15 -4.85 15.30 -39.60
N VAL L 16 -3.95 14.42 -39.12
CA VAL L 16 -3.73 14.24 -37.68
C VAL L 16 -2.42 14.87 -37.19
N TRP L 17 -2.56 15.74 -36.18
CA TRP L 17 -1.46 16.59 -35.76
C TRP L 17 -0.32 15.73 -35.25
N LYS L 18 0.91 16.14 -35.60
CA LYS L 18 2.10 15.40 -35.23
C LYS L 18 2.76 16.10 -34.04
N GLY L 19 3.42 15.27 -33.21
CA GLY L 19 3.63 15.48 -31.79
C GLY L 19 4.44 16.75 -31.59
N PRO L 20 5.02 17.01 -30.41
CA PRO L 20 5.80 18.24 -30.23
C PRO L 20 7.12 18.16 -30.98
N ALA L 21 7.38 19.19 -31.79
CA ALA L 21 8.62 19.34 -32.56
C ALA L 21 9.24 20.70 -32.25
N LYS L 22 10.57 20.78 -32.39
CA LYS L 22 11.30 21.98 -32.02
C LYS L 22 11.21 23.03 -33.13
N LEU L 23 10.98 24.28 -32.73
CA LEU L 23 10.95 25.36 -33.69
C LEU L 23 12.36 25.85 -33.96
N LEU L 24 12.76 25.78 -35.24
CA LEU L 24 14.05 26.29 -35.69
C LEU L 24 13.94 27.69 -36.26
N TRP L 25 12.96 27.88 -37.16
CA TRP L 25 12.70 29.18 -37.75
C TRP L 25 11.25 29.30 -38.20
N LYS L 26 10.69 30.50 -37.98
CA LYS L 26 9.32 30.81 -38.33
C LYS L 26 9.39 31.99 -39.29
N GLY L 27 8.81 31.79 -40.48
CA GLY L 27 8.71 32.84 -41.50
C GLY L 27 7.25 32.97 -41.95
N GLU L 28 6.85 34.20 -42.32
CA GLU L 28 5.56 34.45 -42.92
C GLU L 28 5.60 33.41 -44.04
N GLY L 29 4.73 32.41 -43.93
CA GLY L 29 4.50 31.46 -45.01
C GLY L 29 4.84 30.02 -44.63
N ALA L 30 5.87 29.87 -43.80
CA ALA L 30 6.39 28.55 -43.46
C ALA L 30 7.14 28.51 -42.12
N VAL L 31 7.27 27.29 -41.58
CA VAL L 31 8.02 27.09 -40.36
C VAL L 31 8.94 25.89 -40.57
N VAL L 32 10.18 26.05 -40.09
CA VAL L 32 11.18 25.00 -40.17
C VAL L 32 11.30 24.46 -38.75
N ILE L 33 11.08 23.16 -38.62
CA ILE L 33 10.96 22.49 -37.33
C ILE L 33 11.83 21.25 -37.34
N GLN L 34 12.18 20.77 -36.14
CA GLN L 34 12.97 19.56 -36.03
C GLN L 34 12.18 18.57 -35.19
N ASP L 35 11.83 17.45 -35.83
CA ASP L 35 11.14 16.36 -35.16
C ASP L 35 12.11 15.19 -35.09
N ASN L 36 12.52 14.80 -33.87
CA ASN L 36 13.45 13.70 -33.68
C ASN L 36 14.62 13.63 -34.67
N SER L 37 15.32 14.76 -34.83
CA SER L 37 16.54 14.85 -35.62
C SER L 37 16.31 15.03 -37.12
N ASP L 38 15.02 15.11 -37.51
CA ASP L 38 14.64 15.37 -38.89
C ASP L 38 14.13 16.80 -39.05
N ILE L 39 14.87 17.62 -39.80
CA ILE L 39 14.43 18.95 -40.14
C ILE L 39 13.31 18.82 -41.17
N LYS L 40 12.25 19.63 -41.01
CA LYS L 40 11.08 19.59 -41.85
C LYS L 40 10.53 21.00 -42.03
N VAL L 41 9.79 21.19 -43.12
CA VAL L 41 9.24 22.49 -43.46
C VAL L 41 7.76 22.34 -43.75
N VAL L 42 6.95 23.09 -43.00
CA VAL L 42 5.51 23.04 -43.19
C VAL L 42 5.03 24.47 -43.33
N PRO L 43 3.87 24.70 -43.99
CA PRO L 43 3.31 26.05 -44.06
C PRO L 43 2.97 26.51 -42.65
N ARG L 44 3.04 27.83 -42.44
CA ARG L 44 2.69 28.42 -41.16
C ARG L 44 1.27 28.00 -40.78
N ARG L 45 0.37 27.99 -41.78
CA ARG L 45 -1.02 27.66 -41.57
C ARG L 45 -1.28 26.19 -41.20
N LYS L 46 -0.27 25.33 -41.36
CA LYS L 46 -0.42 23.95 -40.90
C LYS L 46 0.38 23.70 -39.61
N ALA L 47 0.64 24.78 -38.86
CA ALA L 47 1.50 24.69 -37.69
C ALA L 47 0.87 25.43 -36.52
N LYS L 48 0.73 24.69 -35.42
CA LYS L 48 0.23 25.16 -34.15
C LYS L 48 1.46 25.30 -33.26
N ILE L 49 1.73 26.53 -32.81
CA ILE L 49 2.90 26.79 -31.98
C ILE L 49 2.47 27.22 -30.58
N ILE L 50 2.73 26.38 -29.59
CA ILE L 50 2.28 26.63 -28.24
C ILE L 50 3.48 26.81 -27.33
N ARG L 51 3.50 27.91 -26.56
CA ARG L 51 4.56 28.12 -25.59
C ARG L 51 4.20 27.45 -24.28
N ASP L 52 5.16 26.73 -23.69
CA ASP L 52 4.96 26.07 -22.41
C ASP L 52 4.61 27.07 -21.31
N TYR L 53 3.96 26.57 -20.25
CA TYR L 53 3.61 27.42 -19.12
C TYR L 53 4.90 27.94 -18.46
N CYS M 7 -17.19 29.28 57.11
CA CYS M 7 -16.10 28.56 57.78
C CYS M 7 -16.62 27.49 58.76
N SER M 8 -17.43 26.57 58.20
CA SER M 8 -17.85 25.35 58.86
C SER M 8 -17.94 24.19 57.86
N PRO M 9 -17.65 22.94 58.30
CA PRO M 9 -17.32 21.86 57.36
C PRO M 9 -18.41 21.51 56.35
N GLY M 10 -19.68 21.73 56.74
CA GLY M 10 -20.81 21.37 55.90
C GLY M 10 -21.44 22.53 55.13
N ILE M 11 -20.83 23.72 55.23
CA ILE M 11 -21.39 24.90 54.58
C ILE M 11 -20.76 25.10 53.20
N TRP M 12 -21.63 25.13 52.20
CA TRP M 12 -21.24 25.38 50.82
C TRP M 12 -22.01 26.55 50.23
N GLN M 13 -21.52 27.03 49.08
CA GLN M 13 -22.20 28.04 48.30
C GLN M 13 -22.31 27.57 46.85
N LEU M 14 -23.47 27.83 46.24
CA LEU M 14 -23.76 27.45 44.87
C LEU M 14 -24.00 28.68 44.00
N ASP M 15 -23.37 28.71 42.81
CA ASP M 15 -23.51 29.84 41.92
C ASP M 15 -23.50 29.42 40.45
N CYS M 16 -24.19 30.21 39.62
CA CYS M 16 -24.10 30.10 38.16
C CYS M 16 -23.30 31.24 37.57
N THR M 17 -22.25 30.90 36.81
CA THR M 17 -21.60 31.87 35.93
C THR M 17 -22.03 31.57 34.51
N HIS M 18 -22.11 32.62 33.68
CA HIS M 18 -22.28 32.48 32.25
C HIS M 18 -20.95 32.78 31.56
N LEU M 19 -20.60 31.94 30.58
CA LEU M 19 -19.37 32.12 29.82
C LEU M 19 -19.51 31.44 28.45
N GLU M 20 -19.20 32.19 27.38
CA GLU M 20 -19.33 31.70 26.02
C GLU M 20 -20.72 31.14 25.79
N GLY M 21 -21.74 31.87 26.25
CA GLY M 21 -23.13 31.43 26.13
C GLY M 21 -23.34 30.01 26.66
N LYS M 22 -22.63 29.69 27.73
CA LYS M 22 -22.80 28.44 28.44
C LYS M 22 -22.91 28.73 29.93
N VAL M 23 -23.42 27.74 30.68
CA VAL M 23 -23.70 27.89 32.09
C VAL M 23 -22.77 27.00 32.91
N ILE M 24 -21.85 27.63 33.63
CA ILE M 24 -20.99 26.92 34.56
C ILE M 24 -21.69 27.01 35.91
N LEU M 25 -21.78 25.87 36.58
CA LEU M 25 -22.37 25.76 37.91
C LEU M 25 -21.24 25.44 38.88
N VAL M 26 -21.12 26.25 39.93
CA VAL M 26 -19.95 26.21 40.80
C VAL M 26 -20.35 26.06 42.27
N ALA M 27 -19.69 25.11 42.93
CA ALA M 27 -19.86 24.85 44.35
C ALA M 27 -18.55 25.21 45.06
N VAL M 28 -18.64 26.12 46.04
CA VAL M 28 -17.50 26.43 46.88
C VAL M 28 -17.69 25.92 48.31
N HIS M 29 -16.74 25.10 48.78
CA HIS M 29 -16.70 24.75 50.19
C HIS M 29 -16.07 25.93 50.93
N VAL M 30 -16.93 26.70 51.60
CA VAL M 30 -16.58 28.02 52.11
C VAL M 30 -15.33 28.02 52.99
N ALA M 31 -15.23 27.04 53.87
CA ALA M 31 -14.13 26.95 54.84
C ALA M 31 -12.77 26.82 54.16
N SER M 32 -12.66 25.87 53.22
CA SER M 32 -11.39 25.50 52.58
C SER M 32 -11.07 26.27 51.30
N GLY M 33 -12.12 26.83 50.66
CA GLY M 33 -12.00 27.46 49.36
C GLY M 33 -12.03 26.50 48.18
N TYR M 34 -12.25 25.22 48.45
CA TYR M 34 -12.30 24.18 47.42
C TYR M 34 -13.47 24.36 46.47
N ILE M 35 -13.24 23.97 45.21
CA ILE M 35 -14.19 24.17 44.13
C ILE M 35 -14.59 22.86 43.42
N GLU M 36 -15.89 22.75 43.16
CA GLU M 36 -16.41 21.85 42.16
C GLU M 36 -17.21 22.64 41.12
N ALA M 37 -17.06 22.27 39.85
CA ALA M 37 -17.74 23.00 38.80
C ALA M 37 -18.17 22.05 37.71
N GLU M 38 -19.30 22.38 37.08
CA GLU M 38 -19.79 21.58 35.97
C GLU M 38 -20.41 22.53 34.96
N VAL M 39 -20.17 22.26 33.67
CA VAL M 39 -20.78 23.05 32.62
C VAL M 39 -22.04 22.30 32.19
N ILE M 40 -23.19 22.99 32.25
CA ILE M 40 -24.49 22.37 32.07
C ILE M 40 -25.18 22.98 30.86
N PRO M 41 -26.11 22.25 30.21
CA PRO M 41 -26.73 22.72 28.97
C PRO M 41 -27.74 23.84 29.17
N ALA M 42 -28.42 23.83 30.32
CA ALA M 42 -29.44 24.82 30.64
C ALA M 42 -29.35 25.21 32.11
N GLU M 43 -29.69 26.48 32.41
CA GLU M 43 -29.74 26.97 33.78
C GLU M 43 -31.07 26.59 34.41
N THR M 44 -31.31 25.27 34.51
CA THR M 44 -32.59 24.75 34.97
C THR M 44 -32.43 24.27 36.41
N GLY M 45 -33.58 24.09 37.08
CA GLY M 45 -33.65 23.49 38.39
C GLY M 45 -33.29 22.00 38.38
N GLN M 46 -33.67 21.30 37.29
CA GLN M 46 -33.32 19.90 37.11
C GLN M 46 -31.82 19.71 37.17
N GLU M 47 -31.10 20.54 36.41
CA GLU M 47 -29.66 20.45 36.29
C GLU M 47 -28.96 20.80 37.61
N THR M 48 -29.42 21.91 38.22
CA THR M 48 -28.94 22.33 39.53
C THR M 48 -29.09 21.21 40.57
N ALA M 49 -30.29 20.60 40.61
CA ALA M 49 -30.61 19.53 41.55
C ALA M 49 -29.75 18.27 41.34
N TYR M 50 -29.60 17.85 40.08
CA TYR M 50 -28.76 16.71 39.77
C TYR M 50 -27.31 16.97 40.18
N PHE M 51 -26.87 18.23 40.04
CA PHE M 51 -25.55 18.63 40.53
C PHE M 51 -25.45 18.41 42.04
N LEU M 52 -26.41 18.99 42.76
CA LEU M 52 -26.48 18.90 44.20
C LEU M 52 -26.43 17.48 44.74
N LEU M 53 -27.13 16.56 44.06
CA LEU M 53 -27.06 15.15 44.42
C LEU M 53 -25.65 14.58 44.35
N LYS M 54 -24.97 14.87 43.23
CA LYS M 54 -23.59 14.44 43.04
C LYS M 54 -22.70 14.98 44.16
N LEU M 55 -22.89 16.27 44.47
CA LEU M 55 -22.08 16.94 45.47
C LEU M 55 -22.25 16.28 46.83
N ALA M 56 -23.52 15.98 47.15
CA ALA M 56 -23.91 15.54 48.48
C ALA M 56 -23.48 14.10 48.72
N GLY M 57 -23.36 13.33 47.62
CA GLY M 57 -22.95 11.94 47.75
C GLY M 57 -21.47 11.79 48.01
N ARG M 58 -20.76 12.91 47.81
CA ARG M 58 -19.31 12.97 47.86
C ARG M 58 -18.78 13.69 49.10
N TRP M 59 -19.51 14.72 49.55
CA TRP M 59 -19.16 15.48 50.74
C TRP M 59 -20.29 15.51 51.77
N PRO M 60 -19.96 15.61 53.08
CA PRO M 60 -20.96 15.92 54.10
C PRO M 60 -21.44 17.37 53.97
N VAL M 61 -22.58 17.54 53.29
CA VAL M 61 -23.13 18.85 52.98
C VAL M 61 -24.32 19.12 53.88
N LYS M 62 -24.19 20.08 54.79
CA LYS M 62 -25.28 20.37 55.70
C LYS M 62 -26.12 21.53 55.20
N THR M 63 -25.45 22.57 54.68
CA THR M 63 -26.12 23.80 54.30
C THR M 63 -25.60 24.33 52.97
N VAL M 64 -26.53 24.81 52.13
CA VAL M 64 -26.17 25.41 50.85
C VAL M 64 -26.71 26.84 50.79
N HIS M 65 -25.79 27.76 50.45
CA HIS M 65 -26.15 29.15 50.20
C HIS M 65 -26.39 29.37 48.71
N THR M 66 -27.52 29.99 48.38
CA THR M 66 -27.86 30.33 47.00
C THR M 66 -28.60 31.66 46.97
N ASP M 67 -28.86 32.17 45.77
CA ASP M 67 -29.67 33.36 45.58
C ASP M 67 -31.12 32.96 45.32
N ASN M 68 -31.99 33.93 45.05
CA ASN M 68 -33.36 33.70 44.63
C ASN M 68 -33.49 33.22 43.18
N GLY M 69 -32.40 32.71 42.59
CA GLY M 69 -32.43 32.19 41.23
C GLY M 69 -33.59 31.23 41.07
N SER M 70 -34.38 31.41 40.01
CA SER M 70 -35.48 30.50 39.72
C SER M 70 -35.02 29.05 39.68
N ASN M 71 -33.77 28.83 39.24
CA ASN M 71 -33.22 27.48 39.24
C ASN M 71 -32.96 26.97 40.66
N PHE M 72 -32.64 27.87 41.59
CA PHE M 72 -32.34 27.51 42.97
C PHE M 72 -33.58 27.43 43.86
N THR M 73 -34.60 28.24 43.55
CA THR M 73 -35.88 28.16 44.21
C THR M 73 -36.78 27.09 43.58
N SER M 74 -36.27 26.39 42.56
CA SER M 74 -37.03 25.34 41.89
C SER M 74 -37.35 24.19 42.83
N THR M 75 -38.46 23.52 42.55
CA THR M 75 -38.94 22.39 43.33
C THR M 75 -38.02 21.18 43.25
N THR M 76 -37.38 20.97 42.09
CA THR M 76 -36.43 19.88 41.95
C THR M 76 -35.26 20.03 42.91
N VAL M 77 -34.76 21.27 43.06
CA VAL M 77 -33.66 21.55 43.97
C VAL M 77 -34.11 21.31 45.41
N LYS M 78 -35.30 21.83 45.75
CA LYS M 78 -35.88 21.63 47.06
C LYS M 78 -35.97 20.15 47.43
N ALA M 79 -36.49 19.36 46.48
CA ALA M 79 -36.56 17.91 46.61
C ALA M 79 -35.21 17.28 46.91
N ALA M 80 -34.19 17.65 46.12
CA ALA M 80 -32.84 17.13 46.33
C ALA M 80 -32.34 17.41 47.73
N CYS M 81 -32.57 18.66 48.18
CA CYS M 81 -32.10 19.10 49.50
C CYS M 81 -32.78 18.32 50.61
N TRP M 82 -34.11 18.24 50.55
CA TRP M 82 -34.88 17.50 51.54
C TRP M 82 -34.48 16.04 51.59
N TRP M 83 -34.22 15.45 50.42
CA TRP M 83 -33.86 14.05 50.35
C TRP M 83 -32.51 13.79 51.01
N ALA M 84 -31.53 14.61 50.66
CA ALA M 84 -30.18 14.46 51.15
C ALA M 84 -29.93 15.14 52.50
N GLY M 85 -30.94 15.83 53.02
CA GLY M 85 -30.81 16.47 54.33
C GLY M 85 -29.96 17.74 54.36
N ILE M 86 -29.98 18.48 53.26
CA ILE M 86 -29.35 19.78 53.16
C ILE M 86 -30.35 20.90 53.47
N LYS M 87 -30.01 21.78 54.41
CA LYS M 87 -30.75 23.00 54.61
C LYS M 87 -30.28 23.99 53.55
N GLN M 88 -31.22 24.72 52.96
CA GLN M 88 -30.91 25.71 51.95
C GLN M 88 -31.17 27.10 52.54
N GLU M 89 -30.13 27.95 52.51
CA GLU M 89 -30.26 29.33 52.90
C GLU M 89 -30.32 30.21 51.65
N PHE M 90 -31.04 31.33 51.76
CA PHE M 90 -31.33 32.17 50.60
C PHE M 90 -30.79 33.61 50.66
N GLY M 91 -29.56 33.72 50.19
CA GLY M 91 -28.75 34.91 50.37
C GLY M 91 -27.58 34.57 51.29
N ILE M 92 -26.77 35.61 51.55
CA ILE M 92 -25.35 35.45 51.80
C ILE M 92 -24.98 35.11 53.25
N PRO M 93 -23.93 34.28 53.49
CA PRO M 93 -23.54 33.86 54.85
C PRO M 93 -23.15 34.97 55.80
N ASN M 95 -22.32 37.07 58.00
CA ASN M 95 -20.89 36.87 58.21
C ASN M 95 -20.11 37.54 57.07
N PRO M 96 -19.42 38.67 57.35
CA PRO M 96 -18.61 39.35 56.35
C PRO M 96 -17.37 38.58 55.89
N GLN M 97 -16.72 37.87 56.84
CA GLN M 97 -15.50 37.12 56.57
C GLN M 97 -15.72 35.91 55.66
N SER M 98 -16.87 35.23 55.82
CA SER M 98 -17.25 34.10 55.00
C SER M 98 -17.69 34.51 53.60
N GLN M 99 -18.57 35.53 53.56
CA GLN M 99 -19.05 36.13 52.32
C GLN M 99 -17.91 36.66 51.45
N GLY M 100 -16.86 37.19 52.09
CA GLY M 100 -15.65 37.63 51.40
C GLY M 100 -14.89 36.51 50.69
N VAL M 101 -14.97 35.28 51.23
CA VAL M 101 -14.29 34.12 50.66
C VAL M 101 -15.04 33.64 49.42
N ILE M 102 -16.34 33.40 49.60
CA ILE M 102 -17.23 32.97 48.52
C ILE M 102 -17.10 33.87 47.29
N GLU M 103 -17.06 35.20 47.49
CA GLU M 103 -16.99 36.17 46.41
C GLU M 103 -15.75 36.00 45.52
N SER M 104 -14.61 35.77 46.18
CA SER M 104 -13.31 35.81 45.54
C SER M 104 -12.90 34.48 44.89
N MET M 105 -13.38 33.35 45.42
CA MET M 105 -13.08 32.04 44.85
C MET M 105 -13.79 31.84 43.52
N ASN M 106 -14.92 32.53 43.34
CA ASN M 106 -15.65 32.52 42.09
C ASN M 106 -14.96 33.37 41.02
N LYS M 107 -14.52 34.57 41.42
CA LYS M 107 -13.82 35.46 40.51
C LYS M 107 -12.44 34.91 40.15
N GLU M 108 -11.73 34.31 41.12
CA GLU M 108 -10.47 33.64 40.83
C GLU M 108 -10.65 32.55 39.80
N LEU M 109 -11.75 31.78 39.91
CA LEU M 109 -11.99 30.69 38.98
C LEU M 109 -12.08 31.24 37.55
N LYS M 110 -12.83 32.34 37.39
CA LYS M 110 -12.99 32.96 36.08
C LYS M 110 -11.63 33.32 35.51
N LYS M 111 -10.80 33.97 36.33
CA LYS M 111 -9.45 34.35 35.94
C LYS M 111 -8.68 33.18 35.36
N ILE M 112 -8.61 32.07 36.12
CA ILE M 112 -7.85 30.92 35.70
C ILE M 112 -8.39 30.33 34.40
N ILE M 113 -9.72 30.30 34.26
CA ILE M 113 -10.33 29.79 33.04
C ILE M 113 -9.80 30.62 31.87
N GLY M 114 -9.87 31.95 32.02
CA GLY M 114 -9.34 32.86 31.01
C GLY M 114 -7.89 32.53 30.65
N GLN M 115 -7.06 32.32 31.68
CA GLN M 115 -5.66 31.99 31.49
C GLN M 115 -5.47 30.73 30.66
N VAL M 116 -6.18 29.66 31.00
CA VAL M 116 -5.95 28.39 30.34
C VAL M 116 -6.83 28.16 29.12
N ARG M 117 -7.75 29.10 28.84
CA ARG M 117 -8.81 28.85 27.89
C ARG M 117 -8.31 28.30 26.55
N ASP M 118 -7.28 28.95 26.01
CA ASP M 118 -6.75 28.60 24.70
C ASP M 118 -5.99 27.26 24.67
N GLN M 119 -5.67 26.71 25.85
CA GLN M 119 -4.94 25.46 25.91
C GLN M 119 -5.81 24.28 25.52
N ALA M 120 -7.14 24.46 25.58
CA ALA M 120 -8.07 23.39 25.26
C ALA M 120 -9.16 23.88 24.32
N GLU M 121 -9.67 22.93 23.54
CA GLU M 121 -10.69 23.19 22.55
C GLU M 121 -11.98 23.62 23.22
N HIS M 122 -12.51 22.71 24.04
CA HIS M 122 -13.80 22.82 24.69
C HIS M 122 -13.68 23.63 25.98
N LEU M 123 -14.64 24.54 26.20
CA LEU M 123 -14.74 25.31 27.43
C LEU M 123 -14.78 24.40 28.65
N LYS M 124 -15.55 23.30 28.57
CA LYS M 124 -15.63 22.37 29.69
C LYS M 124 -14.24 21.89 30.12
N THR M 125 -13.37 21.59 29.15
CA THR M 125 -12.04 21.11 29.45
C THR M 125 -11.24 22.21 30.15
N ALA M 126 -11.41 23.45 29.70
CA ALA M 126 -10.75 24.59 30.33
C ALA M 126 -11.23 24.79 31.76
N VAL M 127 -12.54 24.61 31.99
CA VAL M 127 -13.12 24.77 33.31
C VAL M 127 -12.55 23.73 34.27
N GLN M 128 -12.49 22.47 33.85
CA GLN M 128 -11.99 21.43 34.73
C GLN M 128 -10.50 21.56 34.97
N MET M 129 -9.77 22.01 33.94
CA MET M 129 -8.36 22.35 34.08
C MET M 129 -8.19 23.39 35.17
N ALA M 130 -9.01 24.45 35.09
CA ALA M 130 -8.95 25.56 36.02
C ALA M 130 -9.32 25.17 37.46
N VAL M 131 -10.32 24.31 37.61
CA VAL M 131 -10.68 23.75 38.90
C VAL M 131 -9.48 23.02 39.50
N PHE M 132 -8.90 22.10 38.72
CA PHE M 132 -7.70 21.39 39.11
C PHE M 132 -6.57 22.33 39.53
N ILE M 133 -6.26 23.30 38.69
CA ILE M 133 -5.25 24.28 39.02
C ILE M 133 -5.54 24.99 40.36
N HIS M 134 -6.82 25.33 40.57
CA HIS M 134 -7.19 26.11 41.74
C HIS M 134 -7.07 25.27 43.01
N ASN M 135 -7.66 24.07 43.00
CA ASN M 135 -7.64 23.18 44.14
C ASN M 135 -6.22 22.74 44.50
N LYS M 136 -5.32 22.60 43.52
CA LYS M 136 -3.98 22.08 43.75
C LYS M 136 -2.94 23.14 44.12
N LYS M 137 -3.26 24.41 43.90
CA LYS M 137 -2.31 25.50 44.08
C LYS M 137 -1.97 25.71 45.55
N ARG M 138 -0.69 26.01 45.84
CA ARG M 138 -0.18 26.30 47.18
C ARG M 138 0.47 27.68 47.17
N LYS M 139 0.99 28.11 48.33
CA LYS M 139 1.96 29.19 48.38
C LYS M 139 3.25 28.78 49.11
N GLY M 140 3.32 27.52 49.59
CA GLY M 140 4.43 27.05 50.41
C GLY M 140 4.71 27.94 51.60
N GLY M 143 4.36 27.50 55.83
CA GLY M 143 3.90 26.25 55.22
C GLY M 143 2.42 26.24 54.80
N GLY M 144 2.11 26.93 53.69
CA GLY M 144 0.75 27.11 53.21
C GLY M 144 0.29 26.01 52.25
N TYR M 145 -0.94 25.52 52.44
CA TYR M 145 -1.40 24.29 51.83
C TYR M 145 -2.45 24.60 50.76
N SER M 146 -2.85 23.58 49.98
CA SER M 146 -3.81 23.76 48.91
C SER M 146 -5.25 23.60 49.42
N ALA M 147 -6.23 24.06 48.63
CA ALA M 147 -7.63 23.95 49.01
C ALA M 147 -8.05 22.48 49.02
N GLY M 148 -7.58 21.72 48.04
CA GLY M 148 -7.81 20.28 48.00
C GLY M 148 -7.39 19.59 49.28
N GLU M 149 -6.28 20.07 49.87
CA GLU M 149 -5.79 19.53 51.12
C GLU M 149 -6.59 20.06 52.30
N ARG M 150 -6.83 21.37 52.32
CA ARG M 150 -7.58 21.99 53.40
C ARG M 150 -8.93 21.32 53.62
N ILE M 151 -9.67 21.03 52.54
CA ILE M 151 -11.00 20.45 52.68
C ILE M 151 -10.87 19.08 53.34
N VAL M 152 -10.05 18.19 52.79
CA VAL M 152 -9.95 16.85 53.35
C VAL M 152 -9.53 16.94 54.81
N ASP M 153 -8.59 17.82 55.12
CA ASP M 153 -8.17 18.04 56.50
C ASP M 153 -9.35 18.40 57.40
N ILE M 154 -10.11 19.42 56.97
CA ILE M 154 -11.24 19.91 57.74
C ILE M 154 -12.26 18.80 57.98
N ILE M 155 -12.73 18.17 56.88
CA ILE M 155 -13.74 17.14 56.96
C ILE M 155 -13.26 15.97 57.82
N ALA M 156 -11.97 15.63 57.67
CA ALA M 156 -11.38 14.52 58.39
C ALA M 156 -11.37 14.77 59.89
N THR M 157 -10.89 15.96 60.30
CA THR M 157 -10.84 16.30 61.71
C THR M 157 -12.25 16.35 62.29
N ASP M 158 -13.24 16.73 61.47
CA ASP M 158 -14.63 16.71 61.92
C ASP M 158 -15.19 15.30 62.09
N ILE M 159 -14.79 14.32 61.27
CA ILE M 159 -15.30 12.95 61.34
C ILE M 159 -16.03 12.50 62.60
N GLN M 160 -15.45 12.73 63.80
CA GLN M 160 -16.11 12.45 65.07
C GLN M 160 -15.81 11.03 65.56
N ASP N 6 3.08 4.01 51.97
CA ASP N 6 1.70 3.77 51.56
C ASP N 6 1.27 4.64 50.37
N CYS N 7 1.21 4.00 49.20
CA CYS N 7 0.78 4.61 47.93
C CYS N 7 -0.73 4.42 47.68
N SER N 8 -1.33 3.47 48.41
CA SER N 8 -2.77 3.25 48.46
C SER N 8 -3.64 4.49 48.28
N PRO N 9 -3.34 5.63 48.94
CA PRO N 9 -4.22 6.80 48.88
C PRO N 9 -4.51 7.34 47.48
N GLY N 10 -3.54 7.14 46.55
CA GLY N 10 -3.66 7.66 45.20
C GLY N 10 -4.11 6.66 44.15
N ILE N 11 -4.42 5.42 44.59
CA ILE N 11 -4.77 4.36 43.67
C ILE N 11 -6.28 4.28 43.49
N TRP N 12 -6.71 4.41 42.23
CA TRP N 12 -8.11 4.29 41.86
C TRP N 12 -8.32 3.24 40.78
N GLN N 13 -9.58 2.85 40.61
CA GLN N 13 -9.98 1.91 39.58
C GLN N 13 -11.17 2.49 38.80
N LEU N 14 -11.13 2.32 37.48
CA LEU N 14 -12.14 2.89 36.59
C LEU N 14 -12.84 1.78 35.83
N ASP N 15 -14.18 1.86 35.75
CA ASP N 15 -14.97 0.82 35.10
C ASP N 15 -16.19 1.39 34.38
N CYS N 16 -16.58 0.73 33.28
CA CYS N 16 -17.85 1.00 32.61
C CYS N 16 -18.87 -0.09 32.88
N THR N 17 -20.05 0.31 33.37
CA THR N 17 -21.22 -0.55 33.35
C THR N 17 -22.09 -0.09 32.19
N HIS N 18 -22.77 -1.05 31.56
CA HIS N 18 -23.86 -0.75 30.65
C HIS N 18 -25.17 -1.13 31.34
N LEU N 19 -26.15 -0.22 31.30
CA LEU N 19 -27.41 -0.41 31.99
C LEU N 19 -28.48 0.43 31.32
N GLU N 20 -29.61 -0.22 30.97
CA GLU N 20 -30.70 0.42 30.27
C GLU N 20 -30.18 1.14 29.02
N GLY N 21 -29.31 0.47 28.26
CA GLY N 21 -28.72 1.07 27.07
C GLY N 21 -28.09 2.42 27.34
N LYS N 22 -27.48 2.55 28.52
CA LYS N 22 -26.72 3.73 28.90
C LYS N 22 -25.39 3.28 29.48
N VAL N 23 -24.44 4.22 29.53
CA VAL N 23 -23.08 3.95 29.97
C VAL N 23 -22.80 4.68 31.28
N ILE N 24 -22.70 3.90 32.36
CA ILE N 24 -22.32 4.42 33.66
C ILE N 24 -20.81 4.23 33.75
N LEU N 25 -20.12 5.30 34.15
CA LEU N 25 -18.69 5.29 34.35
C LEU N 25 -18.43 5.43 35.85
N VAL N 26 -17.65 4.51 36.41
CA VAL N 26 -17.48 4.42 37.85
C VAL N 26 -16.01 4.44 38.27
N ALA N 27 -15.72 5.29 39.27
CA ALA N 27 -14.40 5.38 39.86
C ALA N 27 -14.46 4.92 41.31
N VAL N 28 -13.63 3.91 41.65
CA VAL N 28 -13.49 3.45 43.01
C VAL N 28 -12.13 3.81 43.59
N HIS N 29 -12.14 4.50 44.73
CA HIS N 29 -10.92 4.69 45.49
C HIS N 29 -10.65 3.40 46.27
N VAL N 30 -9.69 2.62 45.78
CA VAL N 30 -9.49 1.24 46.18
C VAL N 30 -9.39 1.04 47.69
N ALA N 31 -8.61 1.93 48.34
CA ALA N 31 -8.34 1.82 49.77
C ALA N 31 -9.61 1.94 50.61
N SER N 32 -10.41 2.98 50.34
CA SER N 32 -11.57 3.34 51.14
C SER N 32 -12.89 2.70 50.69
N GLY N 33 -12.94 2.28 49.42
CA GLY N 33 -14.16 1.78 48.80
C GLY N 33 -15.10 2.87 48.28
N TYR N 34 -14.68 4.14 48.37
CA TYR N 34 -15.48 5.27 47.94
C TYR N 34 -15.75 5.27 46.44
N ILE N 35 -16.92 5.79 46.06
CA ILE N 35 -17.39 5.76 44.68
C ILE N 35 -17.74 7.14 44.12
N GLU N 36 -17.34 7.37 42.87
CA GLU N 36 -17.91 8.41 42.02
C GLU N 36 -18.42 7.77 40.74
N ALA N 37 -19.57 8.24 40.25
CA ALA N 37 -20.14 7.67 39.05
C ALA N 37 -20.77 8.77 38.21
N GLU N 38 -20.75 8.57 36.89
CA GLU N 38 -21.38 9.52 35.99
C GLU N 38 -21.98 8.73 34.84
N VAL N 39 -23.19 9.13 34.43
CA VAL N 39 -23.81 8.51 33.27
C VAL N 39 -23.48 9.38 32.07
N ILE N 40 -22.86 8.75 31.05
CA ILE N 40 -22.31 9.46 29.91
C ILE N 40 -23.02 9.03 28.64
N PRO N 41 -23.06 9.90 27.60
CA PRO N 41 -23.85 9.62 26.40
C PRO N 41 -23.23 8.55 25.50
N ALA N 42 -21.89 8.47 25.51
CA ALA N 42 -21.16 7.51 24.71
C ALA N 42 -19.98 6.95 25.49
N GLU N 43 -19.62 5.68 25.21
CA GLU N 43 -18.46 5.04 25.82
C GLU N 43 -17.19 5.46 25.07
N THR N 44 -16.89 6.76 25.11
CA THR N 44 -15.83 7.32 24.28
C THR N 44 -14.62 7.60 25.17
N GLY N 45 -13.46 7.77 24.54
CA GLY N 45 -12.24 8.22 25.21
C GLY N 45 -12.32 9.67 25.66
N GLN N 46 -13.00 10.51 24.87
CA GLN N 46 -13.24 11.91 25.21
C GLN N 46 -13.96 11.99 26.56
N GLU N 47 -15.04 11.23 26.68
CA GLU N 47 -15.89 11.22 27.86
C GLU N 47 -15.15 10.68 29.08
N THR N 48 -14.47 9.56 28.89
CA THR N 48 -13.62 8.96 29.91
C THR N 48 -12.57 9.95 30.44
N ALA N 49 -11.89 10.63 29.51
CA ALA N 49 -10.86 11.60 29.84
C ALA N 49 -11.39 12.81 30.60
N TYR N 50 -12.52 13.36 30.13
CA TYR N 50 -13.17 14.46 30.84
C TYR N 50 -13.57 14.05 32.25
N PHE N 51 -13.99 12.79 32.41
CA PHE N 51 -14.31 12.25 33.73
C PHE N 51 -13.06 12.29 34.62
N LEU N 52 -11.98 11.70 34.10
CA LEU N 52 -10.70 11.63 34.79
C LEU N 52 -10.20 12.99 35.26
N LEU N 53 -10.35 14.01 34.41
CA LEU N 53 -10.00 15.37 34.80
C LEU N 53 -10.78 15.86 36.03
N LYS N 54 -12.09 15.64 36.02
CA LYS N 54 -12.92 16.03 37.15
C LYS N 54 -12.47 15.31 38.41
N LEU N 55 -12.18 14.02 38.27
CA LEU N 55 -11.77 13.20 39.39
C LEU N 55 -10.47 13.71 39.99
N ALA N 56 -9.53 14.05 39.11
CA ALA N 56 -8.17 14.38 39.48
C ALA N 56 -8.10 15.76 40.10
N GLY N 57 -9.04 16.63 39.75
CA GLY N 57 -9.06 17.97 40.30
C GLY N 57 -9.57 18.00 41.73
N ARG N 58 -10.19 16.88 42.12
CA ARG N 58 -10.90 16.73 43.37
C ARG N 58 -10.15 15.85 44.37
N TRP N 59 -9.45 14.82 43.85
CA TRP N 59 -8.64 13.92 44.67
C TRP N 59 -7.18 13.86 44.22
N PRO N 60 -6.23 13.62 45.15
CA PRO N 60 -4.86 13.27 44.78
C PRO N 60 -4.81 11.88 44.15
N VAL N 61 -4.80 11.85 42.81
CA VAL N 61 -4.84 10.63 42.05
C VAL N 61 -3.46 10.37 41.47
N LYS N 62 -2.80 9.30 41.93
CA LYS N 62 -1.50 8.94 41.38
C LYS N 62 -1.63 7.92 40.27
N THR N 63 -2.49 6.92 40.48
CA THR N 63 -2.53 5.76 39.60
C THR N 63 -3.97 5.34 39.30
N VAL N 64 -4.23 5.00 38.03
CA VAL N 64 -5.54 4.55 37.63
C VAL N 64 -5.46 3.17 37.00
N HIS N 65 -6.23 2.22 37.55
CA HIS N 65 -6.36 0.88 37.02
C HIS N 65 -7.56 0.80 36.08
N THR N 66 -7.33 0.25 34.89
CA THR N 66 -8.36 0.12 33.88
C THR N 66 -8.14 -1.16 33.10
N ASP N 67 -9.11 -1.50 32.25
CA ASP N 67 -8.99 -2.61 31.33
C ASP N 67 -8.44 -2.12 29.99
N ASN N 68 -8.32 -3.03 29.01
CA ASN N 68 -7.94 -2.68 27.65
C ASN N 68 -9.07 -2.03 26.84
N GLY N 69 -10.08 -1.51 27.52
CA GLY N 69 -11.17 -0.80 26.87
C GLY N 69 -10.62 0.24 25.90
N SER N 70 -11.11 0.21 24.66
CA SER N 70 -10.71 1.19 23.66
C SER N 70 -10.86 2.62 24.17
N ASN N 71 -11.86 2.85 25.03
CA ASN N 71 -12.05 4.15 25.65
C ASN N 71 -10.94 4.49 26.64
N PHE N 72 -10.37 3.47 27.29
CA PHE N 72 -9.32 3.66 28.29
C PHE N 72 -7.92 3.70 27.69
N THR N 73 -7.73 2.95 26.58
CA THR N 73 -6.49 3.00 25.83
C THR N 73 -6.47 4.17 24.84
N SER N 74 -7.54 4.98 24.83
CA SER N 74 -7.63 6.13 23.95
C SER N 74 -6.58 7.18 24.29
N THR N 75 -6.18 7.92 23.26
CA THR N 75 -5.18 8.96 23.37
C THR N 75 -5.66 10.17 24.17
N THR N 76 -6.96 10.46 24.15
CA THR N 76 -7.50 11.51 24.99
C THR N 76 -7.30 11.23 26.48
N VAL N 77 -7.49 9.96 26.86
CA VAL N 77 -7.29 9.54 28.25
C VAL N 77 -5.81 9.65 28.60
N LYS N 78 -4.95 9.15 27.70
CA LYS N 78 -3.50 9.24 27.87
C LYS N 78 -3.05 10.68 28.10
N ALA N 79 -3.55 11.59 27.26
CA ALA N 79 -3.31 13.02 27.39
C ALA N 79 -3.67 13.55 28.79
N ALA N 80 -4.88 13.22 29.23
CA ALA N 80 -5.34 13.63 30.55
C ALA N 80 -4.38 13.15 31.65
N CYS N 81 -3.95 11.89 31.54
CA CYS N 81 -3.09 11.26 32.53
C CYS N 81 -1.74 11.96 32.58
N TRP N 82 -1.12 12.14 31.41
CA TRP N 82 0.16 12.80 31.33
C TRP N 82 0.09 14.23 31.87
N TRP N 83 -1.00 14.92 31.57
CA TRP N 83 -1.18 16.29 32.01
C TRP N 83 -1.27 16.38 33.52
N ALA N 84 -2.10 15.52 34.11
CA ALA N 84 -2.37 15.53 35.55
C ALA N 84 -1.37 14.70 36.35
N GLY N 85 -0.43 14.02 35.65
CA GLY N 85 0.57 13.22 36.34
C GLY N 85 0.05 11.92 36.96
N ILE N 86 -0.95 11.33 36.31
CA ILE N 86 -1.46 10.02 36.65
C ILE N 86 -0.77 8.92 35.85
N LYS N 87 -0.24 7.91 36.55
CA LYS N 87 0.22 6.70 35.90
C LYS N 87 -1.01 5.84 35.64
N GLN N 88 -1.05 5.23 34.46
CA GLN N 88 -2.16 4.35 34.11
C GLN N 88 -1.68 2.91 34.06
N GLU N 89 -2.31 2.04 34.84
CA GLU N 89 -1.99 0.62 34.87
C GLU N 89 -3.09 -0.16 34.15
N PHE N 90 -2.71 -1.27 33.52
CA PHE N 90 -3.61 -2.02 32.64
C PHE N 90 -3.63 -3.48 33.10
N MET N 105 -17.51 -0.65 46.00
CA MET N 105 -17.55 -1.85 45.16
C MET N 105 -18.52 -1.69 44.00
N ASN N 106 -18.12 -2.24 42.84
CA ASN N 106 -18.85 -2.07 41.61
C ASN N 106 -20.12 -2.93 41.56
N LYS N 107 -20.03 -4.19 42.00
CA LYS N 107 -21.19 -5.07 42.02
C LYS N 107 -22.21 -4.63 43.07
N GLU N 108 -21.73 -4.17 44.23
CA GLU N 108 -22.62 -3.61 45.25
C GLU N 108 -23.39 -2.42 44.69
N LEU N 109 -22.68 -1.57 43.92
CA LEU N 109 -23.32 -0.38 43.36
C LEU N 109 -24.49 -0.77 42.48
N LYS N 110 -24.28 -1.78 41.62
CA LYS N 110 -25.36 -2.24 40.75
C LYS N 110 -26.57 -2.66 41.58
N LYS N 111 -26.32 -3.46 42.63
CA LYS N 111 -27.37 -3.90 43.53
C LYS N 111 -28.21 -2.72 44.02
N ILE N 112 -27.54 -1.72 44.61
CA ILE N 112 -28.22 -0.56 45.17
C ILE N 112 -29.03 0.19 44.12
N ILE N 113 -28.47 0.32 42.91
CA ILE N 113 -29.18 1.00 41.83
C ILE N 113 -30.48 0.24 41.59
N GLY N 114 -30.40 -1.08 41.46
CA GLY N 114 -31.58 -1.91 41.31
C GLY N 114 -32.62 -1.66 42.41
N GLN N 115 -32.15 -1.60 43.65
CA GLN N 115 -33.01 -1.35 44.80
C GLN N 115 -33.75 -0.02 44.69
N VAL N 116 -33.03 1.06 44.34
CA VAL N 116 -33.64 2.37 44.34
C VAL N 116 -34.24 2.76 42.99
N ARG N 117 -34.07 1.91 41.97
CA ARG N 117 -34.29 2.32 40.60
C ARG N 117 -35.67 2.96 40.38
N ASP N 118 -36.70 2.29 40.91
CA ASP N 118 -38.07 2.73 40.73
C ASP N 118 -38.44 4.00 41.50
N GLN N 119 -37.57 4.42 42.43
CA GLN N 119 -37.85 5.60 43.21
C GLN N 119 -37.69 6.87 42.39
N ALA N 120 -36.92 6.79 41.30
CA ALA N 120 -36.62 7.96 40.47
C ALA N 120 -36.85 7.66 38.99
N GLU N 121 -37.21 8.71 38.25
CA GLU N 121 -37.58 8.59 36.86
C GLU N 121 -36.35 8.17 36.04
N HIS N 122 -35.33 9.04 36.06
CA HIS N 122 -34.12 8.92 35.28
C HIS N 122 -33.14 7.99 35.97
N LEU N 123 -32.50 7.13 35.17
CA LEU N 123 -31.44 6.26 35.65
C LEU N 123 -30.34 7.04 36.34
N LYS N 124 -29.94 8.19 35.76
CA LYS N 124 -28.90 9.00 36.34
C LYS N 124 -29.22 9.37 37.80
N THR N 125 -30.48 9.72 38.06
CA THR N 125 -30.90 10.09 39.40
C THR N 125 -30.76 8.90 40.35
N ALA N 126 -31.14 7.71 39.85
CA ALA N 126 -31.00 6.49 40.62
C ALA N 126 -29.54 6.17 40.93
N VAL N 127 -28.67 6.40 39.95
CA VAL N 127 -27.24 6.14 40.10
C VAL N 127 -26.66 7.03 41.20
N GLN N 128 -26.96 8.34 41.16
CA GLN N 128 -26.40 9.25 42.14
C GLN N 128 -26.98 9.00 43.52
N MET N 129 -28.27 8.63 43.58
CA MET N 129 -28.89 8.18 44.83
C MET N 129 -28.11 7.01 45.42
N ALA N 130 -27.81 6.02 44.58
CA ALA N 130 -27.11 4.81 44.98
C ALA N 130 -25.67 5.09 45.44
N VAL N 131 -24.98 5.99 44.73
CA VAL N 131 -23.65 6.43 45.12
C VAL N 131 -23.69 7.02 46.53
N PHE N 132 -24.61 7.97 46.73
CA PHE N 132 -24.83 8.59 48.03
C PHE N 132 -25.10 7.54 49.12
N ILE N 133 -26.04 6.64 48.87
CA ILE N 133 -26.31 5.57 49.80
C ILE N 133 -25.05 4.78 50.15
N HIS N 134 -24.24 4.48 49.12
CA HIS N 134 -23.08 3.62 49.29
C HIS N 134 -22.00 4.32 50.12
N ASN N 135 -21.64 5.55 49.74
CA ASN N 135 -20.62 6.32 50.42
C ASN N 135 -20.97 6.61 51.88
N LYS N 136 -22.26 6.80 52.18
CA LYS N 136 -22.69 7.21 53.52
C LYS N 136 -22.97 6.05 54.47
N LYS N 137 -23.14 4.83 53.93
CA LYS N 137 -23.44 3.65 54.72
C LYS N 137 -22.25 3.25 55.58
N ARG N 138 -22.53 2.72 56.78
CA ARG N 138 -21.50 2.33 57.75
C ARG N 138 -21.39 0.83 57.98
N LYS N 139 -20.39 0.44 58.76
CA LYS N 139 -20.13 -0.97 59.02
C LYS N 139 -20.07 -1.26 60.54
N TYR N 145 -15.97 4.72 59.83
CA TYR N 145 -17.09 3.87 59.51
C TYR N 145 -17.49 3.83 58.03
N SER N 146 -17.91 4.95 57.44
CA SER N 146 -18.38 4.95 56.06
C SER N 146 -17.23 5.14 55.07
N ALA N 147 -17.46 4.83 53.80
CA ALA N 147 -16.43 5.00 52.77
C ALA N 147 -16.11 6.48 52.58
N GLY N 148 -17.17 7.31 52.58
CA GLY N 148 -16.99 8.75 52.52
C GLY N 148 -16.05 9.27 53.60
N GLU N 149 -16.12 8.66 54.78
CA GLU N 149 -15.26 9.03 55.89
C GLU N 149 -13.86 8.44 55.71
N ARG N 150 -13.80 7.15 55.37
CA ARG N 150 -12.54 6.46 55.19
C ARG N 150 -11.63 7.21 54.22
N ILE N 151 -12.17 7.65 53.08
CA ILE N 151 -11.33 8.30 52.07
C ILE N 151 -10.73 9.57 52.66
N VAL N 152 -11.57 10.47 53.20
CA VAL N 152 -11.04 11.71 53.72
C VAL N 152 -9.99 11.43 54.80
N ASP N 153 -10.27 10.45 55.67
CA ASP N 153 -9.32 10.05 56.69
C ASP N 153 -7.97 9.67 56.08
N ILE N 154 -8.02 8.76 55.10
CA ILE N 154 -6.81 8.25 54.47
C ILE N 154 -6.00 9.39 53.84
N ILE N 155 -6.65 10.16 52.95
CA ILE N 155 -5.99 11.24 52.25
C ILE N 155 -5.42 12.26 53.24
N ALA N 156 -6.19 12.53 54.29
CA ALA N 156 -5.80 13.52 55.30
C ALA N 156 -4.55 13.08 56.06
N THR N 157 -4.54 11.84 56.53
CA THR N 157 -3.39 11.31 57.26
C THR N 157 -2.16 11.30 56.36
N ASP N 158 -2.37 11.08 55.05
CA ASP N 158 -1.26 11.10 54.11
C ASP N 158 -0.70 12.51 53.90
N ILE N 159 -1.55 13.55 53.90
CA ILE N 159 -1.08 14.91 53.84
C ILE N 159 -0.33 15.27 55.12
N GLN N 160 -0.99 14.99 56.26
CA GLN N 160 -0.56 15.43 57.59
C GLN N 160 0.65 14.71 58.18
N THR N 161 0.97 13.51 57.63
CA THR N 161 2.16 12.76 58.03
C THR N 161 2.88 12.23 56.78
N GLN O 3 -38.57 5.73 56.62
CA GLN O 3 -39.44 6.02 55.47
C GLN O 3 -39.61 7.53 55.28
N ASN O 4 -40.81 8.04 55.60
CA ASN O 4 -41.22 9.39 55.23
C ASN O 4 -41.30 9.60 53.72
N PHE O 5 -42.55 9.65 53.24
CA PHE O 5 -42.84 9.86 51.82
C PHE O 5 -43.32 11.29 51.59
N ARG O 6 -42.70 11.97 50.62
CA ARG O 6 -43.03 13.37 50.33
C ARG O 6 -43.60 13.47 48.92
N VAL O 7 -44.74 14.18 48.80
CA VAL O 7 -45.48 14.20 47.56
C VAL O 7 -45.44 15.61 46.95
N TYR O 8 -45.04 15.68 45.67
CA TYR O 8 -45.18 16.88 44.87
C TYR O 8 -46.22 16.55 43.82
N TYR O 9 -47.12 17.52 43.56
CA TYR O 9 -48.27 17.25 42.72
C TYR O 9 -48.63 18.44 41.84
N ARG O 10 -49.31 18.14 40.73
CA ARG O 10 -49.80 19.10 39.76
C ARG O 10 -51.30 18.86 39.59
N ASP O 11 -52.12 19.93 39.59
CA ASP O 11 -53.53 19.80 39.26
C ASP O 11 -54.29 21.10 39.34
N PRO O 15 -49.52 23.95 36.62
CA PRO O 15 -48.46 24.78 35.97
C PRO O 15 -47.14 24.94 36.73
N VAL O 16 -47.05 24.32 37.91
CA VAL O 16 -45.85 24.32 38.74
C VAL O 16 -46.12 23.35 39.89
N TRP O 17 -45.16 22.45 40.20
CA TRP O 17 -45.37 21.45 41.22
C TRP O 17 -45.65 22.12 42.56
N LYS O 18 -46.60 21.53 43.31
CA LYS O 18 -47.00 22.03 44.61
C LYS O 18 -46.49 21.09 45.69
N GLY O 19 -46.94 21.37 46.91
CA GLY O 19 -46.47 20.64 48.08
C GLY O 19 -45.18 21.31 48.56
N PRO O 20 -44.27 20.67 49.33
CA PRO O 20 -44.29 19.24 49.63
C PRO O 20 -45.47 18.85 50.53
N ALA O 21 -46.10 17.70 50.24
CA ALA O 21 -47.34 17.30 50.88
C ALA O 21 -47.21 15.88 51.45
N LYS O 22 -47.94 15.62 52.53
CA LYS O 22 -47.84 14.34 53.22
C LYS O 22 -48.65 13.26 52.50
N LEU O 23 -48.07 12.07 52.37
CA LEU O 23 -48.78 10.94 51.80
C LEU O 23 -49.65 10.29 52.87
N LEU O 24 -50.96 10.27 52.62
CA LEU O 24 -51.91 9.59 53.49
C LEU O 24 -52.22 8.19 52.97
N TRP O 25 -52.55 8.10 51.68
CA TRP O 25 -52.89 6.83 51.06
C TRP O 25 -52.58 6.84 49.57
N LYS O 26 -52.05 5.71 49.10
CA LYS O 26 -51.65 5.53 47.72
C LYS O 26 -52.46 4.36 47.20
N GLY O 27 -53.23 4.61 46.14
CA GLY O 27 -54.01 3.58 45.48
C GLY O 27 -53.77 3.59 43.98
N GLU O 28 -54.11 2.47 43.34
CA GLU O 28 -53.78 2.23 41.93
C GLU O 28 -53.76 3.47 41.04
N GLY O 29 -54.86 4.23 41.04
CA GLY O 29 -55.02 5.35 40.13
C GLY O 29 -55.03 6.72 40.79
N ALA O 30 -54.79 6.78 42.10
CA ALA O 30 -54.89 8.01 42.85
C ALA O 30 -54.09 8.02 44.15
N VAL O 31 -53.84 9.23 44.65
CA VAL O 31 -53.12 9.39 45.91
C VAL O 31 -53.86 10.44 46.73
N VAL O 32 -53.98 10.16 48.03
CA VAL O 32 -54.59 11.06 48.96
C VAL O 32 -53.45 11.64 49.78
N ILE O 33 -53.37 12.98 49.77
CA ILE O 33 -52.25 13.71 50.33
C ILE O 33 -52.80 14.81 51.23
N GLN O 34 -51.97 15.28 52.16
CA GLN O 34 -52.35 16.39 53.01
C GLN O 34 -51.33 17.50 52.79
N ASP O 35 -51.82 18.63 52.27
CA ASP O 35 -51.01 19.83 52.09
C ASP O 35 -51.47 20.86 53.14
N ASN O 36 -50.56 21.21 54.06
CA ASN O 36 -50.92 21.83 55.33
C ASN O 36 -52.16 21.13 55.85
N SER O 37 -53.26 21.85 56.08
CA SER O 37 -54.43 21.30 56.73
C SER O 37 -55.38 20.55 55.78
N ASP O 38 -55.04 20.56 54.47
CA ASP O 38 -56.02 20.25 53.43
C ASP O 38 -55.78 18.89 52.80
N ILE O 39 -56.72 17.97 53.03
CA ILE O 39 -56.70 16.66 52.41
C ILE O 39 -57.09 16.88 50.95
N LYS O 40 -56.39 16.20 50.03
CA LYS O 40 -56.59 16.35 48.60
C LYS O 40 -56.37 15.02 47.92
N VAL O 41 -57.02 14.84 46.76
CA VAL O 41 -56.94 13.60 46.02
C VAL O 41 -56.55 13.92 44.58
N VAL O 42 -55.43 13.35 44.13
CA VAL O 42 -54.94 13.61 42.80
C VAL O 42 -54.66 12.26 42.16
N PRO O 43 -54.68 12.16 40.81
CA PRO O 43 -54.33 10.92 40.14
C PRO O 43 -52.86 10.60 40.47
N ARG O 44 -52.55 9.30 40.48
CA ARG O 44 -51.18 8.83 40.67
C ARG O 44 -50.26 9.52 39.65
N ARG O 45 -50.74 9.61 38.41
CA ARG O 45 -49.96 10.20 37.33
C ARG O 45 -49.69 11.69 37.46
N LYS O 46 -50.37 12.38 38.38
CA LYS O 46 -50.08 13.78 38.63
C LYS O 46 -49.29 13.96 39.94
N ALA O 47 -48.65 12.89 40.40
CA ALA O 47 -47.99 12.90 41.68
C ALA O 47 -46.59 12.30 41.59
N LYS O 48 -45.62 13.07 42.09
CA LYS O 48 -44.24 12.65 42.29
C LYS O 48 -44.11 12.32 43.77
N ILE O 49 -43.79 11.06 44.06
CA ILE O 49 -43.64 10.58 45.43
C ILE O 49 -42.18 10.18 45.65
N ILE O 50 -41.52 10.90 46.56
CA ILE O 50 -40.11 10.66 46.83
C ILE O 50 -39.98 10.19 48.27
N ARG O 51 -39.29 9.05 48.45
CA ARG O 51 -39.04 8.54 49.79
C ARG O 51 -37.75 9.15 50.33
N ASP O 52 -37.77 9.59 51.59
CA ASP O 52 -36.55 10.00 52.28
C ASP O 52 -35.42 8.97 52.24
N TYR O 53 -34.20 9.48 52.41
CA TYR O 53 -33.01 8.63 52.48
C TYR O 53 -33.12 7.68 53.68
N ILE P 2 9.48 23.86 35.01
CA ILE P 2 10.07 23.73 33.68
C ILE P 2 9.06 23.12 32.70
N GLN P 3 8.59 23.96 31.75
CA GLN P 3 7.44 23.67 30.94
C GLN P 3 7.66 22.50 29.98
N ASN P 4 6.98 21.39 30.26
CA ASN P 4 7.07 20.16 29.46
C ASN P 4 5.90 19.99 28.49
N PHE P 5 6.18 20.02 27.18
CA PHE P 5 5.16 19.96 26.15
C PHE P 5 5.08 18.56 25.54
N ARG P 6 3.85 18.06 25.41
CA ARG P 6 3.59 16.79 24.76
C ARG P 6 2.79 17.03 23.50
N VAL P 7 3.22 16.37 22.41
CA VAL P 7 2.54 16.52 21.13
C VAL P 7 1.80 15.23 20.78
N TYR P 8 0.50 15.40 20.46
CA TYR P 8 -0.34 14.32 19.96
C TYR P 8 -0.67 14.74 18.54
N TYR P 9 -0.54 13.79 17.61
CA TYR P 9 -0.52 14.13 16.19
C TYR P 9 -1.22 13.08 15.35
N ARG P 10 -1.67 13.48 14.16
CA ARG P 10 -2.13 12.53 13.17
C ARG P 10 -1.28 12.66 11.90
N ASP P 11 -0.58 11.57 11.55
CA ASP P 11 0.18 11.49 10.31
C ASP P 11 -0.48 10.45 9.42
N SER P 12 -0.09 10.45 8.14
CA SER P 12 -0.60 9.51 7.16
C SER P 12 -2.11 9.71 7.05
N ARG P 13 -2.79 8.67 6.53
CA ARG P 13 -4.25 8.63 6.45
C ARG P 13 -4.93 8.22 7.76
N ASP P 14 -4.16 7.68 8.71
CA ASP P 14 -4.70 7.15 9.96
C ASP P 14 -5.43 8.21 10.79
N PRO P 15 -6.74 8.05 11.11
CA PRO P 15 -7.47 9.08 11.85
C PRO P 15 -7.21 9.20 13.35
N VAL P 16 -6.32 8.36 13.91
CA VAL P 16 -6.24 8.16 15.36
C VAL P 16 -4.97 8.78 15.95
N TRP P 17 -5.17 9.62 16.97
CA TRP P 17 -4.09 10.43 17.49
C TRP P 17 -2.97 9.54 18.02
N LYS P 18 -1.73 9.96 17.75
CA LYS P 18 -0.56 9.20 18.16
C LYS P 18 0.00 9.83 19.41
N GLY P 19 0.60 8.94 20.24
CA GLY P 19 0.74 9.09 21.67
C GLY P 19 1.56 10.34 21.97
N PRO P 20 2.08 10.53 23.19
CA PRO P 20 2.89 11.72 23.46
C PRO P 20 4.24 11.63 22.75
N ALA P 21 4.56 12.69 21.99
CA ALA P 21 5.82 12.83 21.28
C ALA P 21 6.48 14.14 21.68
N LYS P 22 7.82 14.16 21.63
CA LYS P 22 8.59 15.30 22.12
C LYS P 22 8.61 16.42 21.09
N LEU P 23 8.38 17.66 21.55
CA LEU P 23 8.42 18.81 20.67
C LEU P 23 9.86 19.25 20.52
N LEU P 24 10.34 19.25 19.26
CA LEU P 24 11.66 19.75 18.91
C LEU P 24 11.57 21.20 18.44
N TRP P 25 10.66 21.44 17.48
CA TRP P 25 10.46 22.78 16.95
C TRP P 25 9.05 22.94 16.37
N LYS P 26 8.47 24.12 16.60
CA LYS P 26 7.13 24.44 16.14
C LYS P 26 7.30 25.68 15.28
N GLY P 27 6.85 25.58 14.03
CA GLY P 27 6.92 26.72 13.14
C GLY P 27 5.74 26.81 12.22
N GLU P 28 4.81 27.72 12.50
CA GLU P 28 3.89 28.26 11.51
C GLU P 28 2.96 27.23 10.88
N GLY P 29 3.46 26.43 9.96
CA GLY P 29 2.66 25.46 9.21
C GLY P 29 3.09 24.03 9.51
N ALA P 30 4.09 23.84 10.39
CA ALA P 30 4.59 22.50 10.68
C ALA P 30 5.31 22.43 12.02
N VAL P 31 5.43 21.19 12.52
CA VAL P 31 6.00 20.95 13.83
C VAL P 31 6.88 19.71 13.69
N VAL P 32 8.08 19.80 14.29
CA VAL P 32 9.07 18.74 14.22
C VAL P 32 9.06 18.12 15.63
N ILE P 33 8.81 16.81 15.65
CA ILE P 33 8.60 16.07 16.88
C ILE P 33 9.49 14.84 16.86
N GLN P 34 9.76 14.28 18.05
CA GLN P 34 10.63 13.13 18.15
C GLN P 34 10.17 11.73 18.54
N ASP P 35 8.99 11.53 19.16
CA ASP P 35 8.41 10.20 19.29
C ASP P 35 9.40 9.11 19.73
N ASN P 36 9.50 8.00 18.99
CA ASN P 36 10.23 6.83 19.47
C ASN P 36 11.72 6.85 19.13
N SER P 37 12.41 7.95 19.50
CA SER P 37 13.72 8.31 18.97
C SER P 37 13.71 8.83 17.52
N ASP P 38 12.51 8.89 16.93
CA ASP P 38 12.34 9.09 15.50
C ASP P 38 11.79 10.47 15.20
N ILE P 39 12.58 11.27 14.49
CA ILE P 39 12.18 12.61 14.13
C ILE P 39 11.13 12.52 13.04
N LYS P 40 10.08 13.36 13.17
CA LYS P 40 8.96 13.39 12.26
C LYS P 40 8.49 14.83 12.10
N VAL P 41 7.81 15.09 10.98
CA VAL P 41 7.33 16.43 10.67
C VAL P 41 5.86 16.31 10.30
N VAL P 42 5.01 17.04 11.02
CA VAL P 42 3.60 17.03 10.74
C VAL P 42 3.14 18.47 10.64
N PRO P 43 2.03 18.74 9.92
CA PRO P 43 1.50 20.09 9.87
C PRO P 43 1.09 20.52 11.28
N ARG P 44 1.19 21.82 11.55
CA ARG P 44 0.76 22.38 12.82
C ARG P 44 -0.71 22.01 13.06
N ARG P 45 -1.51 22.07 12.01
CA ARG P 45 -2.94 21.81 12.10
C ARG P 45 -3.27 20.35 12.38
N LYS P 46 -2.29 19.43 12.27
CA LYS P 46 -2.52 18.04 12.63
C LYS P 46 -1.86 17.71 13.97
N ALA P 47 -1.61 18.75 14.79
CA ALA P 47 -0.85 18.57 16.01
C ALA P 47 -1.54 19.29 17.18
N LYS P 48 -1.77 18.50 18.24
CA LYS P 48 -2.30 18.95 19.52
C LYS P 48 -1.08 19.04 20.44
N ILE P 49 -0.79 20.23 20.94
CA ILE P 49 0.33 20.43 21.84
C ILE P 49 -0.17 20.84 23.22
N ILE P 50 0.03 19.93 24.21
CA ILE P 50 -0.50 20.15 25.54
C ILE P 50 0.67 20.26 26.50
N ARG P 51 0.67 21.34 27.30
CA ARG P 51 1.69 21.53 28.31
C ARG P 51 1.26 20.82 29.58
N ASP P 52 2.19 20.07 30.20
CA ASP P 52 1.92 19.37 31.44
C ASP P 52 1.57 20.36 32.54
N TYR P 53 0.88 19.87 33.56
CA TYR P 53 0.50 20.70 34.69
C TYR P 53 1.79 21.21 35.40
#